data_7S81
#
_entry.id   7S81
#
_cell.length_a   104.759
_cell.length_b   128.552
_cell.length_c   227.379
_cell.angle_alpha   90.000
_cell.angle_beta   90.000
_cell.angle_gamma   90.000
#
_symmetry.space_group_name_H-M   'P 21 21 21'
#
loop_
_entity.id
_entity.type
_entity.pdbx_description
1 polymer "DNA (5'-D(*AP*TP*GP*CP*GP*GP*CP*CP*GP*CP*AP*T)-3')"
2 polymer 'Poly [ADP-ribose] polymerase 1'
3 polymer 'Poly [ADP-ribose] polymerase 1'
4 polymer 'Poly [ADP-ribose] polymerase 1'
5 non-polymer 'ZINC ION'
6 water water
#
loop_
_entity_poly.entity_id
_entity_poly.type
_entity_poly.pdbx_seq_one_letter_code
_entity_poly.pdbx_strand_id
1 'polydeoxyribonucleotide' (DA)(DT)(DG)(DC)(DG)(DG)(DC)(DC)(DG)(DC)(DA)(DT) M,L,E,D
2 'polypeptide(L)'
;MGSSHHHHHHSSGLVPRGSHLKGGAAVDPDSGLEHSAHVLEKGGKVFSATLGLVDIVKGTNSYYKLQLLEDDKENRYWIF
RSWGRVGTVIGSNKLEQMPSKEDAIEHFMKLYEEKTGNAWHSKNFTKYPKKFYPLEIDYGQDEEAVKKLTVNPGTKFDVE
SMKKAMVEYEIDLQKMPLGKLSKRQIQAAYSILSEVQQAVSQGSSDSQILDLSNRFYTLIPHDFGMKKPPLLNNADSVQA
KAEMLDNLLDIEVAYSLLRGGSDDSS
;
C,K,P,H
3 'polypeptide(L)'
;MGSSHHHHHHSSGLVPRGSHMAESSDKLYRVEYAKSGRASCKKCSESIPKDSLRMAIMVQSPMFDGKVPHWYHFSCFWKV
GHSIRHPDVEVDGFSELRWDDQQKVKKTAEAGGVTG
;
N,I,A,F
4 'polypeptide(L)'
;MVDEVAKKKSKKEKDKDSKLEKALKAQNDLIWNIKDELKKVCSTNDLKELLIFNKQQVPSGESAILDRVADGMVFGALLP
CEECSGQLVFKSDAYYCTGDVTAWTKCMVKTQTPNRKEWVTPKEFREISYLKKLKVKKQDRIFPPETSASVALEHHHHHH
;
G,O,J,B
#
loop_
_chem_comp.id
_chem_comp.type
_chem_comp.name
_chem_comp.formula
DA DNA linking 2'-DEOXYADENOSINE-5'-MONOPHOSPHATE 'C10 H14 N5 O6 P'
DC DNA linking 2'-DEOXYCYTIDINE-5'-MONOPHOSPHATE 'C9 H14 N3 O7 P'
DG DNA linking 2'-DEOXYGUANOSINE-5'-MONOPHOSPHATE 'C10 H14 N5 O7 P'
DT DNA linking THYMIDINE-5'-MONOPHOSPHATE 'C10 H15 N2 O8 P'
ZN non-polymer 'ZINC ION' 'Zn 2'
#
# COMPACT_ATOMS: atom_id res chain seq x y z
N ALA C 25 29.16 22.59 -37.43
CA ALA C 25 28.59 21.86 -36.31
C ALA C 25 28.56 22.74 -35.06
N ALA C 26 27.97 22.23 -33.99
CA ALA C 26 27.83 22.98 -32.74
C ALA C 26 28.11 22.08 -31.56
N VAL C 27 28.75 22.64 -30.53
CA VAL C 27 29.04 21.92 -29.30
C VAL C 27 27.83 22.03 -28.38
N ASP C 28 27.43 20.91 -27.79
CA ASP C 28 26.29 20.93 -26.88
C ASP C 28 26.66 21.65 -25.60
N PRO C 29 25.78 22.52 -25.08
CA PRO C 29 26.16 23.32 -23.90
C PRO C 29 26.19 22.52 -22.61
N ASP C 30 25.45 21.41 -22.53
CA ASP C 30 25.44 20.62 -21.30
C ASP C 30 26.79 19.99 -20.99
N SER C 31 27.72 19.99 -21.95
CA SER C 31 29.07 19.49 -21.69
C SER C 31 29.96 20.52 -21.03
N GLY C 32 29.65 21.80 -21.19
CA GLY C 32 30.44 22.86 -20.60
C GLY C 32 31.72 23.20 -21.34
N LEU C 33 32.04 22.47 -22.41
CA LEU C 33 33.26 22.68 -23.17
C LEU C 33 33.00 23.42 -24.49
N GLU C 34 31.85 24.08 -24.61
CA GLU C 34 31.53 24.80 -25.84
C GLU C 34 32.59 25.85 -26.16
N HIS C 35 33.20 26.45 -25.14
CA HIS C 35 34.28 27.40 -25.35
C HIS C 35 35.63 26.70 -25.43
N SER C 36 35.92 25.83 -24.46
CA SER C 36 37.25 25.22 -24.34
C SER C 36 37.55 24.21 -25.43
N ALA C 37 36.57 23.85 -26.25
CA ALA C 37 36.77 22.80 -27.24
C ALA C 37 35.88 23.07 -28.45
N HIS C 38 35.90 22.14 -29.40
CA HIS C 38 35.10 22.24 -30.60
C HIS C 38 34.69 20.84 -31.04
N VAL C 39 33.78 20.78 -32.00
CA VAL C 39 33.29 19.52 -32.52
C VAL C 39 34.28 18.99 -33.54
N LEU C 40 34.49 17.67 -33.52
CA LEU C 40 35.45 17.02 -34.41
C LEU C 40 34.78 16.61 -35.72
N GLU C 41 35.60 16.38 -36.73
CA GLU C 41 35.09 15.92 -38.03
C GLU C 41 36.22 15.23 -38.78
N LYS C 42 36.05 13.93 -39.04
CA LYS C 42 37.00 13.13 -39.80
C LYS C 42 36.45 12.99 -41.22
N GLY C 43 37.01 13.74 -42.16
CA GLY C 43 36.53 13.70 -43.53
C GLY C 43 35.21 14.45 -43.66
N GLY C 44 34.30 13.86 -44.44
CA GLY C 44 33.00 14.49 -44.65
C GLY C 44 32.04 14.31 -43.49
N LYS C 45 32.20 13.27 -42.68
CA LYS C 45 31.34 13.03 -41.55
C LYS C 45 31.79 13.86 -40.35
N VAL C 46 30.84 14.48 -39.67
CA VAL C 46 31.10 15.28 -38.47
C VAL C 46 30.59 14.50 -37.27
N PHE C 47 31.44 14.35 -36.26
CA PHE C 47 31.12 13.55 -35.07
C PHE C 47 30.20 14.35 -34.16
N SER C 48 28.91 14.35 -34.52
CA SER C 48 27.89 15.03 -33.73
C SER C 48 26.51 14.59 -34.20
N ALA C 49 26.11 13.38 -33.80
CA ALA C 49 24.88 12.78 -34.29
C ALA C 49 23.77 12.88 -33.25
N THR C 50 22.54 12.82 -33.75
CA THR C 50 21.35 12.93 -32.91
C THR C 50 20.33 11.90 -33.38
N LEU C 51 19.95 10.99 -32.49
CA LEU C 51 19.01 9.93 -32.78
C LEU C 51 17.74 10.11 -31.97
N GLY C 52 16.64 9.57 -32.50
CA GLY C 52 15.38 9.58 -31.80
C GLY C 52 14.66 8.26 -31.95
N LEU C 53 13.78 7.97 -30.99
CA LEU C 53 13.07 6.70 -30.97
C LEU C 53 11.71 6.91 -30.34
N VAL C 54 10.65 6.51 -31.04
CA VAL C 54 9.28 6.71 -30.58
C VAL C 54 8.48 5.44 -30.73
N ASP C 55 7.57 5.22 -29.77
CA ASP C 55 6.65 4.10 -29.80
C ASP C 55 5.36 4.55 -29.12
N ILE C 56 4.30 4.71 -29.90
CA ILE C 56 3.07 5.30 -29.37
C ILE C 56 2.34 4.34 -28.44
N VAL C 57 2.41 3.04 -28.72
CA VAL C 57 1.67 2.08 -27.90
C VAL C 57 2.12 2.18 -26.44
N LYS C 58 3.43 2.32 -26.22
CA LYS C 58 3.98 2.46 -24.87
C LYS C 58 4.19 3.90 -24.45
N GLY C 59 4.14 4.85 -25.39
CA GLY C 59 4.39 6.24 -25.09
C GLY C 59 5.84 6.66 -25.17
N THR C 60 6.73 5.75 -25.56
CA THR C 60 8.15 6.07 -25.58
C THR C 60 8.43 7.17 -26.60
N ASN C 61 9.33 8.08 -26.22
CA ASN C 61 9.67 9.22 -27.07
C ASN C 61 11.00 9.78 -26.55
N SER C 62 12.10 9.25 -27.07
CA SER C 62 13.43 9.47 -26.50
C SER C 62 14.37 10.07 -27.53
N TYR C 63 15.28 10.90 -27.03
CA TYR C 63 16.32 11.54 -27.82
C TYR C 63 17.69 11.15 -27.27
N TYR C 64 18.68 11.14 -28.17
CA TYR C 64 20.04 10.71 -27.83
C TYR C 64 21.03 11.52 -28.66
N LYS C 65 21.78 12.40 -28.00
CA LYS C 65 22.86 13.16 -28.63
C LYS C 65 24.20 12.48 -28.35
N LEU C 66 25.03 12.36 -29.38
CA LEU C 66 26.37 11.78 -29.26
C LEU C 66 27.36 12.71 -29.95
N GLN C 67 28.35 13.19 -29.20
CA GLN C 67 29.36 14.08 -29.74
C GLN C 67 30.75 13.62 -29.32
N LEU C 68 31.73 13.93 -30.18
CA LEU C 68 33.14 13.68 -29.90
C LEU C 68 33.87 15.01 -30.04
N LEU C 69 34.26 15.59 -28.92
CA LEU C 69 34.82 16.94 -28.88
C LEU C 69 36.33 16.89 -28.74
N GLU C 70 37.01 17.79 -29.46
CA GLU C 70 38.45 17.94 -29.39
C GLU C 70 38.78 19.32 -28.84
N ASP C 71 39.74 19.38 -27.93
CA ASP C 71 40.15 20.67 -27.36
C ASP C 71 40.60 21.58 -28.50
N ASP C 72 40.11 22.81 -28.52
CA ASP C 72 40.57 23.72 -29.56
C ASP C 72 41.95 24.28 -29.24
N LYS C 73 42.42 24.10 -28.02
CA LYS C 73 43.74 24.53 -27.61
C LYS C 73 44.73 23.37 -27.44
N GLU C 74 44.27 22.12 -27.44
CA GLU C 74 45.12 20.99 -27.09
C GLU C 74 44.71 19.72 -27.86
N ASN C 75 45.14 18.55 -27.34
CA ASN C 75 44.92 17.20 -27.84
C ASN C 75 44.12 16.38 -26.82
N ARG C 76 43.29 17.04 -26.02
CA ARG C 76 42.37 16.35 -25.13
C ARG C 76 41.10 15.98 -25.89
N TYR C 77 40.53 14.82 -25.59
CA TYR C 77 39.39 14.29 -26.31
C TYR C 77 38.28 13.92 -25.33
N TRP C 78 37.04 14.23 -25.72
CA TRP C 78 35.88 13.97 -24.88
C TRP C 78 34.80 13.26 -25.67
N ILE C 79 34.20 12.24 -25.06
CA ILE C 79 33.00 11.57 -25.58
C ILE C 79 31.83 12.06 -24.75
N PHE C 80 30.88 12.75 -25.38
CA PHE C 80 29.73 13.32 -24.70
C PHE C 80 28.47 12.58 -25.14
N ARG C 81 27.84 11.88 -24.19
CA ARG C 81 26.55 11.25 -24.39
C ARG C 81 25.49 12.07 -23.68
N SER C 82 24.34 12.21 -24.31
CA SER C 82 23.18 12.84 -23.68
C SER C 82 21.94 12.08 -24.12
N TRP C 83 21.00 11.89 -23.20
CA TRP C 83 19.80 11.13 -23.54
C TRP C 83 18.64 11.62 -22.68
N GLY C 84 17.42 11.31 -23.12
CA GLY C 84 16.27 11.57 -22.28
C GLY C 84 14.99 11.65 -23.07
N ARG C 85 13.98 12.25 -22.43
CA ARG C 85 12.67 12.47 -23.03
C ARG C 85 12.68 13.77 -23.82
N VAL C 86 12.07 13.74 -25.01
CA VAL C 86 12.15 14.88 -25.92
C VAL C 86 11.53 16.10 -25.27
N GLY C 87 12.21 17.24 -25.37
CA GLY C 87 11.67 18.49 -24.85
C GLY C 87 11.15 18.38 -23.44
N THR C 88 11.88 17.72 -22.55
CA THR C 88 11.46 17.54 -21.18
C THR C 88 12.69 17.53 -20.28
N VAL C 89 12.45 17.76 -18.99
CA VAL C 89 13.54 17.75 -18.01
C VAL C 89 14.07 16.35 -17.79
N ILE C 90 13.30 15.31 -18.13
CA ILE C 90 13.72 13.94 -17.88
C ILE C 90 14.85 13.58 -18.83
N GLY C 91 15.98 13.17 -18.27
CA GLY C 91 17.14 12.83 -19.05
C GLY C 91 18.40 12.91 -18.21
N SER C 92 19.53 12.81 -18.89
CA SER C 92 20.84 12.91 -18.24
C SER C 92 21.91 12.92 -19.33
N ASN C 93 23.17 12.94 -18.87
CA ASN C 93 24.31 12.99 -19.78
C ASN C 93 25.54 12.43 -19.06
N LYS C 94 26.55 12.09 -19.85
CA LYS C 94 27.84 11.66 -19.35
C LYS C 94 28.94 12.21 -20.25
N LEU C 95 29.93 12.83 -19.64
CA LEU C 95 31.10 13.35 -20.34
C LEU C 95 32.32 12.53 -19.91
N GLU C 96 32.80 11.68 -20.81
CA GLU C 96 33.90 10.77 -20.52
C GLU C 96 35.13 11.28 -21.26
N GLN C 97 36.15 11.70 -20.51
CA GLN C 97 37.39 12.16 -21.13
C GLN C 97 38.17 10.95 -21.64
N MET C 98 38.18 10.78 -22.95
CA MET C 98 38.90 9.66 -23.55
C MET C 98 40.39 9.95 -23.53
N PRO C 99 41.23 9.02 -23.05
CA PRO C 99 42.67 9.32 -22.96
C PRO C 99 43.33 9.37 -24.33
N SER C 100 43.03 8.38 -25.18
CA SER C 100 43.70 8.26 -26.46
C SER C 100 43.08 9.20 -27.49
N LYS C 101 43.93 9.72 -28.37
CA LYS C 101 43.47 10.62 -29.43
C LYS C 101 42.59 9.92 -30.44
N GLU C 102 42.67 8.59 -30.54
CA GLU C 102 41.96 7.83 -31.55
C GLU C 102 40.94 6.84 -30.98
N ASP C 103 41.25 6.20 -29.85
CA ASP C 103 40.28 5.28 -29.25
C ASP C 103 38.95 5.97 -28.97
N ALA C 104 38.95 7.30 -28.84
CA ALA C 104 37.70 8.03 -28.74
C ALA C 104 36.80 7.73 -29.94
N ILE C 105 37.39 7.62 -31.14
CA ILE C 105 36.61 7.32 -32.33
C ILE C 105 36.09 5.89 -32.28
N GLU C 106 36.91 4.96 -31.79
CA GLU C 106 36.45 3.58 -31.62
C GLU C 106 35.23 3.53 -30.70
N HIS C 107 35.30 4.25 -29.58
CA HIS C 107 34.18 4.27 -28.64
C HIS C 107 32.95 4.93 -29.28
N PHE C 108 33.15 6.02 -30.01
CA PHE C 108 32.06 6.70 -30.69
C PHE C 108 31.35 5.75 -31.65
N MET C 109 32.12 5.05 -32.49
CA MET C 109 31.51 4.13 -33.46
C MET C 109 30.83 2.96 -32.75
N LYS C 110 31.45 2.45 -31.68
CA LYS C 110 30.82 1.37 -30.92
C LYS C 110 29.46 1.80 -30.40
N LEU C 111 29.39 2.98 -29.78
CA LEU C 111 28.11 3.46 -29.26
C LEU C 111 27.09 3.68 -30.36
N TYR C 112 27.53 4.29 -31.46
CA TYR C 112 26.61 4.53 -32.58
C TYR C 112 26.00 3.22 -33.05
N GLU C 113 26.84 2.22 -33.33
CA GLU C 113 26.34 0.95 -33.85
C GLU C 113 25.59 0.14 -32.80
N GLU C 114 25.85 0.39 -31.52
CA GLU C 114 25.10 -0.29 -30.46
C GLU C 114 23.74 0.34 -30.23
N LYS C 115 23.58 1.63 -30.56
CA LYS C 115 22.32 2.32 -30.33
C LYS C 115 21.40 2.30 -31.55
N THR C 116 21.95 2.42 -32.77
CA THR C 116 21.14 2.47 -33.97
C THR C 116 21.20 1.21 -34.82
N GLY C 117 22.16 0.32 -34.58
CA GLY C 117 22.32 -0.86 -35.40
C GLY C 117 22.94 -0.62 -36.75
N ASN C 118 23.44 0.59 -37.01
CA ASN C 118 24.10 0.92 -38.26
C ASN C 118 25.54 1.36 -37.97
N ALA C 119 26.42 1.13 -38.94
CA ALA C 119 27.78 1.63 -38.84
C ALA C 119 27.79 3.15 -38.91
N TRP C 120 28.92 3.74 -38.50
CA TRP C 120 29.02 5.19 -38.48
C TRP C 120 28.91 5.77 -39.89
N HIS C 121 29.76 5.31 -40.80
CA HIS C 121 29.73 5.76 -42.19
C HIS C 121 28.91 4.79 -43.05
N SER C 122 27.67 4.55 -42.63
CA SER C 122 26.76 3.71 -43.38
C SER C 122 26.22 4.46 -44.58
N LYS C 123 26.36 3.86 -45.77
CA LYS C 123 25.78 4.47 -46.97
C LYS C 123 24.27 4.61 -46.83
N ASN C 124 23.63 3.73 -46.07
CA ASN C 124 22.19 3.72 -45.91
C ASN C 124 21.85 3.68 -44.43
N PHE C 125 20.94 4.56 -44.00
CA PHE C 125 20.50 4.60 -42.61
C PHE C 125 19.33 3.62 -42.42
N THR C 126 19.68 2.33 -42.43
CA THR C 126 18.69 1.29 -42.18
C THR C 126 18.10 1.45 -40.78
N LYS C 127 16.80 1.16 -40.65
CA LYS C 127 16.11 1.16 -39.37
C LYS C 127 16.10 -0.26 -38.83
N TYR C 128 16.69 -0.45 -37.64
CA TYR C 128 16.66 -1.77 -37.03
C TYR C 128 15.61 -1.82 -35.93
N PRO C 129 14.93 -2.95 -35.78
CA PRO C 129 13.83 -3.01 -34.81
C PRO C 129 14.31 -2.77 -33.39
N LYS C 130 13.53 -1.98 -32.64
CA LYS C 130 13.77 -1.67 -31.24
C LYS C 130 14.95 -0.71 -31.06
N LYS C 131 15.65 -0.36 -32.13
CA LYS C 131 16.81 0.52 -32.06
C LYS C 131 16.45 1.92 -32.55
N PHE C 132 17.36 2.86 -32.28
CA PHE C 132 17.13 4.26 -32.62
C PHE C 132 17.20 4.46 -34.13
N TYR C 133 16.98 5.71 -34.56
CA TYR C 133 17.08 6.13 -35.95
C TYR C 133 17.81 7.47 -36.00
N PRO C 134 18.73 7.66 -36.94
CA PRO C 134 19.49 8.91 -36.96
C PRO C 134 18.75 10.03 -37.67
N LEU C 135 18.81 11.22 -37.09
CA LEU C 135 18.19 12.42 -37.64
C LEU C 135 19.26 13.30 -38.28
N GLU C 136 18.89 13.95 -39.39
CA GLU C 136 19.78 14.82 -40.13
C GLU C 136 19.54 16.26 -39.66
N ILE C 137 20.47 16.78 -38.87
CA ILE C 137 20.38 18.14 -38.35
C ILE C 137 21.14 19.09 -39.26
N ASP C 138 20.87 20.38 -39.11
CA ASP C 138 21.73 21.42 -39.68
C ASP C 138 22.72 21.90 -38.62
N ASP C 158 16.26 44.88 -49.74
CA ASP C 158 16.46 43.45 -49.57
C ASP C 158 16.87 43.12 -48.14
N VAL C 159 17.91 43.81 -47.65
CA VAL C 159 18.36 43.58 -46.27
C VAL C 159 17.27 43.93 -45.28
N GLU C 160 16.50 44.99 -45.59
CA GLU C 160 15.41 45.40 -44.71
C GLU C 160 14.43 44.26 -44.48
N SER C 161 14.25 43.39 -45.49
CA SER C 161 13.39 42.23 -45.36
C SER C 161 14.11 41.03 -44.76
N MET C 162 15.38 40.84 -45.10
CA MET C 162 16.16 39.77 -44.48
C MET C 162 16.20 39.93 -42.96
N LYS C 163 16.12 41.17 -42.47
CA LYS C 163 16.09 41.38 -41.03
C LYS C 163 14.94 40.64 -40.36
N LYS C 164 13.83 40.44 -41.09
CA LYS C 164 12.64 39.80 -40.52
C LYS C 164 12.78 38.29 -40.33
N ALA C 165 13.98 37.69 -40.44
CA ALA C 165 14.15 36.29 -40.07
C ALA C 165 14.05 36.07 -38.57
N MET C 166 14.11 37.15 -37.78
CA MET C 166 13.95 37.02 -36.33
C MET C 166 12.58 36.46 -35.96
N VAL C 167 11.59 36.60 -36.85
CA VAL C 167 10.30 35.95 -36.64
C VAL C 167 10.49 34.44 -36.59
N GLU C 168 10.97 33.85 -37.70
CA GLU C 168 11.15 32.40 -37.76
C GLU C 168 12.17 31.91 -36.74
N TYR C 169 13.05 32.80 -36.26
CA TYR C 169 13.99 32.39 -35.23
C TYR C 169 13.27 31.80 -34.01
N GLU C 170 12.08 32.31 -33.68
CA GLU C 170 11.34 31.77 -32.54
C GLU C 170 10.82 30.37 -32.84
N ILE C 171 10.19 30.21 -34.01
CA ILE C 171 9.80 28.88 -34.47
C ILE C 171 10.95 27.91 -34.29
N ASP C 172 12.16 28.32 -34.65
CA ASP C 172 13.32 27.46 -34.45
C ASP C 172 13.59 27.26 -32.96
N LEU C 173 13.46 28.31 -32.16
CA LEU C 173 13.81 28.21 -30.74
C LEU C 173 12.98 27.16 -30.02
N GLN C 174 11.68 27.06 -30.36
CA GLN C 174 10.80 26.15 -29.63
C GLN C 174 10.21 25.06 -30.52
N LYS C 175 9.52 25.44 -31.59
CA LYS C 175 8.74 24.49 -32.37
C LYS C 175 9.54 23.25 -32.78
N MET C 176 10.85 23.39 -32.93
CA MET C 176 11.73 22.26 -33.22
C MET C 176 12.53 21.91 -31.97
N PRO C 177 12.11 20.91 -31.19
CA PRO C 177 12.77 20.67 -29.89
C PRO C 177 14.24 20.30 -30.01
N LEU C 178 14.64 19.65 -31.09
CA LEU C 178 16.01 19.16 -31.23
C LEU C 178 16.85 19.96 -32.22
N GLY C 179 16.27 20.99 -32.84
CA GLY C 179 17.00 21.88 -33.73
C GLY C 179 16.47 21.78 -35.15
N LYS C 180 17.18 22.44 -36.06
CA LYS C 180 16.80 22.48 -37.46
C LYS C 180 16.65 21.06 -38.02
N LEU C 181 16.15 20.99 -39.26
CA LEU C 181 15.99 19.72 -39.97
C LEU C 181 16.35 19.94 -41.43
N SER C 182 16.98 18.93 -42.02
CA SER C 182 17.30 19.00 -43.44
C SER C 182 16.04 18.84 -44.28
N LYS C 183 16.06 19.43 -45.47
CA LYS C 183 14.90 19.35 -46.34
C LYS C 183 14.62 17.92 -46.80
N ARG C 184 15.60 17.02 -46.70
CA ARG C 184 15.35 15.62 -47.02
C ARG C 184 14.38 15.01 -46.01
N GLN C 185 14.64 15.20 -44.71
CA GLN C 185 13.74 14.68 -43.69
C GLN C 185 12.35 15.27 -43.82
N ILE C 186 12.26 16.56 -44.14
CA ILE C 186 10.96 17.21 -44.22
C ILE C 186 10.21 16.72 -45.46
N GLN C 187 10.93 16.48 -46.55
CA GLN C 187 10.30 15.89 -47.73
C GLN C 187 9.77 14.49 -47.43
N ALA C 188 10.57 13.68 -46.74
CA ALA C 188 10.12 12.34 -46.40
C ALA C 188 8.91 12.38 -45.46
N ALA C 189 8.91 13.32 -44.52
CA ALA C 189 7.77 13.46 -43.62
C ALA C 189 6.53 13.90 -44.39
N TYR C 190 6.70 14.78 -45.37
CA TYR C 190 5.55 15.20 -46.19
C TYR C 190 5.00 14.03 -46.98
N SER C 191 5.87 13.18 -47.52
CA SER C 191 5.39 12.00 -48.23
C SER C 191 4.68 11.03 -47.29
N ILE C 192 5.19 10.88 -46.07
CA ILE C 192 4.53 10.02 -45.09
C ILE C 192 3.17 10.58 -44.72
N LEU C 193 3.05 11.91 -44.63
CA LEU C 193 1.75 12.52 -44.39
C LEU C 193 0.82 12.29 -45.57
N SER C 194 1.34 12.33 -46.79
CA SER C 194 0.56 11.96 -47.96
C SER C 194 -0.02 10.56 -47.80
N GLU C 195 0.83 9.59 -47.44
CA GLU C 195 0.39 8.22 -47.27
C GLU C 195 -0.65 8.12 -46.14
N VAL C 196 -0.45 8.88 -45.07
CA VAL C 196 -1.38 8.85 -43.94
C VAL C 196 -2.74 9.38 -44.38
N GLN C 197 -2.74 10.46 -45.17
CA GLN C 197 -4.00 11.02 -45.64
C GLN C 197 -4.72 10.03 -46.55
N GLN C 198 -3.98 9.37 -47.45
CA GLN C 198 -4.62 8.38 -48.32
C GLN C 198 -5.15 7.20 -47.52
N ALA C 199 -4.45 6.80 -46.45
CA ALA C 199 -4.90 5.67 -45.64
C ALA C 199 -6.10 6.04 -44.77
N VAL C 200 -6.20 7.31 -44.37
CA VAL C 200 -7.39 7.76 -43.66
C VAL C 200 -8.57 7.84 -44.62
N SER C 201 -8.31 8.22 -45.88
CA SER C 201 -9.36 8.14 -46.89
C SER C 201 -9.80 6.69 -47.09
N GLN C 202 -8.85 5.76 -47.09
CA GLN C 202 -9.19 4.34 -47.15
C GLN C 202 -9.99 3.92 -45.92
N GLY C 203 -9.64 4.47 -44.76
CA GLY C 203 -10.38 4.18 -43.54
C GLY C 203 -10.26 2.75 -43.06
N SER C 204 -9.06 2.17 -43.14
CA SER C 204 -8.85 0.80 -42.71
C SER C 204 -7.43 0.63 -42.22
N SER C 205 -7.18 -0.48 -41.54
CA SER C 205 -5.86 -0.82 -41.03
C SER C 205 -5.34 0.25 -40.09
N ASP C 206 -5.80 0.24 -38.84
CA ASP C 206 -5.29 1.18 -37.85
C ASP C 206 -3.85 0.89 -37.47
N SER C 207 -3.38 -0.35 -37.68
CA SER C 207 -1.98 -0.66 -37.43
C SER C 207 -1.07 0.06 -38.42
N GLN C 208 -1.50 0.20 -39.68
CA GLN C 208 -0.74 1.00 -40.64
C GLN C 208 -0.69 2.46 -40.19
N ILE C 209 -1.81 2.96 -39.66
CA ILE C 209 -1.82 4.32 -39.14
C ILE C 209 -0.82 4.46 -38.00
N LEU C 210 -0.78 3.46 -37.11
CA LEU C 210 0.19 3.48 -36.02
C LEU C 210 1.62 3.50 -36.55
N ASP C 211 1.92 2.67 -37.54
CA ASP C 211 3.25 2.62 -38.11
C ASP C 211 3.66 3.97 -38.69
N LEU C 212 2.78 4.54 -39.52
CA LEU C 212 3.09 5.83 -40.14
C LEU C 212 3.23 6.92 -39.09
N SER C 213 2.40 6.86 -38.03
CA SER C 213 2.50 7.85 -36.97
C SER C 213 3.84 7.75 -36.25
N ASN C 214 4.29 6.53 -35.95
CA ASN C 214 5.60 6.37 -35.33
C ASN C 214 6.70 6.92 -36.22
N ARG C 215 6.67 6.57 -37.51
CA ARG C 215 7.69 7.07 -38.43
C ARG C 215 7.71 8.59 -38.45
N PHE C 216 6.53 9.21 -38.54
CA PHE C 216 6.46 10.66 -38.63
C PHE C 216 6.97 11.32 -37.35
N TYR C 217 6.47 10.88 -36.20
CA TYR C 217 6.91 11.45 -34.93
C TYR C 217 8.39 11.21 -34.68
N THR C 218 8.99 10.19 -35.31
CA THR C 218 10.43 10.02 -35.22
C THR C 218 11.15 11.05 -36.08
N LEU C 219 10.72 11.21 -37.34
CA LEU C 219 11.38 12.16 -38.22
C LEU C 219 11.18 13.61 -37.77
N ILE C 220 10.03 13.91 -37.17
CA ILE C 220 9.70 15.26 -36.75
C ILE C 220 9.41 15.24 -35.25
N PRO C 221 10.39 15.62 -34.42
CA PRO C 221 10.16 15.58 -32.98
C PRO C 221 9.08 16.57 -32.55
N HIS C 222 8.35 16.19 -31.50
CA HIS C 222 7.33 17.05 -30.90
C HIS C 222 7.46 16.99 -29.38
N ASP C 223 7.16 18.12 -28.74
CA ASP C 223 7.22 18.23 -27.29
C ASP C 223 5.84 17.88 -26.72
N PHE C 224 5.61 16.59 -26.52
CA PHE C 224 4.36 16.12 -25.94
C PHE C 224 4.41 16.00 -24.43
N GLY C 225 5.48 16.45 -23.80
CA GLY C 225 5.58 16.36 -22.35
C GLY C 225 5.57 14.91 -21.90
N MET C 226 4.77 14.64 -20.87
CA MET C 226 4.62 13.29 -20.34
C MET C 226 3.40 12.56 -20.91
N LYS C 227 2.82 13.08 -21.98
CA LYS C 227 1.59 12.55 -22.53
C LYS C 227 1.87 11.63 -23.71
N LYS C 228 1.08 10.58 -23.84
CA LYS C 228 1.23 9.65 -24.95
C LYS C 228 0.95 10.38 -26.26
N PRO C 229 1.85 10.33 -27.23
CA PRO C 229 1.62 11.01 -28.51
C PRO C 229 0.30 10.59 -29.13
N PRO C 230 -0.43 11.50 -29.76
CA PRO C 230 -1.72 11.13 -30.35
C PRO C 230 -1.57 10.51 -31.74
N LEU C 231 -2.38 9.48 -31.99
CA LEU C 231 -2.39 8.85 -33.29
C LEU C 231 -2.87 9.83 -34.36
N LEU C 232 -2.43 9.61 -35.59
CA LEU C 232 -2.81 10.46 -36.72
C LEU C 232 -3.92 9.81 -37.55
N ASN C 233 -5.02 9.44 -36.89
CA ASN C 233 -6.19 8.93 -37.58
C ASN C 233 -7.11 10.04 -38.05
N ASN C 234 -7.11 11.18 -37.34
CA ASN C 234 -7.96 12.31 -37.70
C ASN C 234 -7.39 13.05 -38.89
N ALA C 235 -8.28 13.49 -39.79
CA ALA C 235 -7.85 14.21 -40.98
C ALA C 235 -7.42 15.63 -40.67
N ASP C 236 -8.14 16.32 -39.76
CA ASP C 236 -7.75 17.66 -39.37
C ASP C 236 -6.35 17.68 -38.76
N SER C 237 -5.97 16.61 -38.04
CA SER C 237 -4.62 16.52 -37.50
C SER C 237 -3.59 16.43 -38.62
N VAL C 238 -3.87 15.63 -39.65
CA VAL C 238 -2.96 15.54 -40.79
C VAL C 238 -2.83 16.89 -41.47
N GLN C 239 -3.94 17.61 -41.61
CA GLN C 239 -3.88 18.92 -42.24
C GLN C 239 -3.06 19.90 -41.40
N ALA C 240 -3.25 19.87 -40.08
CA ALA C 240 -2.46 20.74 -39.20
C ALA C 240 -0.98 20.44 -39.30
N LYS C 241 -0.62 19.15 -39.31
CA LYS C 241 0.80 18.80 -39.40
C LYS C 241 1.37 19.11 -40.78
N ALA C 242 0.56 19.01 -41.84
CA ALA C 242 1.03 19.41 -43.16
C ALA C 242 1.27 20.92 -43.22
N GLU C 243 0.39 21.70 -42.61
CA GLU C 243 0.62 23.14 -42.53
C GLU C 243 1.88 23.44 -41.72
N MET C 244 2.10 22.68 -40.65
CA MET C 244 3.33 22.84 -39.87
C MET C 244 4.56 22.55 -40.72
N LEU C 245 4.52 21.48 -41.52
CA LEU C 245 5.65 21.16 -42.38
C LEU C 245 5.86 22.21 -43.47
N ASP C 246 4.77 22.80 -43.98
CA ASP C 246 4.92 23.89 -44.93
C ASP C 246 5.57 25.10 -44.27
N ASN C 247 5.20 25.37 -43.01
CA ASN C 247 5.87 26.44 -42.27
C ASN C 247 7.35 26.15 -42.10
N LEU C 248 7.69 24.91 -41.77
CA LEU C 248 9.10 24.53 -41.65
C LEU C 248 9.83 24.71 -42.98
N LEU C 249 9.18 24.34 -44.08
CA LEU C 249 9.80 24.49 -45.40
C LEU C 249 10.04 25.96 -45.73
N ASP C 250 9.07 26.82 -45.43
CA ASP C 250 9.25 28.24 -45.67
C ASP C 250 10.37 28.81 -44.79
N ILE C 251 10.45 28.36 -43.54
CA ILE C 251 11.51 28.83 -42.66
C ILE C 251 12.87 28.37 -43.18
N GLU C 252 12.93 27.16 -43.74
CA GLU C 252 14.20 26.65 -44.26
C GLU C 252 14.62 27.40 -45.52
N VAL C 253 13.68 27.65 -46.43
CA VAL C 253 14.04 28.37 -47.64
C VAL C 253 14.39 29.82 -47.32
N ALA C 254 13.84 30.35 -46.23
CA ALA C 254 14.23 31.70 -45.81
C ALA C 254 15.74 31.79 -45.56
N TYR C 255 16.35 30.71 -45.08
CA TYR C 255 17.78 30.68 -44.83
C TYR C 255 18.51 30.48 -46.15
N SER C 256 19.31 31.48 -46.55
CA SER C 256 20.02 31.44 -47.82
C SER C 256 21.45 31.96 -47.63
N ALA D 25 17.89 13.53 24.31
CA ALA D 25 16.76 12.94 23.61
C ALA D 25 17.20 12.33 22.29
N ALA D 26 16.24 11.78 21.54
CA ALA D 26 16.54 11.12 20.27
C ALA D 26 15.36 11.30 19.32
N VAL D 27 15.67 11.47 18.04
CA VAL D 27 14.65 11.60 17.00
C VAL D 27 14.25 10.20 16.55
N ASP D 28 12.94 9.98 16.43
CA ASP D 28 12.46 8.68 16.00
C ASP D 28 12.78 8.48 14.52
N PRO D 29 13.26 7.29 14.13
CA PRO D 29 13.68 7.11 12.73
C PRO D 29 12.52 7.01 11.74
N ASP D 30 11.33 6.60 12.20
CA ASP D 30 10.19 6.48 11.29
C ASP D 30 9.75 7.82 10.72
N SER D 31 10.22 8.93 11.28
CA SER D 31 9.91 10.25 10.72
C SER D 31 10.82 10.61 9.55
N GLY D 32 12.00 10.02 9.47
CA GLY D 32 12.95 10.30 8.40
C GLY D 32 13.72 11.59 8.56
N LEU D 33 13.45 12.38 9.60
CA LEU D 33 14.13 13.65 9.83
C LEU D 33 15.18 13.55 10.93
N GLU D 34 15.63 12.35 11.25
CA GLU D 34 16.64 12.19 12.30
C GLU D 34 17.91 12.97 11.97
N HIS D 35 18.25 13.09 10.68
CA HIS D 35 19.39 13.89 10.26
C HIS D 35 19.01 15.36 10.05
N SER D 36 17.94 15.59 9.30
CA SER D 36 17.57 16.95 8.89
C SER D 36 17.04 17.80 10.04
N ALA D 37 16.79 17.21 11.21
CA ALA D 37 16.18 17.95 12.30
C ALA D 37 16.66 17.38 13.63
N HIS D 38 16.11 17.91 14.72
CA HIS D 38 16.45 17.46 16.06
C HIS D 38 15.22 17.59 16.95
N VAL D 39 15.32 17.01 18.13
CA VAL D 39 14.22 17.04 19.10
C VAL D 39 14.24 18.38 19.82
N LEU D 40 13.06 18.93 20.06
CA LEU D 40 12.90 20.23 20.70
C LEU D 40 12.84 20.06 22.22
N GLU D 41 13.10 21.17 22.93
CA GLU D 41 13.00 21.16 24.39
C GLU D 41 12.82 22.60 24.87
N LYS D 42 11.67 22.87 25.49
CA LYS D 42 11.33 24.17 26.05
C LYS D 42 11.57 24.08 27.56
N GLY D 43 12.68 24.64 28.03
CA GLY D 43 12.99 24.57 29.44
C GLY D 43 13.50 23.19 29.83
N GLY D 44 13.04 22.71 30.99
CA GLY D 44 13.45 21.40 31.46
C GLY D 44 12.75 20.25 30.78
N LYS D 45 11.55 20.47 30.26
CA LYS D 45 10.80 19.42 29.58
C LYS D 45 11.26 19.30 28.13
N VAL D 46 11.44 18.07 27.67
CA VAL D 46 11.84 17.78 26.30
C VAL D 46 10.64 17.18 25.58
N PHE D 47 10.32 17.74 24.41
CA PHE D 47 9.13 17.35 23.65
C PHE D 47 9.42 16.03 22.93
N SER D 48 9.31 14.95 23.69
CA SER D 48 9.50 13.60 23.15
C SER D 48 8.98 12.58 24.16
N ALA D 49 7.67 12.42 24.24
CA ALA D 49 7.04 11.59 25.24
C ALA D 49 6.60 10.25 24.65
N THR D 50 6.49 9.25 25.53
CA THR D 50 6.11 7.90 25.15
C THR D 50 5.13 7.37 26.17
N LEU D 51 3.92 7.03 25.72
CA LEU D 51 2.86 6.53 26.58
C LEU D 51 2.54 5.08 26.23
N GLY D 52 2.01 4.35 27.22
CA GLY D 52 1.57 3.00 27.00
C GLY D 52 0.26 2.75 27.72
N LEU D 53 -0.47 1.75 27.22
CA LEU D 53 -1.78 1.43 27.77
C LEU D 53 -2.05 -0.07 27.60
N VAL D 54 -2.37 -0.74 28.70
CA VAL D 54 -2.57 -2.18 28.69
C VAL D 54 -3.86 -2.54 29.41
N ASP D 55 -4.52 -3.58 28.91
CA ASP D 55 -5.73 -4.12 29.54
C ASP D 55 -5.76 -5.61 29.23
N ILE D 56 -5.55 -6.43 30.26
CA ILE D 56 -5.39 -7.87 30.05
C ILE D 56 -6.71 -8.52 29.70
N VAL D 57 -7.82 -8.04 30.26
CA VAL D 57 -9.11 -8.66 30.00
C VAL D 57 -9.41 -8.68 28.50
N LYS D 58 -9.12 -7.57 27.81
CA LYS D 58 -9.34 -7.46 26.38
C LYS D 58 -8.09 -7.77 25.56
N GLY D 59 -6.92 -7.82 26.19
CA GLY D 59 -5.68 -8.05 25.48
C GLY D 59 -5.01 -6.79 24.96
N THR D 60 -5.56 -5.63 25.24
CA THR D 60 -5.01 -4.39 24.71
C THR D 60 -3.60 -4.16 25.25
N ASN D 61 -2.71 -3.69 24.36
CA ASN D 61 -1.32 -3.45 24.74
C ASN D 61 -0.74 -2.51 23.67
N SER D 62 -0.87 -1.20 23.91
CA SER D 62 -0.61 -0.19 22.89
C SER D 62 0.45 0.79 23.36
N TYR D 63 1.22 1.27 22.38
CA TYR D 63 2.26 2.27 22.58
C TYR D 63 1.96 3.50 21.72
N TYR D 64 2.42 4.66 22.21
CA TYR D 64 2.16 5.94 21.55
C TYR D 64 3.36 6.85 21.77
N LYS D 65 4.10 7.13 20.69
CA LYS D 65 5.19 8.09 20.70
C LYS D 65 4.71 9.43 20.17
N LEU D 66 5.08 10.52 20.86
CA LEU D 66 4.75 11.87 20.43
C LEU D 66 6.01 12.73 20.49
N GLN D 67 6.39 13.30 19.36
CA GLN D 67 7.57 14.14 19.27
C GLN D 67 7.27 15.44 18.54
N LEU D 68 7.99 16.49 18.91
CA LEU D 68 7.92 17.79 18.24
C LEU D 68 9.34 18.13 17.80
N LEU D 69 9.58 18.04 16.49
CA LEU D 69 10.92 18.18 15.94
C LEU D 69 11.10 19.55 15.30
N GLU D 70 12.29 20.13 15.51
CA GLU D 70 12.66 21.41 14.91
C GLU D 70 13.82 21.19 13.96
N ASP D 71 13.75 21.85 12.80
CA ASP D 71 14.81 21.70 11.80
C ASP D 71 16.15 22.09 12.40
N ASP D 72 17.15 21.25 12.09
CA ASP D 72 18.48 21.38 12.67
C ASP D 72 19.18 22.66 12.25
N LYS D 73 18.69 23.31 11.19
CA LYS D 73 19.33 24.51 10.68
C LYS D 73 18.33 25.61 10.32
N GLU D 74 17.04 25.42 10.60
CA GLU D 74 16.03 26.37 10.15
C GLU D 74 14.93 26.48 11.21
N ASN D 75 13.74 26.87 10.75
CA ASN D 75 12.57 27.18 11.55
C ASN D 75 11.36 26.39 11.06
N ARG D 76 11.58 25.22 10.45
CA ARG D 76 10.49 24.31 10.14
C ARG D 76 10.19 23.44 11.34
N TYR D 77 8.90 23.16 11.55
CA TYR D 77 8.44 22.43 12.73
C TYR D 77 7.59 21.25 12.32
N TRP D 78 7.77 20.12 13.00
CA TRP D 78 7.05 18.89 12.70
C TRP D 78 6.46 18.30 13.96
N ILE D 79 5.20 17.85 13.87
CA ILE D 79 4.54 17.08 14.90
C ILE D 79 4.51 15.63 14.43
N PHE D 80 5.19 14.74 15.15
CA PHE D 80 5.30 13.34 14.78
C PHE D 80 4.53 12.51 15.79
N ARG D 81 3.46 11.85 15.32
CA ARG D 81 2.70 10.89 16.10
C ARG D 81 3.04 9.49 15.59
N SER D 82 3.18 8.55 16.53
CA SER D 82 3.34 7.14 16.19
C SER D 82 2.56 6.33 17.19
N TRP D 83 1.92 5.25 16.73
CA TRP D 83 1.11 4.44 17.63
C TRP D 83 1.07 3.01 17.12
N GLY D 84 0.72 2.10 18.01
CA GLY D 84 0.47 0.73 17.56
C GLY D 84 0.57 -0.27 18.71
N ARG D 85 0.75 -1.54 18.31
CA ARG D 85 0.91 -2.64 19.24
C ARG D 85 2.38 -2.77 19.62
N VAL D 86 2.63 -3.00 20.92
CA VAL D 86 4.00 -3.00 21.42
C VAL D 86 4.81 -4.08 20.73
N GLY D 87 6.02 -3.74 20.30
CA GLY D 87 6.92 -4.71 19.70
C GLY D 87 6.27 -5.55 18.62
N THR D 88 5.49 -4.93 17.75
CA THR D 88 4.81 -5.64 16.68
C THR D 88 4.72 -4.75 15.46
N VAL D 89 4.48 -5.38 14.31
CA VAL D 89 4.34 -4.63 13.06
C VAL D 89 3.06 -3.81 13.04
N ILE D 90 2.07 -4.15 13.87
CA ILE D 90 0.78 -3.46 13.85
C ILE D 90 0.96 -2.06 14.42
N GLY D 91 0.61 -1.06 13.62
CA GLY D 91 0.75 0.32 14.04
C GLY D 91 0.78 1.23 12.82
N SER D 92 1.11 2.49 13.08
CA SER D 92 1.23 3.50 12.03
C SER D 92 1.78 4.78 12.65
N ASN D 93 1.87 5.81 11.81
CA ASN D 93 2.42 7.10 12.22
C ASN D 93 1.88 8.18 11.30
N LYS D 94 2.01 9.43 11.77
CA LYS D 94 1.67 10.61 10.98
C LYS D 94 2.67 11.71 11.29
N LEU D 95 3.23 12.31 10.24
CA LEU D 95 4.16 13.43 10.35
C LEU D 95 3.46 14.65 9.76
N GLU D 96 3.05 15.58 10.62
CA GLU D 96 2.31 16.77 10.23
C GLU D 96 3.24 17.97 10.35
N GLN D 97 3.56 18.59 9.22
CA GLN D 97 4.42 19.77 9.24
C GLN D 97 3.61 20.96 9.75
N MET D 98 3.88 21.37 10.98
CA MET D 98 3.16 22.50 11.55
C MET D 98 3.69 23.80 10.97
N PRO D 99 2.82 24.69 10.48
CA PRO D 99 3.32 25.91 9.85
C PRO D 99 3.93 26.89 10.85
N SER D 100 3.23 27.11 11.96
CA SER D 100 3.66 28.10 12.93
C SER D 100 4.76 27.55 13.83
N LYS D 101 5.68 28.42 14.22
CA LYS D 101 6.78 28.04 15.10
C LYS D 101 6.30 27.68 16.50
N GLU D 102 5.11 28.15 16.89
CA GLU D 102 4.60 27.97 18.25
C GLU D 102 3.33 27.15 18.32
N ASP D 103 2.41 27.30 17.36
CA ASP D 103 1.19 26.50 17.37
C ASP D 103 1.50 25.00 17.40
N ALA D 104 2.70 24.61 16.94
CA ALA D 104 3.12 23.23 17.09
C ALA D 104 3.06 22.81 18.56
N ILE D 105 3.47 23.70 19.47
CA ILE D 105 3.44 23.38 20.89
C ILE D 105 2.00 23.27 21.38
N GLU D 106 1.13 24.14 20.89
CA GLU D 106 -0.30 24.05 21.24
C GLU D 106 -0.86 22.70 20.84
N HIS D 107 -0.55 22.26 19.61
CA HIS D 107 -1.02 20.97 19.14
C HIS D 107 -0.44 19.82 19.96
N PHE D 108 0.86 19.91 20.27
CA PHE D 108 1.51 18.89 21.10
C PHE D 108 0.81 18.75 22.45
N MET D 109 0.58 19.88 23.13
CA MET D 109 -0.07 19.84 24.43
C MET D 109 -1.50 19.33 24.33
N LYS D 110 -2.23 19.77 23.28
CA LYS D 110 -3.58 19.27 23.07
C LYS D 110 -3.60 17.75 22.95
N LEU D 111 -2.71 17.20 22.12
CA LEU D 111 -2.67 15.75 21.95
C LEU D 111 -2.28 15.06 23.24
N TYR D 112 -1.27 15.57 23.95
CA TYR D 112 -0.86 14.97 25.20
C TYR D 112 -2.03 14.88 26.17
N GLU D 113 -2.72 16.00 26.40
CA GLU D 113 -3.81 16.03 27.35
C GLU D 113 -5.04 15.26 26.85
N GLU D 114 -5.18 15.09 25.53
CA GLU D 114 -6.29 14.31 25.00
C GLU D 114 -6.03 12.82 25.10
N LYS D 115 -4.76 12.41 25.14
CA LYS D 115 -4.40 11.00 25.17
C LYS D 115 -4.20 10.49 26.59
N THR D 116 -3.59 11.28 27.47
CA THR D 116 -3.29 10.84 28.82
C THR D 116 -4.17 11.47 29.89
N GLY D 117 -4.91 12.53 29.58
CA GLY D 117 -5.71 13.21 30.57
C GLY D 117 -4.93 14.08 31.52
N ASN D 118 -3.64 14.29 31.28
CA ASN D 118 -2.80 15.15 32.10
C ASN D 118 -2.23 16.28 31.25
N ALA D 119 -1.98 17.42 31.89
CA ALA D 119 -1.31 18.51 31.21
C ALA D 119 0.13 18.13 30.89
N TRP D 120 0.75 18.89 29.99
CA TRP D 120 2.11 18.59 29.56
C TRP D 120 3.09 18.71 30.73
N HIS D 121 3.10 19.87 31.39
CA HIS D 121 3.97 20.09 32.55
C HIS D 121 3.21 19.83 33.85
N SER D 122 2.62 18.64 33.94
CA SER D 122 1.92 18.22 35.15
C SER D 122 2.92 17.84 36.23
N LYS D 123 2.76 18.45 37.41
CA LYS D 123 3.61 18.07 38.54
C LYS D 123 3.44 16.61 38.89
N ASN D 124 2.26 16.06 38.64
CA ASN D 124 1.94 14.68 38.98
C ASN D 124 1.36 13.97 37.76
N PHE D 125 1.88 12.79 37.46
CA PHE D 125 1.38 11.99 36.34
C PHE D 125 0.20 11.13 36.81
N THR D 126 -0.93 11.79 37.01
CA THR D 126 -2.15 11.10 37.39
C THR D 126 -2.57 10.14 36.29
N LYS D 127 -3.12 8.99 36.69
CA LYS D 127 -3.65 8.01 35.76
C LYS D 127 -5.15 8.24 35.62
N TYR D 128 -5.61 8.51 34.40
CA TYR D 128 -7.03 8.67 34.19
C TYR D 128 -7.63 7.43 33.55
N PRO D 129 -8.86 7.07 33.92
CA PRO D 129 -9.42 5.79 33.44
C PRO D 129 -9.58 5.79 31.93
N LYS D 130 -9.21 4.65 31.32
CA LYS D 130 -9.34 4.42 29.89
C LYS D 130 -8.30 5.19 29.09
N LYS D 131 -7.51 6.04 29.74
CA LYS D 131 -6.51 6.86 29.06
C LYS D 131 -5.11 6.27 29.27
N PHE D 132 -4.16 6.78 28.49
CA PHE D 132 -2.80 6.29 28.51
C PHE D 132 -2.10 6.70 29.81
N TYR D 133 -0.84 6.28 29.94
CA TYR D 133 0.02 6.62 31.06
C TYR D 133 1.40 6.94 30.52
N PRO D 134 2.06 8.00 31.01
CA PRO D 134 3.37 8.37 30.46
C PRO D 134 4.51 7.57 31.08
N LEU D 135 5.43 7.14 30.21
CA LEU D 135 6.61 6.40 30.63
C LEU D 135 7.84 7.31 30.63
N GLU D 136 8.72 7.10 31.60
CA GLU D 136 9.94 7.89 31.75
C GLU D 136 11.08 7.14 31.05
N ILE D 137 11.46 7.63 29.87
CA ILE D 137 12.54 7.04 29.10
C ILE D 137 13.85 7.70 29.50
N ASP D 138 14.93 6.94 29.42
CA ASP D 138 16.26 7.42 29.82
C ASP D 138 16.85 8.23 28.67
N TYR D 139 16.44 9.50 28.60
CA TYR D 139 16.89 10.35 27.51
C TYR D 139 18.40 10.63 27.62
N GLY D 140 18.86 11.05 28.80
CA GLY D 140 20.26 11.37 28.99
C GLY D 140 20.61 11.62 30.44
N GLU D 170 22.94 -5.79 23.80
CA GLU D 170 21.92 -6.58 23.12
C GLU D 170 20.63 -6.61 23.92
N ILE D 171 20.74 -6.44 25.24
CA ILE D 171 19.55 -6.49 26.09
C ILE D 171 18.60 -5.35 25.74
N ASP D 172 19.11 -4.12 25.71
CA ASP D 172 18.26 -2.97 25.43
C ASP D 172 17.67 -3.05 24.02
N LEU D 173 18.37 -3.71 23.10
CA LEU D 173 17.90 -3.77 21.72
C LEU D 173 16.64 -4.63 21.59
N GLN D 174 16.44 -5.59 22.49
CA GLN D 174 15.34 -6.54 22.35
C GLN D 174 14.49 -6.61 23.61
N LYS D 175 15.14 -6.78 24.76
CA LYS D 175 14.41 -7.04 26.00
C LYS D 175 13.54 -5.86 26.41
N MET D 176 13.94 -4.64 26.06
CA MET D 176 13.15 -3.44 26.32
C MET D 176 12.57 -2.95 25.01
N PRO D 177 11.30 -3.26 24.69
CA PRO D 177 10.78 -2.93 23.35
C PRO D 177 10.74 -1.46 23.05
N LEU D 178 10.56 -0.60 24.06
CA LEU D 178 10.40 0.83 23.86
C LEU D 178 11.62 1.64 24.28
N GLY D 179 12.66 1.00 24.75
CA GLY D 179 13.91 1.67 25.10
C GLY D 179 14.18 1.60 26.59
N LYS D 180 15.23 2.32 27.00
CA LYS D 180 15.64 2.32 28.39
C LYS D 180 14.49 2.72 29.31
N LEU D 181 14.73 2.61 30.62
CA LEU D 181 13.76 2.99 31.63
C LEU D 181 14.50 3.67 32.78
N SER D 182 13.86 4.68 33.37
CA SER D 182 14.45 5.35 34.53
C SER D 182 14.36 4.45 35.76
N LYS D 183 15.31 4.65 36.68
CA LYS D 183 15.33 3.85 37.89
C LYS D 183 14.07 4.06 38.72
N ARG D 184 13.38 5.19 38.56
CA ARG D 184 12.12 5.42 39.27
C ARG D 184 11.06 4.42 38.85
N GLN D 185 10.87 4.26 37.54
CA GLN D 185 9.88 3.30 37.05
C GLN D 185 10.23 1.89 37.50
N ILE D 186 11.51 1.54 37.48
CA ILE D 186 11.91 0.17 37.83
C ILE D 186 11.72 -0.06 39.33
N GLN D 187 11.99 0.97 40.15
CA GLN D 187 11.71 0.87 41.58
C GLN D 187 10.23 0.67 41.83
N ALA D 188 9.38 1.46 41.14
CA ALA D 188 7.94 1.31 41.31
C ALA D 188 7.47 -0.07 40.87
N ALA D 189 8.02 -0.58 39.77
CA ALA D 189 7.67 -1.91 39.31
C ALA D 189 8.11 -2.98 40.31
N TYR D 190 9.27 -2.79 40.93
CA TYR D 190 9.73 -3.74 41.95
C TYR D 190 8.80 -3.73 43.15
N SER D 191 8.33 -2.55 43.56
CA SER D 191 7.38 -2.47 44.66
C SER D 191 6.05 -3.12 44.30
N ILE D 192 5.61 -2.93 43.05
CA ILE D 192 4.37 -3.57 42.61
C ILE D 192 4.53 -5.09 42.60
N LEU D 193 5.72 -5.58 42.21
CA LEU D 193 5.97 -7.02 42.28
C LEU D 193 5.97 -7.50 43.72
N SER D 194 6.51 -6.69 44.64
CA SER D 194 6.40 -7.00 46.07
C SER D 194 4.94 -7.20 46.47
N GLU D 195 4.08 -6.25 46.09
CA GLU D 195 2.68 -6.34 46.44
C GLU D 195 2.02 -7.57 45.80
N VAL D 196 2.41 -7.87 44.56
CA VAL D 196 1.86 -9.03 43.86
C VAL D 196 2.26 -10.32 44.58
N GLN D 197 3.51 -10.40 45.03
CA GLN D 197 3.96 -11.58 45.74
C GLN D 197 3.21 -11.73 47.06
N GLN D 198 3.02 -10.63 47.79
CA GLN D 198 2.27 -10.71 49.04
C GLN D 198 0.81 -11.10 48.79
N ALA D 199 0.22 -10.63 47.69
CA ALA D 199 -1.17 -10.96 47.40
C ALA D 199 -1.33 -12.40 46.91
N VAL D 200 -0.29 -12.94 46.26
CA VAL D 200 -0.32 -14.36 45.91
C VAL D 200 -0.14 -15.22 47.16
N SER D 201 0.66 -14.75 48.12
CA SER D 201 0.72 -15.42 49.41
C SER D 201 -0.62 -15.37 50.11
N GLN D 202 -1.32 -14.24 50.02
CA GLN D 202 -2.67 -14.16 50.55
C GLN D 202 -3.61 -15.11 49.82
N GLY D 203 -3.42 -15.26 48.50
CA GLY D 203 -4.21 -16.18 47.72
C GLY D 203 -5.68 -15.81 47.60
N SER D 204 -5.98 -14.52 47.42
CA SER D 204 -7.36 -14.07 47.32
C SER D 204 -7.41 -12.83 46.42
N SER D 205 -8.63 -12.49 46.01
CA SER D 205 -8.87 -11.32 45.19
C SER D 205 -8.08 -11.39 43.89
N ASP D 206 -8.59 -12.15 42.91
CA ASP D 206 -7.94 -12.20 41.60
C ASP D 206 -8.09 -10.88 40.84
N SER D 207 -9.07 -10.05 41.19
CA SER D 207 -9.20 -8.74 40.57
C SER D 207 -8.04 -7.84 40.97
N GLN D 208 -7.59 -7.94 42.23
CA GLN D 208 -6.40 -7.19 42.63
C GLN D 208 -5.18 -7.66 41.86
N ILE D 209 -5.07 -8.97 41.61
CA ILE D 209 -3.98 -9.49 40.80
C ILE D 209 -4.06 -8.92 39.40
N LEU D 210 -5.27 -8.84 38.84
CA LEU D 210 -5.43 -8.25 37.51
C LEU D 210 -4.99 -6.79 37.50
N ASP D 211 -5.38 -6.02 38.52
CA ASP D 211 -5.00 -4.62 38.58
C ASP D 211 -3.49 -4.46 38.64
N LEU D 212 -2.84 -5.20 39.54
CA LEU D 212 -1.39 -5.09 39.66
C LEU D 212 -0.69 -5.55 38.40
N SER D 213 -1.25 -6.58 37.73
CA SER D 213 -0.66 -7.04 36.48
C SER D 213 -0.73 -5.97 35.40
N ASN D 214 -1.88 -5.30 35.29
CA ASN D 214 -2.01 -4.22 34.33
C ASN D 214 -1.01 -3.11 34.62
N ARG D 215 -0.92 -2.69 35.88
CA ARG D 215 0.03 -1.64 36.24
C ARG D 215 1.45 -2.03 35.87
N PHE D 216 1.85 -3.26 36.21
CA PHE D 216 3.22 -3.70 35.94
C PHE D 216 3.49 -3.75 34.44
N TYR D 217 2.62 -4.42 33.68
CA TYR D 217 2.82 -4.49 32.24
C TYR D 217 2.77 -3.12 31.57
N THR D 218 2.14 -2.13 32.20
CA THR D 218 2.21 -0.78 31.67
C THR D 218 3.57 -0.16 31.94
N LEU D 219 4.05 -0.27 33.19
CA LEU D 219 5.35 0.34 33.53
C LEU D 219 6.50 -0.37 32.82
N ILE D 220 6.38 -1.68 32.58
CA ILE D 220 7.44 -2.48 31.98
C ILE D 220 6.88 -3.12 30.72
N PRO D 221 7.13 -2.55 29.55
CA PRO D 221 6.60 -3.14 28.31
C PRO D 221 7.18 -4.52 28.04
N HIS D 222 6.35 -5.38 27.45
CA HIS D 222 6.77 -6.71 27.03
C HIS D 222 6.26 -6.97 25.62
N ASP D 223 7.04 -7.74 24.86
CA ASP D 223 6.67 -8.10 23.48
C ASP D 223 5.93 -9.43 23.52
N PHE D 224 4.62 -9.36 23.75
CA PHE D 224 3.77 -10.54 23.77
C PHE D 224 3.17 -10.86 22.41
N GLY D 225 3.59 -10.16 21.36
CA GLY D 225 3.04 -10.44 20.04
C GLY D 225 1.55 -10.17 20.00
N MET D 226 0.80 -11.11 19.41
CA MET D 226 -0.64 -11.02 19.31
C MET D 226 -1.34 -11.80 20.42
N LYS D 227 -0.62 -12.20 21.47
CA LYS D 227 -1.16 -13.05 22.52
C LYS D 227 -1.57 -12.21 23.72
N LYS D 228 -2.65 -12.63 24.36
CA LYS D 228 -3.13 -11.94 25.56
C LYS D 228 -2.07 -12.04 26.66
N PRO D 229 -1.64 -10.93 27.25
CA PRO D 229 -0.63 -11.00 28.31
C PRO D 229 -1.06 -11.92 29.43
N PRO D 230 -0.13 -12.68 30.02
CA PRO D 230 -0.51 -13.61 31.08
C PRO D 230 -0.62 -12.93 32.44
N LEU D 231 -1.62 -13.33 33.21
CA LEU D 231 -1.79 -12.81 34.55
C LEU D 231 -0.62 -13.24 35.43
N LEU D 232 -0.34 -12.44 36.45
CA LEU D 232 0.74 -12.73 37.40
C LEU D 232 0.21 -13.35 38.68
N ASN D 233 -0.54 -14.44 38.54
CA ASN D 233 -1.00 -15.21 39.70
C ASN D 233 0.02 -16.23 40.15
N ASN D 234 0.85 -16.73 39.23
CA ASN D 234 1.85 -17.72 39.55
C ASN D 234 3.04 -17.08 40.26
N ALA D 235 3.58 -17.79 41.25
CA ALA D 235 4.71 -17.26 42.00
C ALA D 235 6.01 -17.33 41.21
N ASP D 236 6.21 -18.43 40.47
CA ASP D 236 7.42 -18.53 39.64
C ASP D 236 7.48 -17.41 38.62
N SER D 237 6.32 -16.97 38.10
CA SER D 237 6.31 -15.84 37.18
C SER D 237 6.77 -14.56 37.87
N VAL D 238 6.32 -14.33 39.10
CA VAL D 238 6.75 -13.15 39.84
C VAL D 238 8.26 -13.22 40.08
N GLN D 239 8.77 -14.40 40.40
CA GLN D 239 10.21 -14.54 40.61
C GLN D 239 10.99 -14.27 39.33
N ALA D 240 10.50 -14.79 38.20
CA ALA D 240 11.16 -14.54 36.92
C ALA D 240 11.18 -13.05 36.60
N LYS D 241 10.05 -12.36 36.80
CA LYS D 241 10.00 -10.94 36.49
C LYS D 241 10.84 -10.12 37.47
N ALA D 242 10.95 -10.57 38.72
CA ALA D 242 11.84 -9.88 39.67
C ALA D 242 13.30 -10.05 39.26
N GLU D 243 13.67 -11.25 38.81
CA GLU D 243 15.02 -11.44 38.28
C GLU D 243 15.26 -10.58 37.06
N MET D 244 14.25 -10.45 36.19
CA MET D 244 14.36 -9.58 35.04
C MET D 244 14.59 -8.13 35.46
N LEU D 245 13.86 -7.67 36.48
CA LEU D 245 14.03 -6.30 36.96
C LEU D 245 15.40 -6.11 37.60
N ASP D 246 15.92 -7.13 38.29
CA ASP D 246 17.28 -7.03 38.82
C ASP D 246 18.29 -6.94 37.69
N ASN D 247 18.07 -7.68 36.62
CA ASN D 247 18.94 -7.56 35.44
C ASN D 247 18.88 -6.15 34.87
N LEU D 248 17.67 -5.59 34.76
CA LEU D 248 17.54 -4.22 34.28
C LEU D 248 18.27 -3.24 35.19
N LEU D 249 18.17 -3.44 36.50
CA LEU D 249 18.84 -2.55 37.44
C LEU D 249 20.36 -2.64 37.30
N ASP D 250 20.89 -3.86 37.14
CA ASP D 250 22.33 -4.01 36.93
C ASP D 250 22.76 -3.37 35.62
N ILE D 251 21.96 -3.51 34.57
CA ILE D 251 22.29 -2.89 33.29
C ILE D 251 22.28 -1.37 33.41
N GLU D 252 21.35 -0.83 34.20
CA GLU D 252 21.26 0.61 34.38
C GLU D 252 22.45 1.14 35.19
N VAL D 253 22.81 0.45 36.28
CA VAL D 253 23.94 0.91 37.08
C VAL D 253 25.23 0.76 36.28
N ALA D 254 25.29 -0.20 35.35
CA ALA D 254 26.47 -0.31 34.50
C ALA D 254 26.74 0.99 33.74
N TYR D 255 25.69 1.72 33.37
CA TYR D 255 25.84 2.98 32.67
C TYR D 255 26.21 4.08 33.67
N SER D 256 27.41 4.62 33.52
CA SER D 256 27.91 5.65 34.43
C SER D 256 28.59 6.77 33.66
N ASP G 26 -36.93 43.72 21.58
CA ASP G 26 -37.72 44.94 21.68
C ASP G 26 -36.82 46.16 21.72
N LYS G 27 -35.78 46.10 22.57
CA LYS G 27 -34.89 47.23 22.76
C LYS G 27 -34.10 47.52 21.48
N LEU G 28 -33.18 48.48 21.57
CA LEU G 28 -32.29 48.83 20.48
C LEU G 28 -30.84 48.48 20.76
N TYR G 29 -30.48 48.22 22.01
CA TYR G 29 -29.10 47.95 22.38
C TYR G 29 -29.02 46.69 23.24
N ARG G 30 -28.05 45.83 22.93
CA ARG G 30 -27.77 44.61 23.68
CA ARG G 30 -27.77 44.62 23.67
C ARG G 30 -26.39 44.71 24.30
N VAL G 31 -26.21 44.04 25.43
CA VAL G 31 -24.91 43.97 26.10
C VAL G 31 -24.78 42.60 26.75
N GLU G 32 -23.62 41.98 26.59
CA GLU G 32 -23.44 40.66 27.21
C GLU G 32 -21.98 40.26 27.14
N TYR G 33 -21.65 39.21 27.88
CA TYR G 33 -20.33 38.60 27.79
C TYR G 33 -20.30 37.66 26.59
N ALA G 34 -19.30 37.83 25.73
CA ALA G 34 -19.24 37.11 24.47
C ALA G 34 -19.49 35.63 24.66
N LYS G 35 -20.60 35.14 24.11
CA LYS G 35 -20.88 33.70 24.12
C LYS G 35 -19.95 32.92 23.21
N SER G 36 -19.01 33.59 22.54
CA SER G 36 -17.97 32.94 21.76
C SER G 36 -17.07 34.00 21.14
N GLY G 37 -15.78 33.68 21.00
CA GLY G 37 -14.83 34.61 20.41
C GLY G 37 -14.86 34.68 18.90
N ARG G 38 -15.83 34.03 18.25
CA ARG G 38 -15.88 34.03 16.80
C ARG G 38 -16.36 35.36 16.24
N ALA G 39 -17.24 36.05 16.97
CA ALA G 39 -17.75 37.33 16.50
C ALA G 39 -16.63 38.37 16.41
N SER G 40 -16.75 39.24 15.41
CA SER G 40 -15.74 40.27 15.16
C SER G 40 -16.37 41.65 15.28
N CYS G 41 -15.63 42.56 15.91
CA CYS G 41 -16.09 43.94 16.06
C CYS G 41 -16.43 44.54 14.69
N LYS G 42 -17.25 45.59 14.71
CA LYS G 42 -17.69 46.23 13.48
C LYS G 42 -16.86 47.45 13.11
N LYS G 43 -16.17 48.07 14.07
CA LYS G 43 -15.34 49.24 13.79
C LYS G 43 -13.92 48.79 13.45
N CYS G 44 -13.22 48.21 14.42
CA CYS G 44 -11.85 47.74 14.21
C CYS G 44 -11.78 46.45 13.41
N SER G 45 -12.91 45.76 13.22
CA SER G 45 -12.98 44.52 12.43
C SER G 45 -12.08 43.43 12.99
N GLU G 46 -11.65 43.55 14.24
CA GLU G 46 -10.85 42.54 14.91
C GLU G 46 -11.74 41.63 15.75
N SER G 47 -11.38 40.36 15.82
CA SER G 47 -12.21 39.37 16.49
C SER G 47 -12.46 39.78 17.94
N ILE G 48 -13.67 39.50 18.42
CA ILE G 48 -14.06 39.74 19.81
C ILE G 48 -13.63 38.53 20.63
N PRO G 49 -13.06 38.69 21.82
CA PRO G 49 -12.71 37.54 22.64
C PRO G 49 -13.90 37.03 23.46
N LYS G 50 -13.93 35.71 23.65
CA LYS G 50 -15.02 35.08 24.36
C LYS G 50 -15.05 35.54 25.83
N ASP G 51 -16.24 35.50 26.42
CA ASP G 51 -16.46 35.86 27.81
C ASP G 51 -15.99 37.28 28.14
N SER G 52 -15.80 38.12 27.12
CA SER G 52 -15.49 39.52 27.31
C SER G 52 -16.76 40.36 27.11
N LEU G 53 -16.77 41.54 27.72
CA LEU G 53 -17.91 42.42 27.62
C LEU G 53 -18.01 42.97 26.20
N ARG G 54 -19.21 42.89 25.61
CA ARG G 54 -19.43 43.37 24.27
C ARG G 54 -20.83 43.98 24.17
N MET G 55 -20.94 45.04 23.37
CA MET G 55 -22.19 45.76 23.18
C MET G 55 -22.58 45.75 21.72
N ALA G 56 -23.86 45.54 21.45
CA ALA G 56 -24.35 45.45 20.09
C ALA G 56 -25.55 46.37 19.90
N ILE G 57 -25.80 46.72 18.64
CA ILE G 57 -26.98 47.46 18.24
C ILE G 57 -27.75 46.61 17.25
N MET G 58 -29.06 46.48 17.47
CA MET G 58 -29.90 45.66 16.62
C MET G 58 -30.24 46.42 15.35
N VAL G 59 -30.09 45.75 14.19
CA VAL G 59 -30.41 46.37 12.91
C VAL G 59 -31.13 45.34 12.04
N GLN G 60 -31.91 45.83 11.10
CA GLN G 60 -32.58 44.93 10.15
C GLN G 60 -31.54 44.20 9.31
N SER G 61 -31.73 42.90 9.16
CA SER G 61 -30.83 42.11 8.33
C SER G 61 -31.31 42.17 6.88
N PRO G 62 -30.52 42.70 5.94
CA PRO G 62 -30.99 42.78 4.55
C PRO G 62 -31.10 41.43 3.87
N MET G 63 -30.79 40.33 4.55
CA MET G 63 -30.84 39.01 3.95
C MET G 63 -32.01 38.17 4.41
N PHE G 64 -32.69 38.55 5.49
CA PHE G 64 -33.84 37.79 5.95
C PHE G 64 -34.68 38.64 6.89
N ASP G 65 -35.93 38.20 7.09
CA ASP G 65 -36.89 38.92 7.92
C ASP G 65 -36.54 38.69 9.38
N GLY G 66 -35.85 39.65 9.98
CA GLY G 66 -35.48 39.55 11.38
C GLY G 66 -34.33 40.47 11.74
N LYS G 67 -34.29 40.93 12.98
CA LYS G 67 -33.23 41.80 13.43
C LYS G 67 -31.99 41.00 13.80
N VAL G 68 -30.82 41.62 13.63
CA VAL G 68 -29.54 40.98 13.92
C VAL G 68 -28.65 41.98 14.64
N PRO G 69 -27.82 41.52 15.57
CA PRO G 69 -26.96 42.44 16.30
C PRO G 69 -25.64 42.73 15.61
N HIS G 70 -25.31 44.01 15.45
CA HIS G 70 -23.95 44.43 15.10
C HIS G 70 -23.18 44.60 16.40
N TRP G 71 -22.10 43.83 16.55
CA TRP G 71 -21.36 43.76 17.79
C TRP G 71 -20.19 44.74 17.79
N TYR G 72 -19.75 45.10 19.00
CA TYR G 72 -18.67 46.05 19.21
C TYR G 72 -17.97 45.72 20.51
N HIS G 73 -16.64 45.83 20.49
CA HIS G 73 -15.88 45.91 21.73
C HIS G 73 -16.46 47.01 22.60
N PHE G 74 -16.51 46.77 23.92
CA PHE G 74 -17.08 47.77 24.81
C PHE G 74 -16.41 49.13 24.65
N SER G 75 -15.17 49.15 24.17
CA SER G 75 -14.48 50.42 23.99
C SER G 75 -14.82 51.07 22.65
N CYS G 76 -15.00 50.27 21.61
CA CYS G 76 -15.29 50.82 20.30
C CYS G 76 -16.72 51.34 20.20
N PHE G 77 -17.64 50.76 20.96
CA PHE G 77 -19.06 51.06 20.78
C PHE G 77 -19.36 52.54 20.90
N TRP G 78 -18.60 53.27 21.72
CA TRP G 78 -18.90 54.68 21.95
C TRP G 78 -18.31 55.60 20.88
N LYS G 79 -17.38 55.11 20.07
CA LYS G 79 -16.76 55.94 19.04
C LYS G 79 -17.57 56.01 17.76
N VAL G 80 -18.70 55.29 17.67
CA VAL G 80 -19.50 55.28 16.46
C VAL G 80 -20.61 56.31 16.48
N GLY G 81 -20.70 57.12 17.54
CA GLY G 81 -21.65 58.21 17.60
C GLY G 81 -22.94 57.91 18.34
N HIS G 82 -23.09 56.72 18.90
CA HIS G 82 -24.27 56.39 19.68
C HIS G 82 -24.07 56.78 21.13
N SER G 83 -25.10 57.37 21.73
CA SER G 83 -25.09 57.77 23.12
C SER G 83 -26.39 57.32 23.78
N ILE G 84 -26.27 56.83 25.01
CA ILE G 84 -27.41 56.29 25.76
C ILE G 84 -27.56 57.10 27.04
N ARG G 85 -28.81 57.46 27.35
CA ARG G 85 -29.10 58.27 28.53
C ARG G 85 -29.25 57.39 29.78
N HIS G 86 -30.19 56.46 29.76
CA HIS G 86 -30.49 55.59 30.91
C HIS G 86 -30.28 54.15 30.47
N PRO G 87 -29.09 53.58 30.70
CA PRO G 87 -28.83 52.21 30.24
C PRO G 87 -29.72 51.16 30.89
N ASP G 88 -30.19 51.41 32.11
CA ASP G 88 -30.95 50.40 32.84
C ASP G 88 -32.26 50.01 32.14
N VAL G 89 -32.70 50.78 31.15
CA VAL G 89 -33.95 50.48 30.46
C VAL G 89 -33.74 50.51 28.95
N GLU G 90 -32.77 51.30 28.49
CA GLU G 90 -32.52 51.41 27.05
C GLU G 90 -31.78 50.21 26.49
N VAL G 91 -31.09 49.43 27.33
CA VAL G 91 -30.25 48.34 26.87
C VAL G 91 -30.82 47.02 27.38
N ASP G 92 -30.67 45.98 26.56
CA ASP G 92 -31.15 44.65 26.89
C ASP G 92 -30.09 43.87 27.64
N GLY G 93 -30.52 43.05 28.60
CA GLY G 93 -29.59 42.27 29.38
C GLY G 93 -28.69 43.07 30.29
N PHE G 94 -29.04 44.33 30.56
CA PHE G 94 -28.24 45.14 31.46
C PHE G 94 -28.24 44.56 32.87
N SER G 95 -29.41 44.13 33.36
CA SER G 95 -29.50 43.58 34.71
C SER G 95 -28.77 42.25 34.85
N GLU G 96 -28.47 41.58 33.74
CA GLU G 96 -27.83 40.27 33.82
C GLU G 96 -26.32 40.35 34.02
N LEU G 97 -25.71 41.51 33.79
CA LEU G 97 -24.27 41.65 33.93
C LEU G 97 -23.88 41.64 35.41
N ARG G 98 -22.57 41.61 35.65
CA ARG G 98 -22.05 41.78 37.00
C ARG G 98 -22.20 43.23 37.44
N TRP G 99 -22.30 43.42 38.76
CA TRP G 99 -22.69 44.73 39.28
C TRP G 99 -21.68 45.81 38.89
N ASP G 100 -20.40 45.60 39.20
CA ASP G 100 -19.39 46.59 38.83
C ASP G 100 -19.39 46.85 37.33
N ASP G 101 -19.73 45.83 36.53
CA ASP G 101 -19.84 46.06 35.08
C ASP G 101 -21.06 46.91 34.75
N GLN G 102 -22.19 46.68 35.43
CA GLN G 102 -23.33 47.55 35.25
C GLN G 102 -22.96 49.00 35.55
N GLN G 103 -22.19 49.22 36.62
CA GLN G 103 -21.80 50.59 36.97
C GLN G 103 -20.80 51.17 35.97
N LYS G 104 -19.90 50.33 35.45
CA LYS G 104 -19.00 50.81 34.39
C LYS G 104 -19.79 51.25 33.17
N VAL G 105 -20.82 50.48 32.80
CA VAL G 105 -21.65 50.86 31.66
C VAL G 105 -22.40 52.15 31.96
N LYS G 106 -23.01 52.25 33.14
CA LYS G 106 -23.75 53.45 33.51
C LYS G 106 -22.85 54.67 33.56
N LYS G 107 -21.56 54.47 33.87
CA LYS G 107 -20.62 55.58 33.90
C LYS G 107 -20.21 55.99 32.50
N THR G 108 -19.84 55.02 31.65
CA THR G 108 -19.42 55.36 30.30
C THR G 108 -20.57 55.95 29.49
N ALA G 109 -21.81 55.61 29.84
CA ALA G 109 -22.96 56.25 29.19
C ALA G 109 -22.84 57.77 29.26
N GLU G 110 -22.41 58.29 30.40
CA GLU G 110 -22.13 59.71 30.53
C GLU G 110 -20.74 60.01 29.97
N ALA G 111 -20.65 61.01 29.08
CA ALA G 111 -19.43 61.26 28.34
C ALA G 111 -19.17 60.13 27.35
N GLY G 112 -18.03 59.45 27.45
CA GLY G 112 -17.77 58.33 26.58
C GLY G 112 -16.34 57.82 26.59
N GLY G 113 -16.16 56.51 26.40
CA GLY G 113 -14.85 55.91 26.30
C GLY G 113 -14.07 55.89 27.60
N VAL G 114 -12.97 56.63 27.64
CA VAL G 114 -12.10 56.66 28.81
C VAL G 114 -12.88 57.05 30.05
N SER H 25 -12.27 -14.05 24.26
CA SER H 25 -13.33 -13.59 25.13
C SER H 25 -14.50 -13.04 24.30
N ASP H 26 -14.18 -12.50 23.13
CA ASP H 26 -15.17 -11.95 22.21
C ASP H 26 -15.43 -12.93 21.08
N LYS H 27 -16.50 -12.66 20.33
CA LYS H 27 -16.92 -13.52 19.23
C LYS H 27 -16.09 -13.23 17.98
N LEU H 28 -16.45 -13.91 16.88
CA LEU H 28 -15.82 -13.70 15.59
C LEU H 28 -16.75 -13.06 14.57
N TYR H 29 -18.06 -13.06 14.81
CA TYR H 29 -19.04 -12.55 13.85
C TYR H 29 -20.00 -11.61 14.55
N ARG H 30 -20.27 -10.47 13.92
CA ARG H 30 -21.24 -9.51 14.40
C ARG H 30 -22.38 -9.39 13.40
N VAL H 31 -23.55 -8.99 13.89
CA VAL H 31 -24.72 -8.76 13.05
C VAL H 31 -25.53 -7.64 13.68
N GLU H 32 -25.99 -6.70 12.85
CA GLU H 32 -26.79 -5.61 13.38
C GLU H 32 -27.42 -4.83 12.25
N TYR H 33 -28.37 -3.97 12.61
CA TYR H 33 -28.94 -3.03 11.67
C TYR H 33 -28.01 -1.84 11.54
N ALA H 34 -27.65 -1.49 10.29
CA ALA H 34 -26.66 -0.47 10.03
C ALA H 34 -26.92 0.79 10.83
N LYS H 35 -26.02 1.10 11.76
CA LYS H 35 -26.09 2.35 12.51
C LYS H 35 -25.80 3.57 11.65
N SER H 36 -25.54 3.37 10.35
CA SER H 36 -25.38 4.46 9.40
C SER H 36 -25.09 3.90 8.02
N GLY H 37 -25.56 4.55 6.97
CA GLY H 37 -25.33 4.10 5.62
C GLY H 37 -23.97 4.44 5.05
N ARG H 38 -23.06 4.96 5.87
CA ARG H 38 -21.74 5.35 5.38
C ARG H 38 -20.85 4.14 5.11
N ALA H 39 -21.02 3.08 5.89
CA ALA H 39 -20.20 1.88 5.70
C ALA H 39 -20.48 1.25 4.34
N SER H 40 -19.44 0.67 3.76
CA SER H 40 -19.52 0.06 2.45
C SER H 40 -19.17 -1.42 2.54
N CYS H 41 -19.92 -2.24 1.81
CA CYS H 41 -19.68 -3.68 1.77
C CYS H 41 -18.25 -3.96 1.35
N LYS H 42 -17.75 -5.15 1.68
CA LYS H 42 -16.38 -5.53 1.37
C LYS H 42 -16.25 -6.33 0.09
N LYS H 43 -17.32 -6.99 -0.36
CA LYS H 43 -17.29 -7.77 -1.60
C LYS H 43 -17.68 -6.88 -2.78
N CYS H 44 -18.93 -6.42 -2.82
CA CYS H 44 -19.40 -5.57 -3.90
C CYS H 44 -18.89 -4.15 -3.80
N SER H 45 -18.31 -3.75 -2.66
CA SER H 45 -17.76 -2.42 -2.45
C SER H 45 -18.79 -1.32 -2.63
N GLU H 46 -20.07 -1.66 -2.57
CA GLU H 46 -21.16 -0.68 -2.66
C GLU H 46 -21.63 -0.31 -1.26
N SER H 47 -22.01 0.95 -1.09
CA SER H 47 -22.38 1.45 0.22
C SER H 47 -23.50 0.63 0.83
N ILE H 48 -23.43 0.43 2.15
CA ILE H 48 -24.46 -0.27 2.90
C ILE H 48 -25.54 0.75 3.28
N PRO H 49 -26.82 0.42 3.17
CA PRO H 49 -27.86 1.37 3.59
C PRO H 49 -28.13 1.30 5.08
N LYS H 50 -28.46 2.46 5.66
CA LYS H 50 -28.70 2.55 7.09
C LYS H 50 -29.93 1.73 7.49
N ASP H 51 -29.94 1.30 8.74
CA ASP H 51 -31.03 0.52 9.33
C ASP H 51 -31.33 -0.76 8.55
N SER H 52 -30.41 -1.20 7.70
CA SER H 52 -30.52 -2.48 7.02
C SER H 52 -29.67 -3.53 7.73
N LEU H 53 -30.06 -4.79 7.55
CA LEU H 53 -29.35 -5.88 8.18
C LEU H 53 -27.97 -6.03 7.54
N ARG H 54 -26.93 -6.11 8.38
CA ARG H 54 -25.57 -6.26 7.89
C ARG H 54 -24.79 -7.16 8.84
N MET H 55 -23.90 -7.96 8.26
CA MET H 55 -23.08 -8.91 9.01
C MET H 55 -21.61 -8.60 8.80
N ALA H 56 -20.84 -8.68 9.88
CA ALA H 56 -19.43 -8.36 9.82
C ALA H 56 -18.61 -9.47 10.47
N ILE H 57 -17.34 -9.52 10.08
CA ILE H 57 -16.35 -10.41 10.68
C ILE H 57 -15.25 -9.55 11.28
N MET H 58 -14.89 -9.84 12.53
CA MET H 58 -13.87 -9.08 13.22
C MET H 58 -12.49 -9.54 12.78
N VAL H 59 -11.61 -8.57 12.45
CA VAL H 59 -10.26 -8.87 12.02
C VAL H 59 -9.32 -7.87 12.68
N GLN H 60 -8.05 -8.27 12.82
CA GLN H 60 -7.05 -7.37 13.36
C GLN H 60 -6.85 -6.20 12.42
N SER H 61 -6.80 -5.00 12.98
CA SER H 61 -6.56 -3.80 12.19
C SER H 61 -5.07 -3.59 12.05
N PRO H 62 -4.50 -3.63 10.83
CA PRO H 62 -3.05 -3.44 10.68
C PRO H 62 -2.57 -2.04 11.01
N MET H 63 -3.48 -1.13 11.38
CA MET H 63 -3.10 0.26 11.66
C MET H 63 -3.10 0.59 13.14
N PHE H 64 -3.71 -0.24 13.99
CA PHE H 64 -3.71 0.05 15.42
C PHE H 64 -4.07 -1.22 16.19
N ASP H 65 -3.73 -1.21 17.48
CA ASP H 65 -3.97 -2.35 18.36
C ASP H 65 -5.45 -2.44 18.69
N GLY H 66 -6.16 -3.29 17.98
CA GLY H 66 -7.57 -3.49 18.22
C GLY H 66 -8.28 -4.13 17.04
N LYS H 67 -9.33 -4.88 17.31
CA LYS H 67 -10.08 -5.53 16.24
C LYS H 67 -11.07 -4.56 15.61
N VAL H 68 -11.34 -4.77 14.33
CA VAL H 68 -12.26 -3.92 13.56
C VAL H 68 -13.13 -4.80 12.70
N PRO H 69 -14.40 -4.41 12.51
CA PRO H 69 -15.31 -5.24 11.72
C PRO H 69 -15.24 -4.96 10.22
N HIS H 70 -15.06 -6.01 9.42
CA HIS H 70 -15.30 -5.96 7.98
C HIS H 70 -16.77 -6.25 7.74
N TRP H 71 -17.48 -5.30 7.14
CA TRP H 71 -18.93 -5.38 7.00
C TRP H 71 -19.31 -5.97 5.64
N TYR H 72 -20.53 -6.51 5.59
CA TYR H 72 -21.05 -7.17 4.41
C TYR H 72 -22.57 -7.03 4.41
N HIS H 73 -23.12 -6.78 3.22
CA HIS H 73 -24.55 -6.98 3.00
C HIS H 73 -24.92 -8.39 3.44
N PHE H 74 -26.10 -8.53 4.05
CA PHE H 74 -26.51 -9.85 4.52
C PHE H 74 -26.47 -10.88 3.41
N SER H 75 -26.60 -10.45 2.15
CA SER H 75 -26.57 -11.40 1.04
C SER H 75 -25.14 -11.73 0.61
N CYS H 76 -24.24 -10.75 0.66
CA CYS H 76 -22.87 -10.98 0.22
C CYS H 76 -22.09 -11.82 1.23
N PHE H 77 -22.43 -11.73 2.51
CA PHE H 77 -21.62 -12.33 3.56
C PHE H 77 -21.38 -13.82 3.32
N TRP H 78 -22.35 -14.50 2.71
CA TRP H 78 -22.24 -15.95 2.56
C TRP H 78 -21.42 -16.37 1.34
N LYS H 79 -21.18 -15.45 0.41
CA LYS H 79 -20.43 -15.78 -0.80
C LYS H 79 -18.93 -15.71 -0.60
N VAL H 80 -18.45 -15.30 0.59
CA VAL H 80 -17.02 -15.18 0.83
C VAL H 80 -16.41 -16.44 1.42
N GLY H 81 -17.21 -17.50 1.62
CA GLY H 81 -16.70 -18.78 2.05
C GLY H 81 -16.83 -19.04 3.54
N HIS H 82 -17.42 -18.13 4.30
CA HIS H 82 -17.63 -18.34 5.73
C HIS H 82 -18.96 -19.05 5.95
N SER H 83 -18.96 -20.03 6.86
CA SER H 83 -20.15 -20.77 7.22
C SER H 83 -20.23 -20.88 8.73
N ILE H 84 -21.43 -20.73 9.27
CA ILE H 84 -21.67 -20.74 10.71
C ILE H 84 -22.62 -21.87 11.03
N ARG H 85 -22.31 -22.61 12.10
CA ARG H 85 -23.12 -23.75 12.50
C ARG H 85 -24.28 -23.33 13.40
N HIS H 86 -23.98 -22.70 14.53
CA HIS H 86 -24.97 -22.29 15.52
C HIS H 86 -24.87 -20.78 15.69
N PRO H 87 -25.67 -20.00 14.96
CA PRO H 87 -25.55 -18.54 15.05
C PRO H 87 -25.89 -17.99 16.42
N ASP H 88 -26.73 -18.68 17.20
CA ASP H 88 -27.17 -18.14 18.48
C ASP H 88 -26.03 -17.93 19.47
N VAL H 89 -24.85 -18.50 19.22
CA VAL H 89 -23.73 -18.37 20.13
C VAL H 89 -22.47 -17.92 19.38
N GLU H 90 -22.38 -18.27 18.10
CA GLU H 90 -21.21 -17.92 17.31
C GLU H 90 -21.20 -16.45 16.88
N VAL H 91 -22.35 -15.78 16.88
CA VAL H 91 -22.46 -14.43 16.39
C VAL H 91 -22.84 -13.50 17.53
N ASP H 92 -22.32 -12.26 17.46
CA ASP H 92 -22.57 -11.26 18.48
C ASP H 92 -23.81 -10.45 18.11
N GLY H 93 -24.59 -10.08 19.14
CA GLY H 93 -25.79 -9.31 18.91
C GLY H 93 -26.89 -10.06 18.19
N PHE H 94 -26.80 -11.39 18.14
CA PHE H 94 -27.85 -12.17 17.50
C PHE H 94 -29.17 -12.02 18.23
N SER H 95 -29.15 -12.05 19.56
CA SER H 95 -30.38 -11.94 20.34
C SER H 95 -31.01 -10.56 20.24
N GLU H 96 -30.25 -9.56 19.80
CA GLU H 96 -30.77 -8.20 19.75
C GLU H 96 -31.60 -7.92 18.51
N LEU H 97 -31.50 -8.77 17.49
CA LEU H 97 -32.25 -8.55 16.25
C LEU H 97 -33.74 -8.84 16.46
N ARG H 98 -34.53 -8.54 15.43
CA ARG H 98 -35.94 -8.92 15.45
C ARG H 98 -36.08 -10.42 15.23
N TRP H 99 -37.17 -10.99 15.73
CA TRP H 99 -37.29 -12.43 15.79
C TRP H 99 -37.24 -13.06 14.40
N ASP H 100 -38.10 -12.61 13.49
CA ASP H 100 -38.09 -13.17 12.15
C ASP H 100 -36.72 -13.00 11.49
N ASP H 101 -35.99 -11.93 11.84
CA ASP H 101 -34.64 -11.77 11.32
C ASP H 101 -33.70 -12.80 11.93
N GLN H 102 -33.84 -13.07 13.24
CA GLN H 102 -33.05 -14.13 13.85
C GLN H 102 -33.29 -15.46 13.13
N GLN H 103 -34.55 -15.74 12.78
CA GLN H 103 -34.84 -16.99 12.10
C GLN H 103 -34.33 -17.00 10.67
N LYS H 104 -34.36 -15.84 9.99
CA LYS H 104 -33.76 -15.76 8.66
C LYS H 104 -32.27 -16.05 8.73
N VAL H 105 -31.59 -15.51 9.74
CA VAL H 105 -30.16 -15.78 9.90
C VAL H 105 -29.92 -17.25 10.19
N LYS H 106 -30.69 -17.82 11.13
CA LYS H 106 -30.54 -19.23 11.47
C LYS H 106 -30.82 -20.13 10.28
N LYS H 107 -31.69 -19.69 9.37
CA LYS H 107 -31.98 -20.48 8.17
C LYS H 107 -30.85 -20.37 7.15
N THR H 108 -30.40 -19.15 6.87
CA THR H 108 -29.33 -18.98 5.88
C THR H 108 -28.03 -19.62 6.36
N ALA H 109 -27.84 -19.73 7.67
CA ALA H 109 -26.67 -20.44 8.19
C ALA H 109 -26.59 -21.83 7.58
N GLU H 110 -27.72 -22.51 7.45
CA GLU H 110 -27.77 -23.79 6.75
C GLU H 110 -27.83 -23.53 5.24
N ALA H 111 -26.92 -24.15 4.51
CA ALA H 111 -26.78 -23.89 3.08
C ALA H 111 -26.38 -22.44 2.85
N SER I 25 -3.38 -2.14 -22.20
CA SER I 25 -2.87 -1.17 -21.25
C SER I 25 -2.18 -1.86 -20.08
N ASP I 26 -1.19 -1.19 -19.50
CA ASP I 26 -0.39 -1.75 -18.43
C ASP I 26 -0.97 -1.33 -17.06
N LYS I 27 -0.34 -1.84 -16.00
CA LYS I 27 -0.85 -1.73 -14.65
C LYS I 27 -0.04 -0.72 -13.84
N LEU I 28 -0.38 -0.60 -12.56
CA LEU I 28 0.33 0.25 -11.63
C LEU I 28 1.09 -0.52 -10.56
N TYR I 29 0.80 -1.81 -10.37
CA TYR I 29 1.40 -2.61 -9.32
C TYR I 29 1.90 -3.93 -9.90
N ARG I 30 3.12 -4.31 -9.53
CA ARG I 30 3.69 -5.58 -9.91
C ARG I 30 3.94 -6.43 -8.67
N VAL I 31 3.95 -7.74 -8.84
CA VAL I 31 4.23 -8.68 -7.76
C VAL I 31 4.94 -9.88 -8.36
N GLU I 32 6.00 -10.34 -7.70
CA GLU I 32 6.70 -11.50 -8.21
C GLU I 32 7.68 -12.01 -7.17
N TYR I 33 8.21 -13.20 -7.42
CA TYR I 33 9.29 -13.75 -6.63
C TYR I 33 10.61 -13.15 -7.10
N ALA I 34 11.38 -12.61 -6.16
CA ALA I 34 12.59 -11.87 -6.49
C ALA I 34 13.46 -12.63 -7.47
N LYS I 35 13.61 -12.10 -8.69
CA LYS I 35 14.52 -12.68 -9.67
C LYS I 35 15.98 -12.51 -9.29
N SER I 36 16.26 -11.89 -8.14
CA SER I 36 17.61 -11.78 -7.59
C SER I 36 17.57 -11.02 -6.28
N GLY I 37 18.44 -11.37 -5.34
CA GLY I 37 18.49 -10.70 -4.06
C GLY I 37 19.22 -9.37 -4.06
N ARG I 38 19.59 -8.86 -5.24
CA ARG I 38 20.34 -7.60 -5.29
C ARG I 38 19.44 -6.40 -5.02
N ALA I 39 18.18 -6.48 -5.40
CA ALA I 39 17.26 -5.36 -5.19
C ALA I 39 17.06 -5.12 -3.69
N SER I 40 16.88 -3.85 -3.34
CA SER I 40 16.73 -3.43 -1.96
C SER I 40 15.37 -2.75 -1.78
N CYS I 41 14.71 -3.06 -0.67
CA CYS I 41 13.43 -2.46 -0.34
C CYS I 41 13.54 -0.93 -0.34
N LYS I 42 12.41 -0.25 -0.49
CA LYS I 42 12.40 1.20 -0.55
C LYS I 42 12.07 1.85 0.79
N LYS I 43 11.42 1.13 1.70
CA LYS I 43 11.10 1.67 3.03
C LYS I 43 12.23 1.38 4.00
N CYS I 44 12.46 0.11 4.31
CA CYS I 44 13.52 -0.28 5.23
C CYS I 44 14.91 -0.20 4.61
N SER I 45 15.01 -0.05 3.30
CA SER I 45 16.28 0.08 2.59
C SER I 45 17.19 -1.13 2.79
N GLU I 46 16.63 -2.25 3.23
CA GLU I 46 17.39 -3.49 3.41
C GLU I 46 17.21 -4.38 2.19
N SER I 47 18.26 -5.10 1.83
CA SER I 47 18.24 -5.90 0.61
C SER I 47 17.08 -6.89 0.63
N ILE I 48 16.50 -7.10 -0.55
CA ILE I 48 15.43 -8.08 -0.74
C ILE I 48 16.07 -9.44 -1.01
N PRO I 49 15.58 -10.53 -0.42
CA PRO I 49 16.15 -11.84 -0.72
C PRO I 49 15.57 -12.46 -1.97
N LYS I 50 16.41 -13.20 -2.68
CA LYS I 50 15.99 -13.81 -3.94
C LYS I 50 14.90 -14.84 -3.71
N ASP I 51 14.08 -15.06 -4.74
CA ASP I 51 12.99 -16.02 -4.74
C ASP I 51 11.99 -15.78 -3.60
N SER I 52 12.01 -14.59 -3.02
CA SER I 52 11.02 -14.19 -2.02
C SER I 52 9.96 -13.32 -2.66
N LEU I 53 8.78 -13.31 -2.05
CA LEU I 53 7.68 -12.52 -2.57
C LEU I 53 7.98 -11.03 -2.39
N ARG I 54 7.83 -10.26 -3.46
CA ARG I 54 8.07 -8.83 -3.42
C ARG I 54 7.05 -8.10 -4.30
N MET I 55 6.65 -6.92 -3.85
CA MET I 55 5.66 -6.11 -4.54
C MET I 55 6.26 -4.77 -4.90
N ALA I 56 5.98 -4.28 -6.11
CA ALA I 56 6.54 -3.04 -6.59
C ALA I 56 5.44 -2.15 -7.15
N ILE I 57 5.73 -0.86 -7.18
CA ILE I 57 4.87 0.15 -7.81
C ILE I 57 5.68 0.80 -8.93
N MET I 58 5.06 0.90 -10.10
CA MET I 58 5.72 1.48 -11.26
C MET I 58 5.69 3.01 -11.17
N VAL I 59 6.82 3.65 -11.39
CA VAL I 59 6.92 5.10 -11.35
C VAL I 59 7.80 5.56 -12.51
N GLN I 60 7.59 6.81 -12.94
CA GLN I 60 8.43 7.37 -13.98
C GLN I 60 9.86 7.49 -13.48
N SER I 61 10.81 7.09 -14.32
CA SER I 61 12.21 7.20 -13.97
C SER I 61 12.72 8.58 -14.37
N PRO I 62 13.17 9.41 -13.43
CA PRO I 62 13.63 10.76 -13.79
C PRO I 62 14.92 10.77 -14.60
N MET I 63 15.51 9.61 -14.88
CA MET I 63 16.76 9.54 -15.63
C MET I 63 16.60 9.07 -17.07
N PHE I 64 15.46 8.49 -17.44
CA PHE I 64 15.25 8.07 -18.81
C PHE I 64 13.77 7.87 -19.08
N ASP I 65 13.42 7.85 -20.36
CA ASP I 65 12.05 7.71 -20.81
C ASP I 65 11.60 6.26 -20.62
N GLY I 66 10.90 5.99 -19.52
CA GLY I 66 10.41 4.66 -19.25
C GLY I 66 10.08 4.47 -17.78
N LYS I 67 9.10 3.61 -17.50
CA LYS I 67 8.71 3.35 -16.12
C LYS I 67 9.65 2.34 -15.49
N VAL I 68 9.81 2.46 -14.17
CA VAL I 68 10.69 1.58 -13.40
C VAL I 68 10.00 1.20 -12.11
N PRO I 69 10.22 -0.03 -11.64
CA PRO I 69 9.54 -0.47 -10.41
C PRO I 69 10.29 -0.10 -9.14
N HIS I 70 9.59 0.53 -8.19
CA HIS I 70 10.06 0.66 -6.83
C HIS I 70 9.61 -0.58 -6.07
N TRP I 71 10.57 -1.33 -5.54
CA TRP I 71 10.30 -2.62 -4.92
C TRP I 71 10.12 -2.50 -3.42
N TYR I 72 9.42 -3.47 -2.85
CA TYR I 72 9.10 -3.51 -1.43
C TYR I 72 8.97 -4.95 -0.98
N HIS I 73 9.50 -5.24 0.21
CA HIS I 73 9.13 -6.46 0.91
C HIS I 73 7.61 -6.55 0.99
N PHE I 74 7.08 -7.77 0.83
CA PHE I 74 5.63 -7.92 0.87
C PHE I 74 5.03 -7.35 2.15
N SER I 75 5.81 -7.26 3.23
CA SER I 75 5.30 -6.72 4.48
C SER I 75 5.37 -5.19 4.50
N CYS I 76 6.42 -4.62 3.92
CA CYS I 76 6.57 -3.17 3.95
C CYS I 76 5.60 -2.48 3.00
N PHE I 77 5.22 -3.14 1.90
CA PHE I 77 4.46 -2.48 0.85
C PHE I 77 3.19 -1.84 1.37
N TRP I 78 2.57 -2.40 2.41
CA TRP I 78 1.30 -1.89 2.88
C TRP I 78 1.44 -0.72 3.85
N LYS I 79 2.64 -0.49 4.38
CA LYS I 79 2.85 0.60 5.33
C LYS I 79 3.11 1.94 4.65
N VAL I 80 3.19 1.98 3.33
CA VAL I 80 3.46 3.22 2.61
C VAL I 80 2.20 3.96 2.20
N GLY I 81 1.02 3.45 2.56
CA GLY I 81 -0.23 4.14 2.31
C GLY I 81 -0.97 3.71 1.07
N HIS I 82 -0.47 2.73 0.31
CA HIS I 82 -1.16 2.24 -0.86
C HIS I 82 -2.11 1.11 -0.47
N SER I 83 -3.30 1.14 -1.05
CA SER I 83 -4.33 0.12 -0.81
C SER I 83 -4.91 -0.29 -2.14
N ILE I 84 -5.16 -1.59 -2.29
CA ILE I 84 -5.67 -2.17 -3.53
C ILE I 84 -7.00 -2.86 -3.23
N ARG I 85 -7.97 -2.63 -4.11
CA ARG I 85 -9.30 -3.20 -3.94
C ARG I 85 -9.39 -4.62 -4.49
N HIS I 86 -9.12 -4.78 -5.79
CA HIS I 86 -9.22 -6.06 -6.48
C HIS I 86 -7.85 -6.41 -7.05
N PRO I 87 -7.03 -7.16 -6.32
CA PRO I 87 -5.67 -7.45 -6.82
C PRO I 87 -5.65 -8.25 -8.11
N ASP I 88 -6.68 -9.06 -8.37
CA ASP I 88 -6.67 -9.93 -9.55
C ASP I 88 -6.60 -9.17 -10.86
N VAL I 89 -6.84 -7.85 -10.86
CA VAL I 89 -6.82 -7.07 -12.09
C VAL I 89 -5.96 -5.83 -11.91
N GLU I 90 -5.86 -5.33 -10.68
CA GLU I 90 -5.07 -4.13 -10.42
C GLU I 90 -3.57 -4.39 -10.41
N VAL I 91 -3.15 -5.64 -10.22
CA VAL I 91 -1.74 -5.96 -10.07
C VAL I 91 -1.30 -6.84 -11.24
N ASP I 92 -0.04 -6.65 -11.65
CA ASP I 92 0.53 -7.40 -12.75
C ASP I 92 1.19 -8.68 -12.24
N GLY I 93 1.08 -9.74 -13.02
CA GLY I 93 1.66 -11.02 -12.62
C GLY I 93 1.01 -11.66 -11.43
N PHE I 94 -0.20 -11.23 -11.07
CA PHE I 94 -0.91 -11.85 -9.96
C PHE I 94 -1.22 -13.31 -10.24
N SER I 95 -1.68 -13.61 -11.46
CA SER I 95 -2.04 -14.98 -11.81
C SER I 95 -0.83 -15.90 -11.88
N GLU I 96 0.39 -15.33 -11.98
CA GLU I 96 1.58 -16.16 -12.12
C GLU I 96 2.09 -16.69 -10.77
N LEU I 97 1.65 -16.13 -9.66
CA LEU I 97 2.11 -16.57 -8.35
C LEU I 97 1.52 -17.95 -8.01
N ARG I 98 2.00 -18.50 -6.90
CA ARG I 98 1.41 -19.72 -6.35
C ARG I 98 0.06 -19.40 -5.73
N TRP I 99 -0.83 -20.41 -5.70
CA TRP I 99 -2.21 -20.16 -5.34
C TRP I 99 -2.35 -19.59 -3.93
N ASP I 100 -1.79 -20.29 -2.95
CA ASP I 100 -1.87 -19.80 -1.57
C ASP I 100 -1.26 -18.41 -1.45
N ASP I 101 -0.27 -18.09 -2.27
CA ASP I 101 0.27 -16.73 -2.26
C ASP I 101 -0.71 -15.74 -2.87
N GLN I 102 -1.40 -16.13 -3.95
CA GLN I 102 -2.46 -15.28 -4.48
C GLN I 102 -3.50 -14.99 -3.41
N GLN I 103 -3.86 -16.00 -2.61
CA GLN I 103 -4.87 -15.79 -1.59
C GLN I 103 -4.32 -14.93 -0.44
N LYS I 104 -3.05 -15.10 -0.10
CA LYS I 104 -2.44 -14.22 0.90
C LYS I 104 -2.47 -12.77 0.45
N VAL I 105 -2.18 -12.53 -0.83
CA VAL I 105 -2.24 -11.17 -1.36
C VAL I 105 -3.66 -10.64 -1.32
N LYS I 106 -4.62 -11.44 -1.79
CA LYS I 106 -6.02 -11.02 -1.80
C LYS I 106 -6.53 -10.76 -0.40
N LYS I 107 -5.97 -11.45 0.61
CA LYS I 107 -6.37 -11.23 1.99
C LYS I 107 -5.76 -9.94 2.54
N THR I 108 -4.45 -9.76 2.35
CA THR I 108 -3.79 -8.57 2.86
C THR I 108 -4.31 -7.31 2.18
N ALA I 109 -4.80 -7.43 0.94
CA ALA I 109 -5.44 -6.29 0.29
C ALA I 109 -6.52 -5.70 1.17
N GLU I 110 -7.31 -6.54 1.83
CA GLU I 110 -8.30 -6.10 2.80
C GLU I 110 -7.60 -5.84 4.13
N ALA I 111 -7.85 -4.67 4.71
CA ALA I 111 -7.19 -4.20 5.92
C ALA I 111 -5.85 -3.57 5.54
N GLY I 112 -5.21 -4.08 4.48
CA GLY I 112 -4.00 -3.48 3.97
C GLY I 112 -2.88 -3.45 4.99
N GLY I 113 -2.28 -4.60 5.24
CA GLY I 113 -1.17 -4.71 6.17
C GLY I 113 -1.19 -6.05 6.88
N VAL I 114 0.01 -6.53 7.22
CA VAL I 114 0.13 -7.77 7.96
C VAL I 114 -0.63 -7.66 9.28
N THR I 115 -1.11 -8.80 9.77
CA THR I 115 -1.85 -8.85 11.02
C THR I 115 -1.27 -9.92 11.95
N SER J 10 57.16 -53.57 -56.21
CA SER J 10 56.58 -52.99 -55.01
C SER J 10 55.85 -51.68 -55.34
N LYS J 11 55.45 -51.52 -56.59
CA LYS J 11 54.80 -50.30 -57.06
C LYS J 11 53.31 -50.46 -57.26
N LYS J 12 52.75 -51.66 -57.05
CA LYS J 12 51.30 -51.83 -57.05
C LYS J 12 50.72 -51.58 -55.66
N GLU J 13 51.37 -52.11 -54.62
CA GLU J 13 51.08 -51.65 -53.27
C GLU J 13 51.20 -50.14 -53.18
N LYS J 14 52.16 -49.57 -53.90
CA LYS J 14 52.26 -48.12 -54.00
C LYS J 14 51.02 -47.54 -54.67
N ASP J 15 50.47 -48.24 -55.67
CA ASP J 15 49.26 -47.77 -56.32
C ASP J 15 48.10 -47.71 -55.33
N LYS J 16 47.94 -48.77 -54.53
CA LYS J 16 46.90 -48.77 -53.51
C LYS J 16 47.12 -47.65 -52.49
N ASP J 17 48.38 -47.44 -52.09
CA ASP J 17 48.69 -46.37 -51.14
C ASP J 17 48.29 -45.01 -51.70
N SER J 18 48.65 -44.74 -52.95
CA SER J 18 48.31 -43.46 -53.57
C SER J 18 46.80 -43.29 -53.66
N LYS J 19 46.08 -44.35 -54.03
CA LYS J 19 44.63 -44.22 -54.13
C LYS J 19 44.00 -43.95 -52.76
N LEU J 20 44.51 -44.61 -51.71
CA LEU J 20 43.98 -44.36 -50.38
C LEU J 20 44.23 -42.92 -49.93
N GLU J 21 45.44 -42.41 -50.18
CA GLU J 21 45.72 -41.02 -49.81
C GLU J 21 44.86 -40.06 -50.63
N LYS J 22 44.56 -40.40 -51.88
CA LYS J 22 43.66 -39.56 -52.68
C LYS J 22 42.28 -39.50 -52.06
N ALA J 23 41.73 -40.67 -51.68
CA ALA J 23 40.43 -40.68 -51.01
C ALA J 23 40.47 -39.88 -49.71
N LEU J 24 41.59 -39.96 -49.00
CA LEU J 24 41.74 -39.20 -47.75
C LEU J 24 41.64 -37.70 -48.00
N LYS J 25 42.41 -37.21 -48.97
CA LYS J 25 42.31 -35.80 -49.34
C LYS J 25 40.89 -35.43 -49.73
N ALA J 26 40.25 -36.29 -50.52
CA ALA J 26 38.87 -36.03 -50.94
C ALA J 26 37.98 -35.79 -49.73
N GLN J 27 38.00 -36.72 -48.77
CA GLN J 27 37.15 -36.58 -47.59
C GLN J 27 37.49 -35.32 -46.81
N ASN J 28 38.79 -35.02 -46.65
CA ASN J 28 39.17 -33.85 -45.87
C ASN J 28 38.63 -32.56 -46.48
N ASP J 29 38.94 -32.32 -47.76
CA ASP J 29 38.52 -31.07 -48.36
C ASP J 29 37.00 -31.01 -48.53
N LEU J 30 36.34 -32.18 -48.64
CA LEU J 30 34.88 -32.20 -48.63
C LEU J 30 34.34 -31.66 -47.30
N ILE J 31 34.79 -32.24 -46.20
CA ILE J 31 34.31 -31.79 -44.89
C ILE J 31 34.63 -30.32 -44.68
N TRP J 32 35.76 -29.84 -45.21
CA TRP J 32 36.10 -28.44 -45.01
C TRP J 32 35.21 -27.52 -45.84
N ASN J 33 34.90 -27.90 -47.08
CA ASN J 33 33.91 -27.16 -47.85
C ASN J 33 32.59 -27.07 -47.09
N ILE J 34 32.16 -28.19 -46.50
CA ILE J 34 30.90 -28.19 -45.75
C ILE J 34 31.00 -27.23 -44.57
N LYS J 35 32.11 -27.28 -43.83
CA LYS J 35 32.27 -26.42 -42.67
C LYS J 35 32.22 -24.94 -43.05
N ASP J 36 32.87 -24.58 -44.16
CA ASP J 36 32.85 -23.18 -44.58
C ASP J 36 31.45 -22.75 -45.03
N GLU J 37 30.74 -23.62 -45.75
CA GLU J 37 29.39 -23.29 -46.17
C GLU J 37 28.48 -23.08 -44.96
N LEU J 38 28.65 -23.90 -43.92
CA LEU J 38 27.88 -23.69 -42.69
C LEU J 38 28.27 -22.39 -42.01
N LYS J 39 29.57 -22.11 -41.91
CA LYS J 39 30.04 -20.83 -41.40
C LYS J 39 29.34 -19.68 -42.12
N LYS J 40 29.07 -19.85 -43.41
CA LYS J 40 28.46 -18.78 -44.20
C LYS J 40 26.96 -18.66 -43.92
N VAL J 41 26.19 -19.74 -44.16
CA VAL J 41 24.74 -19.62 -44.24
C VAL J 41 24.04 -19.77 -42.90
N CYS J 42 24.76 -19.97 -41.80
CA CYS J 42 24.13 -20.21 -40.52
C CYS J 42 24.86 -19.46 -39.41
N SER J 43 24.15 -19.25 -38.31
CA SER J 43 24.70 -18.68 -37.10
C SER J 43 24.94 -19.79 -36.06
N THR J 44 25.60 -19.42 -34.97
CA THR J 44 25.93 -20.41 -33.95
C THR J 44 24.67 -21.05 -33.36
N ASN J 45 23.65 -20.23 -33.06
CA ASN J 45 22.43 -20.77 -32.48
C ASN J 45 21.72 -21.72 -33.43
N ASP J 46 21.77 -21.45 -34.73
CA ASP J 46 21.18 -22.38 -35.70
C ASP J 46 21.88 -23.73 -35.65
N LEU J 47 23.20 -23.73 -35.50
CA LEU J 47 23.94 -24.99 -35.40
C LEU J 47 23.62 -25.72 -34.11
N LYS J 48 23.43 -24.96 -33.01
CA LYS J 48 23.00 -25.60 -31.77
C LYS J 48 21.63 -26.24 -31.93
N GLU J 49 20.70 -25.55 -32.61
CA GLU J 49 19.42 -26.16 -32.93
C GLU J 49 19.61 -27.45 -33.70
N LEU J 50 20.44 -27.41 -34.75
CA LEU J 50 20.72 -28.61 -35.54
C LEU J 50 21.17 -29.76 -34.66
N LEU J 51 22.19 -29.53 -33.83
CA LEU J 51 22.70 -30.61 -32.98
C LEU J 51 21.62 -31.13 -32.05
N ILE J 52 20.85 -30.24 -31.43
CA ILE J 52 19.82 -30.68 -30.50
C ILE J 52 18.77 -31.53 -31.21
N PHE J 53 18.48 -31.19 -32.46
CA PHE J 53 17.45 -31.93 -33.20
C PHE J 53 17.85 -33.38 -33.41
N ASN J 54 19.15 -33.65 -33.58
CA ASN J 54 19.66 -34.99 -33.81
C ASN J 54 20.06 -35.70 -32.52
N LYS J 55 19.47 -35.32 -31.39
CA LYS J 55 19.72 -35.94 -30.09
C LYS J 55 21.17 -35.78 -29.63
N GLN J 56 21.94 -34.93 -30.30
CA GLN J 56 23.36 -34.77 -30.00
C GLN J 56 23.56 -33.71 -28.92
N GLN J 57 24.56 -33.94 -28.07
CA GLN J 57 24.93 -32.95 -27.07
C GLN J 57 25.59 -31.75 -27.72
N VAL J 58 25.44 -30.59 -27.09
CA VAL J 58 25.96 -29.33 -27.61
C VAL J 58 27.30 -29.05 -26.93
N PRO J 59 28.40 -28.96 -27.67
CA PRO J 59 29.71 -28.79 -27.05
C PRO J 59 29.93 -27.34 -26.63
N SER J 60 31.13 -27.10 -26.09
CA SER J 60 31.57 -25.78 -25.66
C SER J 60 32.63 -25.28 -26.64
N GLY J 61 32.27 -24.30 -27.45
CA GLY J 61 33.21 -23.75 -28.44
C GLY J 61 32.66 -23.82 -29.84
N GLU J 62 32.67 -22.67 -30.51
CA GLU J 62 32.13 -22.58 -31.87
C GLU J 62 32.77 -23.61 -32.80
N SER J 63 34.11 -23.67 -32.79
CA SER J 63 34.83 -24.62 -33.63
C SER J 63 34.30 -26.04 -33.42
N ALA J 64 34.25 -26.47 -32.16
CA ALA J 64 33.76 -27.81 -31.86
C ALA J 64 32.32 -27.99 -32.32
N ILE J 65 31.49 -26.96 -32.16
CA ILE J 65 30.09 -27.06 -32.56
C ILE J 65 29.98 -27.39 -34.04
N LEU J 66 30.58 -26.56 -34.90
CA LEU J 66 30.42 -26.82 -36.32
C LEU J 66 31.16 -28.08 -36.76
N ASP J 67 32.24 -28.44 -36.06
CA ASP J 67 32.91 -29.70 -36.36
C ASP J 67 31.98 -30.89 -36.13
N ARG J 68 31.32 -30.92 -34.97
CA ARG J 68 30.40 -32.01 -34.69
C ARG J 68 29.22 -32.01 -35.64
N VAL J 69 28.75 -30.82 -36.03
CA VAL J 69 27.66 -30.74 -37.00
C VAL J 69 28.06 -31.39 -38.31
N ALA J 70 29.24 -31.02 -38.83
CA ALA J 70 29.72 -31.60 -40.08
C ALA J 70 29.88 -33.10 -39.97
N ASP J 71 30.44 -33.56 -38.84
CA ASP J 71 30.60 -35.00 -38.62
C ASP J 71 29.24 -35.71 -38.72
N GLY J 72 28.28 -35.26 -37.91
CA GLY J 72 26.96 -35.88 -37.95
C GLY J 72 26.34 -35.86 -39.33
N MET J 73 26.49 -34.75 -40.06
CA MET J 73 25.88 -34.65 -41.37
C MET J 73 26.49 -35.66 -42.34
N VAL J 74 27.82 -35.73 -42.39
CA VAL J 74 28.46 -36.56 -43.40
C VAL J 74 28.28 -38.03 -43.08
N PHE J 75 28.38 -38.41 -41.79
CA PHE J 75 28.41 -39.81 -41.42
C PHE J 75 27.21 -40.27 -40.58
N GLY J 76 26.35 -39.36 -40.15
CA GLY J 76 25.18 -39.73 -39.39
C GLY J 76 25.28 -39.28 -37.94
N ALA J 77 24.11 -39.14 -37.32
CA ALA J 77 24.03 -38.68 -35.93
C ALA J 77 24.50 -39.78 -34.99
N LEU J 78 25.62 -39.54 -34.32
CA LEU J 78 26.16 -40.53 -33.38
C LEU J 78 25.13 -40.83 -32.30
N LEU J 79 24.91 -42.12 -32.06
CA LEU J 79 23.97 -42.57 -31.05
C LEU J 79 24.61 -42.47 -29.66
N PRO J 80 23.82 -42.60 -28.60
CA PRO J 80 24.39 -42.55 -27.24
C PRO J 80 25.38 -43.67 -27.04
N CYS J 81 26.17 -43.53 -25.96
CA CYS J 81 27.19 -44.51 -25.65
C CYS J 81 26.56 -45.88 -25.37
N GLU J 82 27.41 -46.90 -25.35
CA GLU J 82 26.94 -48.27 -25.18
C GLU J 82 26.65 -48.57 -23.71
N GLU J 83 27.52 -48.14 -22.80
CA GLU J 83 27.39 -48.42 -21.38
C GLU J 83 26.96 -47.20 -20.58
N CYS J 84 27.71 -46.10 -20.69
CA CYS J 84 27.46 -44.92 -19.86
C CYS J 84 26.34 -44.02 -20.39
N SER J 85 25.93 -44.22 -21.64
CA SER J 85 24.90 -43.40 -22.28
C SER J 85 25.35 -41.97 -22.55
N GLY J 86 26.66 -41.74 -22.58
CA GLY J 86 27.20 -40.42 -22.90
C GLY J 86 27.23 -40.15 -24.39
N GLN J 87 28.14 -39.27 -24.79
CA GLN J 87 28.24 -38.82 -26.18
C GLN J 87 29.64 -39.02 -26.71
N LEU J 88 29.74 -39.55 -27.92
CA LEU J 88 31.02 -39.81 -28.56
C LEU J 88 31.42 -38.61 -29.42
N VAL J 89 32.73 -38.40 -29.54
CA VAL J 89 33.29 -37.28 -30.27
C VAL J 89 34.51 -37.76 -31.06
N PHE J 90 34.63 -37.28 -32.29
CA PHE J 90 35.82 -37.56 -33.09
C PHE J 90 37.04 -36.91 -32.45
N LYS J 91 38.19 -37.58 -32.58
CA LYS J 91 39.43 -37.14 -31.93
C LYS J 91 40.59 -37.61 -32.82
N SER J 92 40.74 -36.94 -33.96
CA SER J 92 41.85 -37.18 -34.87
C SER J 92 41.87 -38.62 -35.41
N ASP J 93 42.03 -39.60 -34.52
CA ASP J 93 42.24 -40.98 -34.94
C ASP J 93 41.02 -41.88 -34.79
N ALA J 94 40.07 -41.55 -33.92
CA ALA J 94 38.92 -42.41 -33.70
C ALA J 94 37.88 -41.64 -32.89
N TYR J 95 36.76 -42.29 -32.61
CA TYR J 95 35.69 -41.71 -31.81
C TYR J 95 35.89 -42.12 -30.36
N TYR J 96 36.11 -41.13 -29.50
CA TYR J 96 36.26 -41.36 -28.06
C TYR J 96 34.97 -40.98 -27.35
N CYS J 97 34.60 -41.77 -26.35
CA CYS J 97 33.43 -41.48 -25.55
C CYS J 97 33.78 -40.45 -24.47
N THR J 98 32.88 -39.48 -24.27
CA THR J 98 33.08 -38.42 -23.31
C THR J 98 32.07 -38.48 -22.17
N GLY J 99 31.48 -39.63 -21.92
CA GLY J 99 30.51 -39.80 -20.87
C GLY J 99 31.17 -39.97 -19.52
N ASP J 100 30.35 -40.36 -18.54
CA ASP J 100 30.80 -40.61 -17.18
C ASP J 100 30.22 -41.95 -16.73
N VAL J 101 31.06 -42.99 -16.77
CA VAL J 101 30.63 -44.31 -16.29
C VAL J 101 30.39 -44.29 -14.79
N THR J 102 30.92 -43.31 -14.08
CA THR J 102 30.69 -43.16 -12.65
C THR J 102 31.11 -41.75 -12.26
N ALA J 103 30.78 -41.39 -11.01
CA ALA J 103 31.11 -40.05 -10.51
C ALA J 103 32.60 -39.87 -10.26
N TRP J 104 33.40 -40.93 -10.40
CA TRP J 104 34.82 -40.86 -10.10
C TRP J 104 35.73 -41.02 -11.31
N THR J 105 35.28 -41.69 -12.37
CA THR J 105 36.14 -42.02 -13.49
C THR J 105 35.44 -41.71 -14.81
N LYS J 106 36.25 -41.36 -15.81
CA LYS J 106 35.76 -41.14 -17.16
C LYS J 106 35.59 -42.47 -17.89
N CYS J 107 34.57 -42.53 -18.74
CA CYS J 107 34.40 -43.68 -19.61
C CYS J 107 35.47 -43.68 -20.70
N MET J 108 36.05 -44.85 -20.96
CA MET J 108 37.18 -44.97 -21.86
C MET J 108 36.82 -45.68 -23.17
N VAL J 109 35.53 -45.76 -23.51
CA VAL J 109 35.14 -46.40 -24.75
C VAL J 109 35.87 -45.72 -25.92
N LYS J 110 36.07 -46.48 -26.98
CA LYS J 110 36.85 -46.02 -28.13
C LYS J 110 36.65 -46.95 -29.31
N THR J 111 36.16 -46.42 -30.43
CA THR J 111 35.85 -47.25 -31.59
C THR J 111 36.05 -46.43 -32.87
N GLN J 112 36.01 -47.14 -33.99
CA GLN J 112 36.08 -46.51 -35.31
C GLN J 112 34.82 -46.77 -36.13
N THR J 113 33.84 -47.49 -35.59
CA THR J 113 32.58 -47.78 -36.28
C THR J 113 31.44 -47.65 -35.27
N PRO J 114 31.19 -46.45 -34.76
CA PRO J 114 30.13 -46.26 -33.77
C PRO J 114 28.75 -46.45 -34.40
N ASN J 115 27.77 -46.65 -33.54
CA ASN J 115 26.38 -46.78 -33.97
C ASN J 115 25.78 -45.40 -34.19
N ARG J 116 25.06 -45.24 -35.29
CA ARG J 116 24.56 -43.92 -35.67
C ARG J 116 23.37 -44.07 -36.62
N LYS J 117 22.34 -43.27 -36.38
CA LYS J 117 21.24 -43.12 -37.31
C LYS J 117 21.59 -42.11 -38.39
N GLU J 118 20.81 -42.12 -39.47
CA GLU J 118 21.05 -41.18 -40.55
C GLU J 118 20.71 -39.77 -40.11
N TRP J 119 21.57 -38.83 -40.48
CA TRP J 119 21.36 -37.43 -40.11
C TRP J 119 20.05 -36.92 -40.70
N VAL J 120 19.47 -35.91 -40.05
CA VAL J 120 18.18 -35.35 -40.45
C VAL J 120 18.28 -33.83 -40.41
N THR J 121 18.51 -33.22 -41.56
CA THR J 121 18.53 -31.77 -41.65
C THR J 121 17.12 -31.22 -41.47
N PRO J 122 16.87 -30.33 -40.52
CA PRO J 122 15.53 -29.74 -40.41
C PRO J 122 15.16 -28.96 -41.67
N LYS J 123 13.86 -28.92 -41.95
CA LYS J 123 13.38 -28.30 -43.18
C LYS J 123 13.63 -26.79 -43.21
N GLU J 124 13.82 -26.17 -42.04
CA GLU J 124 14.12 -24.74 -42.01
C GLU J 124 15.30 -24.41 -42.92
N PHE J 125 16.37 -25.19 -42.81
CA PHE J 125 17.58 -24.99 -43.60
C PHE J 125 17.56 -25.80 -44.89
N ARG J 126 16.38 -26.17 -45.37
CA ARG J 126 16.28 -26.74 -46.72
C ARG J 126 16.88 -25.78 -47.74
N GLU J 127 16.63 -24.48 -47.56
CA GLU J 127 17.24 -23.47 -48.44
C GLU J 127 18.77 -23.62 -48.46
N ILE J 128 19.36 -24.02 -47.34
CA ILE J 128 20.78 -24.30 -47.30
C ILE J 128 21.09 -25.79 -47.53
N SER J 129 20.11 -26.67 -47.31
CA SER J 129 20.35 -28.10 -47.55
C SER J 129 20.66 -28.36 -49.01
N TYR J 130 19.89 -27.75 -49.91
CA TYR J 130 20.20 -27.83 -51.34
C TYR J 130 21.53 -27.17 -51.65
N LEU J 131 22.00 -26.25 -50.80
CA LEU J 131 23.33 -25.69 -50.95
C LEU J 131 24.41 -26.73 -50.73
N LYS J 132 24.09 -27.82 -50.01
CA LYS J 132 25.00 -28.95 -49.89
C LYS J 132 24.92 -29.90 -51.07
N LYS J 133 23.98 -29.68 -51.99
CA LYS J 133 23.79 -30.55 -53.15
C LYS J 133 23.55 -31.99 -52.72
N LEU J 134 22.94 -32.19 -51.56
CA LEU J 134 22.80 -33.52 -50.97
C LEU J 134 24.17 -34.15 -50.86
N LYS J 135 24.54 -34.99 -51.83
CA LYS J 135 25.86 -35.61 -51.88
C LYS J 135 26.20 -36.27 -50.54
N VAL J 136 25.21 -36.94 -49.95
CA VAL J 136 25.42 -37.59 -48.66
C VAL J 136 26.45 -38.71 -48.82
N LYS J 137 26.26 -39.58 -49.81
CA LYS J 137 27.19 -40.66 -50.08
C LYS J 137 27.17 -41.68 -48.94
N LYS J 138 27.44 -42.94 -49.26
CA LYS J 138 27.56 -44.00 -48.26
C LYS J 138 28.96 -44.05 -47.65
N GLN J 139 29.70 -42.95 -47.70
CA GLN J 139 31.08 -42.96 -47.22
C GLN J 139 31.11 -42.95 -45.70
N ASP J 140 31.88 -43.88 -45.13
CA ASP J 140 32.16 -43.88 -43.71
C ASP J 140 33.45 -43.14 -43.43
N ARG J 141 33.68 -42.83 -42.16
CA ARG J 141 34.89 -42.10 -41.78
C ARG J 141 36.13 -42.88 -42.20
N ILE J 142 37.06 -42.19 -42.86
CA ILE J 142 38.34 -42.77 -43.27
C ILE J 142 39.39 -42.34 -42.25
N PHE J 143 40.07 -43.30 -41.66
CA PHE J 143 41.07 -43.05 -40.63
C PHE J 143 42.48 -43.23 -41.18
N PRO J 144 43.49 -42.62 -40.55
CA PRO J 144 44.86 -42.77 -41.04
C PRO J 144 45.39 -44.19 -40.86
N ALA K 26 -44.31 27.06 -12.55
CA ALA K 26 -43.51 28.15 -13.09
C ALA K 26 -42.15 28.17 -12.42
N VAL K 27 -41.12 28.51 -13.20
CA VAL K 27 -39.76 28.64 -12.70
C VAL K 27 -39.57 30.05 -12.15
N ASP K 28 -38.99 30.15 -10.95
CA ASP K 28 -38.77 31.45 -10.36
C ASP K 28 -37.69 32.20 -11.13
N PRO K 29 -37.88 33.49 -11.41
CA PRO K 29 -36.89 34.21 -12.24
C PRO K 29 -35.59 34.51 -11.53
N ASP K 30 -35.59 34.59 -10.19
CA ASP K 30 -34.36 34.90 -9.47
C ASP K 30 -33.32 33.80 -9.60
N SER K 31 -33.68 32.63 -10.12
CA SER K 31 -32.71 31.57 -10.36
C SER K 31 -31.98 31.75 -11.69
N GLY K 32 -32.58 32.47 -12.64
CA GLY K 32 -31.97 32.68 -13.93
C GLY K 32 -32.08 31.53 -14.89
N LEU K 33 -32.64 30.39 -14.47
CA LEU K 33 -32.77 29.21 -15.32
C LEU K 33 -34.19 29.04 -15.84
N GLU K 34 -35.00 30.09 -15.83
CA GLU K 34 -36.37 29.99 -16.32
C GLU K 34 -36.41 29.52 -17.78
N HIS K 35 -35.41 29.91 -18.57
CA HIS K 35 -35.30 29.45 -19.95
C HIS K 35 -34.56 28.12 -20.05
N SER K 36 -33.39 28.04 -19.43
CA SER K 36 -32.51 26.88 -19.57
C SER K 36 -33.04 25.63 -18.90
N ALA K 37 -34.11 25.72 -18.11
CA ALA K 37 -34.59 24.58 -17.35
C ALA K 37 -36.10 24.70 -17.16
N HIS K 38 -36.66 23.75 -16.41
CA HIS K 38 -38.09 23.74 -16.12
C HIS K 38 -38.29 23.17 -14.73
N VAL K 39 -39.53 23.29 -14.24
CA VAL K 39 -39.88 22.79 -12.92
C VAL K 39 -40.14 21.30 -13.01
N LEU K 40 -39.70 20.57 -11.99
CA LEU K 40 -39.84 19.12 -11.96
C LEU K 40 -41.16 18.72 -11.31
N GLU K 41 -41.58 17.48 -11.56
CA GLU K 41 -42.79 16.95 -10.95
C GLU K 41 -42.74 15.44 -10.96
N LYS K 42 -42.71 14.83 -9.77
CA LYS K 42 -42.70 13.38 -9.60
C LYS K 42 -44.12 12.96 -9.23
N GLY K 43 -44.84 12.40 -10.21
CA GLY K 43 -46.22 12.00 -9.97
C GLY K 43 -47.13 13.20 -9.94
N GLY K 44 -48.08 13.19 -8.99
CA GLY K 44 -49.02 14.29 -8.87
C GLY K 44 -48.47 15.52 -8.19
N LYS K 45 -47.44 15.35 -7.35
CA LYS K 45 -46.83 16.48 -6.66
C LYS K 45 -45.81 17.15 -7.56
N VAL K 46 -45.83 18.49 -7.59
CA VAL K 46 -44.89 19.29 -8.37
C VAL K 46 -43.92 19.95 -7.40
N PHE K 47 -42.63 19.81 -7.66
CA PHE K 47 -41.58 20.31 -6.77
C PHE K 47 -41.44 21.82 -6.96
N SER K 48 -42.35 22.55 -6.32
CA SER K 48 -42.34 24.01 -6.35
C SER K 48 -43.28 24.54 -5.27
N ALA K 49 -42.83 24.50 -4.02
CA ALA K 49 -43.67 24.85 -2.88
C ALA K 49 -43.34 26.25 -2.37
N THR K 50 -44.33 26.85 -1.71
CA THR K 50 -44.20 28.19 -1.17
C THR K 50 -44.83 28.21 0.22
N LEU K 51 -44.03 28.55 1.22
CA LEU K 51 -44.46 28.58 2.61
C LEU K 51 -44.42 30.01 3.14
N GLY K 52 -45.25 30.28 4.14
CA GLY K 52 -45.27 31.57 4.80
C GLY K 52 -45.39 31.40 6.30
N LEU K 53 -44.93 32.40 7.03
CA LEU K 53 -44.93 32.36 8.49
C LEU K 53 -45.09 33.77 9.03
N VAL K 54 -46.08 33.97 9.89
CA VAL K 54 -46.39 35.30 10.43
C VAL K 54 -46.56 35.21 11.93
N ASP K 55 -46.15 36.28 12.62
CA ASP K 55 -46.32 36.42 14.06
C ASP K 55 -46.47 37.91 14.35
N ILE K 56 -47.67 38.34 14.73
CA ILE K 56 -47.95 39.76 14.86
C ILE K 56 -47.27 40.34 16.10
N VAL K 57 -47.16 39.57 17.18
CA VAL K 57 -46.56 40.09 18.40
C VAL K 57 -45.14 40.60 18.14
N LYS K 58 -44.37 39.84 17.34
CA LYS K 58 -43.01 40.22 17.00
C LYS K 58 -42.90 40.94 15.66
N GLY K 59 -43.96 40.91 14.85
CA GLY K 59 -43.94 41.51 13.54
C GLY K 59 -43.43 40.62 12.44
N THR K 60 -43.10 39.36 12.74
CA THR K 60 -42.53 38.47 11.74
C THR K 60 -43.53 38.23 10.61
N ASN K 61 -43.02 38.20 9.37
CA ASN K 61 -43.87 38.01 8.20
C ASN K 61 -42.93 37.58 7.06
N SER K 62 -42.71 36.28 6.94
CA SER K 62 -41.66 35.73 6.10
C SER K 62 -42.24 34.78 5.05
N TYR K 63 -41.59 34.76 3.89
CA TYR K 63 -41.93 33.88 2.77
C TYR K 63 -40.72 33.02 2.43
N TYR K 64 -41.00 31.82 1.90
CA TYR K 64 -39.98 30.84 1.59
C TYR K 64 -40.41 30.05 0.35
N LYS K 65 -39.73 30.25 -0.77
CA LYS K 65 -39.93 29.49 -1.98
C LYS K 65 -38.90 28.37 -2.08
N LEU K 66 -39.34 27.17 -2.44
CA LEU K 66 -38.46 26.02 -2.63
C LEU K 66 -38.81 25.35 -3.95
N GLN K 67 -37.83 25.26 -4.84
CA GLN K 67 -38.03 24.65 -6.15
C GLN K 67 -36.91 23.67 -6.45
N LEU K 68 -37.25 22.65 -7.24
CA LEU K 68 -36.28 21.67 -7.74
C LEU K 68 -36.39 21.67 -9.26
N LEU K 69 -35.40 22.25 -9.93
CA LEU K 69 -35.44 22.47 -11.37
C LEU K 69 -34.60 21.44 -12.10
N GLU K 70 -35.10 20.98 -13.25
CA GLU K 70 -34.40 20.06 -14.12
C GLU K 70 -34.13 20.73 -15.46
N ASP K 71 -32.93 20.53 -15.99
CA ASP K 71 -32.56 21.12 -17.26
C ASP K 71 -33.46 20.60 -18.38
N ASP K 72 -33.63 21.43 -19.42
CA ASP K 72 -34.33 20.94 -20.61
C ASP K 72 -33.56 19.80 -21.28
N LYS K 73 -32.22 19.89 -21.31
CA LYS K 73 -31.42 18.73 -21.69
C LYS K 73 -31.92 17.50 -20.97
N GLU K 74 -32.11 17.65 -19.67
CA GLU K 74 -32.76 16.72 -18.79
C GLU K 74 -31.85 16.23 -17.66
N ASN K 75 -30.50 16.42 -17.66
CA ASN K 75 -29.89 15.75 -16.52
C ASN K 75 -29.08 16.62 -15.56
N ARG K 76 -29.04 17.94 -15.70
CA ARG K 76 -28.56 18.80 -14.62
C ARG K 76 -29.72 19.14 -13.69
N TYR K 77 -29.43 19.17 -12.39
CA TYR K 77 -30.44 19.38 -11.35
C TYR K 77 -30.06 20.52 -10.43
N TRP K 78 -31.04 21.35 -10.08
CA TRP K 78 -30.81 22.51 -9.23
C TRP K 78 -31.82 22.54 -8.09
N ILE K 79 -31.33 22.85 -6.89
CA ILE K 79 -32.17 23.12 -5.73
C ILE K 79 -32.14 24.63 -5.50
N PHE K 80 -33.30 25.28 -5.65
CA PHE K 80 -33.41 26.72 -5.52
C PHE K 80 -34.18 27.06 -4.25
N ARG K 81 -33.51 27.70 -3.30
CA ARG K 81 -34.13 28.24 -2.10
C ARG K 81 -34.23 29.74 -2.23
N SER K 82 -35.35 30.31 -1.78
CA SER K 82 -35.52 31.75 -1.72
C SER K 82 -36.28 32.07 -0.43
N TRP K 83 -35.91 33.15 0.23
CA TRP K 83 -36.57 33.49 1.49
C TRP K 83 -36.51 34.99 1.69
N GLY K 84 -37.39 35.49 2.56
CA GLY K 84 -37.26 36.88 2.97
C GLY K 84 -38.57 37.42 3.53
N ARG K 85 -38.65 38.75 3.54
CA ARG K 85 -39.83 39.46 4.01
C ARG K 85 -40.82 39.63 2.86
N VAL K 86 -42.11 39.40 3.16
CA VAL K 86 -43.11 39.38 2.11
C VAL K 86 -43.16 40.73 1.40
N GLY K 87 -43.21 40.69 0.08
CA GLY K 87 -43.34 41.93 -0.70
C GLY K 87 -42.37 43.01 -0.30
N THR K 88 -41.11 42.64 -0.07
CA THR K 88 -40.09 43.61 0.34
C THR K 88 -38.76 43.20 -0.25
N VAL K 89 -37.83 44.16 -0.29
CA VAL K 89 -36.49 43.89 -0.79
C VAL K 89 -35.71 42.99 0.14
N ILE K 90 -36.10 42.90 1.41
CA ILE K 90 -35.35 42.12 2.39
C ILE K 90 -35.53 40.64 2.10
N GLY K 91 -34.42 39.95 1.87
CA GLY K 91 -34.45 38.54 1.56
C GLY K 91 -33.17 38.13 0.86
N SER K 92 -33.18 36.91 0.34
CA SER K 92 -32.04 36.37 -0.40
C SER K 92 -32.44 35.01 -0.98
N ASN K 93 -31.48 34.37 -1.63
CA ASN K 93 -31.72 33.09 -2.30
C ASN K 93 -30.40 32.34 -2.42
N LYS K 94 -30.51 31.04 -2.67
CA LYS K 94 -29.36 30.19 -2.95
C LYS K 94 -29.75 29.16 -4.00
N LEU K 95 -28.91 29.06 -5.04
CA LEU K 95 -29.08 28.08 -6.11
C LEU K 95 -27.95 27.07 -6.00
N GLU K 96 -28.26 25.86 -5.55
CA GLU K 96 -27.27 24.80 -5.33
C GLU K 96 -27.44 23.76 -6.42
N GLN K 97 -26.43 23.62 -7.27
CA GLN K 97 -26.48 22.61 -8.33
C GLN K 97 -26.25 21.24 -7.70
N MET K 98 -27.31 20.45 -7.62
CA MET K 98 -27.19 19.11 -7.04
C MET K 98 -26.55 18.18 -8.06
N PRO K 99 -25.51 17.43 -7.68
CA PRO K 99 -24.83 16.57 -8.66
C PRO K 99 -25.69 15.38 -9.09
N SER K 100 -26.30 14.71 -8.11
CA SER K 100 -27.04 13.50 -8.40
C SER K 100 -28.43 13.82 -8.91
N LYS K 101 -28.92 12.97 -9.83
CA LYS K 101 -30.24 13.14 -10.40
C LYS K 101 -31.35 12.92 -9.38
N GLU K 102 -31.06 12.21 -8.28
CA GLU K 102 -32.06 11.83 -7.30
C GLU K 102 -31.81 12.43 -5.92
N ASP K 103 -30.56 12.52 -5.49
CA ASP K 103 -30.28 13.13 -4.18
C ASP K 103 -30.84 14.54 -4.07
N ALA K 104 -31.06 15.19 -5.21
CA ALA K 104 -31.76 16.48 -5.19
C ALA K 104 -33.11 16.35 -4.51
N ILE K 105 -33.82 15.24 -4.77
CA ILE K 105 -35.13 15.03 -4.15
C ILE K 105 -34.97 14.78 -2.65
N GLU K 106 -33.94 14.04 -2.27
CA GLU K 106 -33.67 13.84 -0.84
C GLU K 106 -33.45 15.18 -0.14
N HIS K 107 -32.65 16.06 -0.75
CA HIS K 107 -32.40 17.37 -0.17
C HIS K 107 -33.67 18.21 -0.13
N PHE K 108 -34.47 18.16 -1.19
CA PHE K 108 -35.74 18.88 -1.22
C PHE K 108 -36.65 18.47 -0.08
N MET K 109 -36.83 17.15 0.10
CA MET K 109 -37.69 16.66 1.16
C MET K 109 -37.13 17.00 2.54
N LYS K 110 -35.80 16.89 2.69
CA LYS K 110 -35.18 17.26 3.96
C LYS K 110 -35.50 18.71 4.31
N LEU K 111 -35.30 19.62 3.35
CA LEU K 111 -35.56 21.03 3.62
C LEU K 111 -37.04 21.26 3.92
N TYR K 112 -37.93 20.65 3.12
CA TYR K 112 -39.36 20.82 3.36
C TYR K 112 -39.73 20.41 4.78
N GLU K 113 -39.32 19.21 5.19
CA GLU K 113 -39.68 18.73 6.52
C GLU K 113 -38.93 19.47 7.64
N GLU K 114 -37.79 20.08 7.33
CA GLU K 114 -37.08 20.87 8.34
C GLU K 114 -37.69 22.25 8.50
N LYS K 115 -38.36 22.75 7.47
CA LYS K 115 -38.94 24.09 7.53
C LYS K 115 -40.39 24.09 7.98
N THR K 116 -41.18 23.11 7.55
CA THR K 116 -42.61 23.08 7.88
C THR K 116 -42.99 22.01 8.90
N GLY K 117 -42.10 21.05 9.18
CA GLY K 117 -42.44 19.98 10.09
C GLY K 117 -43.35 18.92 9.52
N ASN K 118 -43.62 18.96 8.21
CA ASN K 118 -44.44 17.97 7.54
C ASN K 118 -43.64 17.29 6.44
N ALA K 119 -43.99 16.04 6.16
CA ALA K 119 -43.38 15.34 5.04
C ALA K 119 -43.81 15.99 3.72
N TRP K 120 -43.08 15.66 2.65
CA TRP K 120 -43.38 16.25 1.35
C TRP K 120 -44.77 15.83 0.86
N HIS K 121 -45.02 14.54 0.80
CA HIS K 121 -46.33 14.02 0.37
C HIS K 121 -47.19 13.71 1.60
N SER K 122 -47.36 14.72 2.45
CA SER K 122 -48.21 14.59 3.62
C SER K 122 -49.68 14.67 3.20
N LYS K 123 -50.47 13.68 3.61
CA LYS K 123 -51.90 13.73 3.35
C LYS K 123 -52.54 14.94 4.00
N ASN K 124 -51.98 15.41 5.11
CA ASN K 124 -52.52 16.54 5.87
C ASN K 124 -51.42 17.54 6.13
N PHE K 125 -51.70 18.81 5.85
CA PHE K 125 -50.74 19.89 6.10
C PHE K 125 -50.88 20.38 7.54
N THR K 126 -50.41 19.55 8.46
CA THR K 126 -50.41 19.93 9.86
C THR K 126 -49.55 21.17 10.08
N LYS K 127 -49.98 22.03 11.00
CA LYS K 127 -49.23 23.21 11.39
C LYS K 127 -48.41 22.88 12.64
N TYR K 128 -47.09 23.00 12.54
CA TYR K 128 -46.25 22.75 13.70
C TYR K 128 -45.81 24.07 14.33
N PRO K 129 -45.71 24.13 15.65
CA PRO K 129 -45.41 25.41 16.30
C PRO K 129 -44.04 25.93 15.90
N LYS K 130 -43.97 27.24 15.66
CA LYS K 130 -42.74 27.95 15.30
C LYS K 130 -42.28 27.64 13.88
N LYS K 131 -42.94 26.72 13.18
CA LYS K 131 -42.54 26.32 11.84
C LYS K 131 -43.47 26.94 10.81
N PHE K 132 -43.07 26.86 9.55
CA PHE K 132 -43.81 27.48 8.46
C PHE K 132 -45.09 26.71 8.19
N TYR K 133 -45.87 27.20 7.21
CA TYR K 133 -47.11 26.58 6.75
C TYR K 133 -47.14 26.63 5.23
N PRO K 134 -47.54 25.55 4.56
CA PRO K 134 -47.52 25.56 3.09
C PRO K 134 -48.74 26.21 2.49
N LEU K 135 -48.51 27.02 1.46
CA LEU K 135 -49.57 27.70 0.73
C LEU K 135 -49.83 27.00 -0.60
N GLU K 136 -51.10 26.97 -0.99
CA GLU K 136 -51.53 26.32 -2.23
C GLU K 136 -51.60 27.39 -3.32
N ILE K 137 -50.62 27.38 -4.22
CA ILE K 137 -50.56 28.33 -5.32
C ILE K 137 -51.25 27.72 -6.53
N ASP K 138 -51.75 28.58 -7.42
CA ASP K 138 -52.46 28.15 -8.62
C ASP K 138 -53.76 27.42 -8.26
N LEU K 173 -51.62 42.32 -10.17
CA LEU K 173 -50.39 41.58 -9.96
C LEU K 173 -49.85 41.79 -8.54
N GLN K 174 -50.06 42.99 -8.00
CA GLN K 174 -49.48 43.35 -6.71
C GLN K 174 -50.39 43.02 -5.54
N LYS K 175 -51.71 43.01 -5.72
CA LYS K 175 -52.59 42.72 -4.58
C LYS K 175 -52.25 41.37 -3.95
N MET K 176 -51.78 40.41 -4.75
CA MET K 176 -51.33 39.12 -4.25
C MET K 176 -49.81 39.07 -4.31
N PRO K 177 -49.09 39.32 -3.21
CA PRO K 177 -47.63 39.43 -3.30
C PRO K 177 -46.94 38.15 -3.75
N LEU K 178 -47.51 36.99 -3.43
CA LEU K 178 -46.85 35.72 -3.72
C LEU K 178 -47.50 34.95 -4.87
N GLY K 179 -48.54 35.50 -5.48
CA GLY K 179 -49.18 34.89 -6.64
C GLY K 179 -50.61 34.47 -6.33
N LYS K 180 -51.20 33.78 -7.30
CA LYS K 180 -52.58 33.33 -7.18
C LYS K 180 -52.77 32.50 -5.90
N LEU K 181 -54.03 32.16 -5.64
CA LEU K 181 -54.40 31.34 -4.49
C LEU K 181 -55.51 30.39 -4.91
N SER K 182 -55.48 29.18 -4.37
CA SER K 182 -56.53 28.22 -4.66
C SER K 182 -57.81 28.60 -3.91
N LYS K 183 -58.95 28.19 -4.48
CA LYS K 183 -60.24 28.49 -3.86
C LYS K 183 -60.36 27.86 -2.49
N ARG K 184 -59.60 26.80 -2.20
CA ARG K 184 -59.63 26.19 -0.87
C ARG K 184 -59.10 27.15 0.18
N GLN K 185 -57.92 27.74 -0.08
CA GLN K 185 -57.35 28.69 0.87
C GLN K 185 -58.27 29.89 1.06
N ILE K 186 -58.89 30.37 0.00
CA ILE K 186 -59.74 31.55 0.10
C ILE K 186 -61.02 31.20 0.87
N GLN K 187 -61.56 30.00 0.67
CA GLN K 187 -62.70 29.55 1.45
C GLN K 187 -62.34 29.48 2.94
N ALA K 188 -61.19 28.90 3.24
CA ALA K 188 -60.76 28.80 4.64
C ALA K 188 -60.56 30.18 5.25
N ALA K 189 -59.99 31.11 4.49
CA ALA K 189 -59.81 32.47 4.98
C ALA K 189 -61.15 33.15 5.21
N TYR K 190 -62.13 32.91 4.33
CA TYR K 190 -63.46 33.48 4.53
C TYR K 190 -64.11 32.93 5.79
N SER K 191 -63.93 31.63 6.06
CA SER K 191 -64.47 31.07 7.29
C SER K 191 -63.77 31.64 8.52
N ILE K 192 -62.45 31.86 8.43
CA ILE K 192 -61.72 32.46 9.53
C ILE K 192 -62.20 33.89 9.77
N LEU K 193 -62.51 34.62 8.69
CA LEU K 193 -63.07 35.96 8.84
C LEU K 193 -64.45 35.90 9.49
N SER K 194 -65.24 34.89 9.14
CA SER K 194 -66.51 34.66 9.82
C SER K 194 -66.30 34.53 11.33
N GLU K 195 -65.35 33.67 11.71
CA GLU K 195 -65.08 33.48 13.14
C GLU K 195 -64.58 34.76 13.78
N VAL K 196 -63.77 35.53 13.07
CA VAL K 196 -63.26 36.79 13.62
C VAL K 196 -64.39 37.78 13.83
N GLN K 197 -65.33 37.84 12.88
CA GLN K 197 -66.48 38.74 13.04
C GLN K 197 -67.33 38.33 14.22
N GLN K 198 -67.58 37.02 14.37
CA GLN K 198 -68.37 36.58 15.52
C GLN K 198 -67.65 36.85 16.84
N ALA K 199 -66.32 36.74 16.86
CA ALA K 199 -65.57 36.98 18.09
C ALA K 199 -65.48 38.47 18.41
N VAL K 200 -65.50 39.33 17.39
CA VAL K 200 -65.58 40.76 17.63
C VAL K 200 -66.96 41.14 18.14
N SER K 201 -68.00 40.46 17.64
CA SER K 201 -69.34 40.62 18.21
C SER K 201 -69.36 40.18 19.67
N GLN K 202 -68.67 39.08 19.99
CA GLN K 202 -68.53 38.65 21.37
C GLN K 202 -67.77 39.70 22.18
N GLY K 203 -66.76 40.31 21.58
CA GLY K 203 -66.00 41.36 22.25
C GLY K 203 -65.18 40.88 23.42
N SER K 204 -64.54 39.73 23.30
CA SER K 204 -63.75 39.18 24.40
C SER K 204 -62.61 38.35 23.82
N SER K 205 -61.64 38.03 24.67
CA SER K 205 -60.50 37.21 24.31
C SER K 205 -59.74 37.82 23.14
N ASP K 206 -58.88 38.81 23.43
CA ASP K 206 -58.04 39.39 22.40
C ASP K 206 -56.97 38.42 21.92
N SER K 207 -56.62 37.42 22.74
CA SER K 207 -55.67 36.40 22.29
C SER K 207 -56.25 35.56 21.17
N GLN K 208 -57.55 35.27 21.24
CA GLN K 208 -58.21 34.57 20.13
C GLN K 208 -58.18 35.42 18.87
N ILE K 209 -58.38 36.73 19.03
CA ILE K 209 -58.29 37.62 17.88
C ILE K 209 -56.87 37.58 17.30
N LEU K 210 -55.85 37.56 18.16
CA LEU K 210 -54.48 37.47 17.68
C LEU K 210 -54.25 36.17 16.92
N ASP K 211 -54.75 35.05 17.44
CA ASP K 211 -54.57 33.77 16.78
C ASP K 211 -55.22 33.78 15.40
N LEU K 212 -56.48 34.22 15.32
CA LEU K 212 -57.17 34.24 14.04
C LEU K 212 -56.49 35.20 13.07
N SER K 213 -55.97 36.32 13.58
CA SER K 213 -55.28 37.27 12.71
C SER K 213 -54.01 36.65 12.13
N ASN K 214 -53.25 35.93 12.96
CA ASN K 214 -52.05 35.26 12.45
C ASN K 214 -52.43 34.23 11.39
N ARG K 215 -53.44 33.42 11.66
CA ARG K 215 -53.86 32.42 10.67
C ARG K 215 -54.25 33.08 9.35
N PHE K 216 -55.05 34.14 9.43
CA PHE K 216 -55.52 34.81 8.21
C PHE K 216 -54.35 35.42 7.43
N TYR K 217 -53.50 36.20 8.11
CA TYR K 217 -52.37 36.81 7.44
C TYR K 217 -51.40 35.76 6.89
N THR K 218 -51.40 34.55 7.45
CA THR K 218 -50.60 33.48 6.85
C THR K 218 -51.24 32.98 5.57
N LEU K 219 -52.55 32.69 5.61
CA LEU K 219 -53.21 32.16 4.42
C LEU K 219 -53.28 33.21 3.30
N ILE K 220 -53.40 34.48 3.65
CA ILE K 220 -53.54 35.56 2.68
C ILE K 220 -52.39 36.54 2.90
N PRO K 221 -51.33 36.46 2.11
CA PRO K 221 -50.21 37.38 2.29
C PRO K 221 -50.59 38.82 2.00
N HIS K 222 -49.97 39.74 2.75
CA HIS K 222 -50.15 41.17 2.56
C HIS K 222 -48.79 41.86 2.59
N ASP K 223 -48.67 42.92 1.80
CA ASP K 223 -47.43 43.70 1.72
C ASP K 223 -47.52 44.83 2.73
N PHE K 224 -47.14 44.54 3.98
CA PHE K 224 -47.13 45.52 5.05
C PHE K 224 -45.80 46.24 5.18
N GLY K 225 -44.87 46.01 4.25
CA GLY K 225 -43.58 46.66 4.34
C GLY K 225 -42.84 46.26 5.60
N MET K 226 -42.27 47.26 6.28
CA MET K 226 -41.55 47.04 7.52
C MET K 226 -42.44 47.29 8.75
N LYS K 227 -43.75 47.37 8.57
CA LYS K 227 -44.66 47.72 9.64
C LYS K 227 -45.29 46.47 10.24
N LYS K 228 -45.51 46.51 11.55
CA LYS K 228 -46.16 45.39 12.23
C LYS K 228 -47.58 45.22 11.70
N PRO K 229 -47.96 44.03 11.26
CA PRO K 229 -49.32 43.84 10.74
C PRO K 229 -50.36 44.24 11.77
N PRO K 230 -51.48 44.84 11.33
CA PRO K 230 -52.49 45.29 12.29
C PRO K 230 -53.43 44.16 12.69
N LEU K 231 -53.77 44.15 13.99
CA LEU K 231 -54.73 43.17 14.48
C LEU K 231 -56.10 43.40 13.86
N LEU K 232 -56.88 42.32 13.77
CA LEU K 232 -58.22 42.38 13.21
C LEU K 232 -59.28 42.45 14.30
N ASN K 233 -59.15 43.42 15.20
CA ASN K 233 -60.17 43.66 16.23
C ASN K 233 -61.27 44.58 15.72
N ASN K 234 -60.95 45.46 14.78
CA ASN K 234 -61.93 46.39 14.23
C ASN K 234 -62.87 45.67 13.26
N ALA K 235 -64.15 46.05 13.30
CA ALA K 235 -65.14 45.42 12.43
C ALA K 235 -65.02 45.92 11.00
N ASP K 236 -64.76 47.22 10.81
CA ASP K 236 -64.58 47.75 9.46
C ASP K 236 -63.40 47.07 8.77
N SER K 237 -62.36 46.72 9.51
CA SER K 237 -61.25 45.99 8.91
C SER K 237 -61.68 44.61 8.42
N VAL K 238 -62.48 43.91 9.22
CA VAL K 238 -63.00 42.61 8.79
C VAL K 238 -63.84 42.76 7.54
N GLN K 239 -64.67 43.80 7.49
CA GLN K 239 -65.50 44.02 6.30
C GLN K 239 -64.64 44.31 5.08
N ALA K 240 -63.60 45.13 5.24
CA ALA K 240 -62.71 45.44 4.12
C ALA K 240 -62.03 44.18 3.63
N LYS K 241 -61.54 43.34 4.54
CA LYS K 241 -60.85 42.11 4.11
C LYS K 241 -61.83 41.11 3.50
N ALA K 242 -63.08 41.09 3.96
CA ALA K 242 -64.08 40.22 3.34
C ALA K 242 -64.40 40.70 1.92
N GLU K 243 -64.50 42.01 1.72
CA GLU K 243 -64.67 42.53 0.37
C GLU K 243 -63.46 42.20 -0.50
N MET K 244 -62.26 42.26 0.07
CA MET K 244 -61.06 41.86 -0.66
C MET K 244 -61.13 40.40 -1.08
N LEU K 245 -61.57 39.53 -0.17
CA LEU K 245 -61.68 38.11 -0.51
C LEU K 245 -62.75 37.86 -1.55
N ASP K 246 -63.85 38.62 -1.51
CA ASP K 246 -64.86 38.51 -2.56
C ASP K 246 -64.29 38.95 -3.91
N ASN K 247 -63.46 39.99 -3.91
CA ASN K 247 -62.79 40.39 -5.14
C ASN K 247 -61.88 39.28 -5.64
N LEU K 248 -61.13 38.66 -4.74
CA LEU K 248 -60.27 37.54 -5.14
C LEU K 248 -61.09 36.39 -5.71
N LEU K 249 -62.24 36.10 -5.10
CA LEU K 249 -63.10 35.02 -5.59
C LEU K 249 -63.63 35.33 -6.98
N ASP K 250 -64.05 36.58 -7.21
CA ASP K 250 -64.52 36.97 -8.53
C ASP K 250 -63.40 36.88 -9.56
N ILE K 251 -62.19 37.29 -9.18
CA ILE K 251 -61.05 37.20 -10.10
C ILE K 251 -60.74 35.75 -10.41
N GLU K 252 -60.88 34.86 -9.43
CA GLU K 252 -60.59 33.45 -9.66
C GLU K 252 -61.65 32.81 -10.56
N VAL K 253 -62.92 33.11 -10.32
CA VAL K 253 -63.97 32.53 -11.17
C VAL K 253 -63.87 33.10 -12.58
N ALA K 254 -63.34 34.32 -12.73
CA ALA K 254 -63.14 34.87 -14.06
C ALA K 254 -62.25 33.96 -14.90
N TYR K 255 -61.28 33.30 -14.27
CA TYR K 255 -60.39 32.38 -14.97
C TYR K 255 -61.10 31.05 -15.22
N ALA L 25 41.27 -26.39 14.94
CA ALA L 25 41.70 -26.11 13.57
C ALA L 25 43.08 -25.45 13.56
N ALA L 26 43.60 -25.18 12.37
CA ALA L 26 44.92 -24.62 12.21
C ALA L 26 44.95 -23.67 11.02
N VAL L 27 45.71 -22.60 11.14
CA VAL L 27 45.88 -21.62 10.06
C VAL L 27 47.00 -22.10 9.15
N ASP L 28 46.76 -22.05 7.85
CA ASP L 28 47.77 -22.48 6.89
C ASP L 28 48.92 -21.47 6.87
N PRO L 29 50.18 -21.94 6.87
CA PRO L 29 51.30 -21.00 6.96
C PRO L 29 51.54 -20.21 5.69
N ASP L 30 51.14 -20.72 4.53
CA ASP L 30 51.36 -20.01 3.28
C ASP L 30 50.59 -18.69 3.20
N SER L 31 49.63 -18.47 4.11
CA SER L 31 48.92 -17.20 4.16
C SER L 31 49.70 -16.13 4.92
N GLY L 32 50.60 -16.53 5.82
CA GLY L 32 51.36 -15.59 6.60
C GLY L 32 50.64 -14.97 7.77
N LEU L 33 49.35 -15.28 7.95
CA LEU L 33 48.55 -14.71 9.03
C LEU L 33 48.34 -15.71 10.17
N GLU L 34 49.16 -16.75 10.24
CA GLU L 34 49.01 -17.74 11.31
C GLU L 34 49.11 -17.10 12.69
N HIS L 35 49.92 -16.04 12.83
CA HIS L 35 50.02 -15.31 14.08
C HIS L 35 48.96 -14.21 14.18
N SER L 36 48.85 -13.38 13.13
CA SER L 36 48.01 -12.20 13.16
C SER L 36 46.52 -12.52 13.14
N ALA L 37 46.14 -13.78 12.92
CA ALA L 37 44.73 -14.14 12.78
C ALA L 37 44.52 -15.56 13.26
N HIS L 38 43.28 -16.03 13.11
CA HIS L 38 42.92 -17.39 13.50
C HIS L 38 41.85 -17.90 12.55
N VAL L 39 41.58 -19.20 12.65
CA VAL L 39 40.59 -19.85 11.81
C VAL L 39 39.20 -19.58 12.38
N LEU L 40 38.25 -19.34 11.50
CA LEU L 40 36.87 -19.02 11.90
C LEU L 40 36.05 -20.30 12.03
N GLU L 41 34.94 -20.19 12.75
CA GLU L 41 34.02 -21.32 12.92
C GLU L 41 32.65 -20.79 13.29
N LYS L 42 31.67 -21.02 12.41
CA LYS L 42 30.27 -20.63 12.63
C LYS L 42 29.52 -21.88 13.07
N GLY L 43 29.23 -21.98 14.37
CA GLY L 43 28.54 -23.15 14.87
C GLY L 43 29.48 -24.35 14.95
N GLY L 44 28.96 -25.52 14.57
CA GLY L 44 29.76 -26.72 14.60
C GLY L 44 30.74 -26.86 13.45
N LYS L 45 30.46 -26.22 12.33
CA LYS L 45 31.34 -26.28 11.16
C LYS L 45 32.47 -25.26 11.32
N VAL L 46 33.69 -25.68 11.01
CA VAL L 46 34.87 -24.83 11.04
C VAL L 46 35.28 -24.54 9.61
N PHE L 47 35.48 -23.26 9.30
CA PHE L 47 35.79 -22.81 7.94
C PHE L 47 37.26 -23.09 7.65
N SER L 48 37.55 -24.35 7.32
CA SER L 48 38.90 -24.78 6.96
C SER L 48 38.83 -26.16 6.33
N ALA L 49 38.42 -26.22 5.06
CA ALA L 49 38.18 -27.47 4.37
C ALA L 49 39.33 -27.81 3.43
N THR L 50 39.47 -29.10 3.15
CA THR L 50 40.53 -29.61 2.29
C THR L 50 39.93 -30.67 1.37
N LEU L 51 40.02 -30.44 0.06
CA LEU L 51 39.47 -31.33 -0.95
C LEU L 51 40.59 -31.93 -1.78
N GLY L 52 40.33 -33.12 -2.33
CA GLY L 52 41.27 -33.77 -3.23
C GLY L 52 40.54 -34.37 -4.41
N LEU L 53 41.29 -34.54 -5.50
CA LEU L 53 40.71 -35.06 -6.73
C LEU L 53 41.78 -35.83 -7.49
N VAL L 54 41.48 -37.09 -7.83
CA VAL L 54 42.45 -37.96 -8.49
C VAL L 54 41.79 -38.65 -9.69
N ASP L 55 42.59 -38.85 -10.74
CA ASP L 55 42.17 -39.58 -11.92
C ASP L 55 43.41 -40.27 -12.49
N ILE L 56 43.45 -41.60 -12.39
CA ILE L 56 44.66 -42.33 -12.74
C ILE L 56 44.86 -42.37 -14.26
N VAL L 57 43.77 -42.42 -15.03
CA VAL L 57 43.92 -42.50 -16.48
C VAL L 57 44.71 -41.32 -17.02
N LYS L 58 44.45 -40.12 -16.49
CA LYS L 58 45.15 -38.92 -16.90
C LYS L 58 46.32 -38.57 -15.99
N GLY L 59 46.40 -39.17 -14.81
CA GLY L 59 47.44 -38.86 -13.85
C GLY L 59 47.10 -37.74 -12.90
N THR L 60 45.90 -37.17 -12.98
CA THR L 60 45.54 -36.04 -12.15
C THR L 60 45.55 -36.43 -10.69
N ASN L 61 46.06 -35.51 -9.84
CA ASN L 61 46.17 -35.77 -8.41
C ASN L 61 46.36 -34.40 -7.74
N SER L 62 45.24 -33.75 -7.41
CA SER L 62 45.22 -32.36 -7.00
C SER L 62 44.63 -32.19 -5.61
N TYR L 63 45.15 -31.19 -4.89
CA TYR L 63 44.69 -30.81 -3.57
C TYR L 63 44.24 -29.36 -3.59
N TYR L 64 43.28 -29.05 -2.71
CA TYR L 64 42.67 -27.72 -2.64
C TYR L 64 42.32 -27.41 -1.18
N LYS L 65 43.04 -26.46 -0.59
CA LYS L 65 42.74 -25.96 0.74
C LYS L 65 41.93 -24.68 0.64
N LEU L 66 40.88 -24.56 1.47
CA LEU L 66 40.04 -23.37 1.53
C LEU L 66 39.86 -22.98 2.98
N GLN L 67 40.26 -21.76 3.34
CA GLN L 67 40.15 -21.27 4.70
C GLN L 67 39.55 -19.87 4.72
N LEU L 68 38.84 -19.56 5.79
CA LEU L 68 38.30 -18.23 6.05
C LEU L 68 38.83 -17.77 7.40
N LEU L 69 39.77 -16.84 7.38
CA LEU L 69 40.48 -16.41 8.58
C LEU L 69 39.96 -15.08 9.09
N GLU L 70 39.85 -14.97 10.40
CA GLU L 70 39.44 -13.75 11.08
C GLU L 70 40.59 -13.23 11.93
N ASP L 71 40.80 -11.91 11.89
CA ASP L 71 41.88 -11.32 12.65
C ASP L 71 41.70 -11.62 14.13
N ASP L 72 42.82 -11.97 14.78
CA ASP L 72 42.79 -12.46 16.15
C ASP L 72 42.22 -11.44 17.13
N LYS L 73 42.16 -10.16 16.73
CA LYS L 73 41.57 -9.14 17.58
C LYS L 73 40.51 -8.37 16.81
N GLU L 74 40.92 -7.73 15.72
CA GLU L 74 40.01 -6.87 14.98
C GLU L 74 39.09 -7.73 14.09
N ASN L 75 38.43 -7.06 13.16
CA ASN L 75 37.34 -7.51 12.32
C ASN L 75 37.74 -7.57 10.85
N ARG L 76 39.02 -7.83 10.58
CA ARG L 76 39.46 -8.05 9.20
C ARG L 76 39.25 -9.51 8.83
N TYR L 77 38.86 -9.75 7.59
CA TYR L 77 38.50 -11.08 7.12
C TYR L 77 39.29 -11.43 5.86
N TRP L 78 39.74 -12.68 5.78
CA TRP L 78 40.54 -13.15 4.66
C TRP L 78 39.98 -14.46 4.13
N ILE L 79 39.91 -14.56 2.80
CA ILE L 79 39.60 -15.81 2.11
C ILE L 79 40.90 -16.33 1.52
N PHE L 80 41.35 -17.50 1.98
CA PHE L 80 42.61 -18.08 1.56
C PHE L 80 42.31 -19.33 0.74
N ARG L 81 42.67 -19.28 -0.54
CA ARG L 81 42.62 -20.43 -1.44
C ARG L 81 44.04 -20.94 -1.66
N SER L 82 44.20 -22.26 -1.68
CA SER L 82 45.46 -22.88 -2.04
C SER L 82 45.16 -24.12 -2.88
N TRP L 83 45.98 -24.37 -3.89
CA TRP L 83 45.71 -25.51 -4.77
C TRP L 83 47.02 -25.99 -5.35
N GLY L 84 47.02 -27.23 -5.84
CA GLY L 84 48.17 -27.72 -6.58
C GLY L 84 48.23 -29.22 -6.63
N ARG L 85 49.43 -29.72 -6.94
CA ARG L 85 49.71 -31.14 -7.00
C ARG L 85 50.11 -31.65 -5.61
N VAL L 86 49.59 -32.82 -5.24
CA VAL L 86 49.77 -33.31 -3.88
C VAL L 86 51.26 -33.51 -3.60
N GLY L 87 51.69 -33.05 -2.43
CA GLY L 87 53.08 -33.26 -2.02
C GLY L 87 54.10 -32.89 -3.08
N THR L 88 53.89 -31.76 -3.75
CA THR L 88 54.79 -31.32 -4.80
C THR L 88 54.86 -29.80 -4.78
N VAL L 89 55.92 -29.26 -5.42
CA VAL L 89 56.09 -27.82 -5.51
C VAL L 89 55.05 -27.20 -6.43
N ILE L 90 54.45 -27.98 -7.32
CA ILE L 90 53.51 -27.44 -8.30
C ILE L 90 52.23 -27.03 -7.57
N GLY L 91 51.87 -25.76 -7.71
CA GLY L 91 50.69 -25.24 -7.06
C GLY L 91 50.78 -23.72 -6.93
N SER L 92 49.84 -23.17 -6.17
CA SER L 92 49.80 -21.74 -5.91
C SER L 92 48.72 -21.46 -4.88
N ASN L 93 48.52 -20.17 -4.59
CA ASN L 93 47.56 -19.75 -3.60
C ASN L 93 47.15 -18.31 -3.88
N LYS L 94 46.03 -17.91 -3.28
CA LYS L 94 45.53 -16.54 -3.35
C LYS L 94 44.91 -16.18 -2.00
N LEU L 95 45.33 -15.03 -1.46
CA LEU L 95 44.80 -14.49 -0.22
C LEU L 95 44.04 -13.21 -0.55
N GLU L 96 42.70 -13.29 -0.50
CA GLU L 96 41.83 -12.17 -0.86
C GLU L 96 41.24 -11.60 0.42
N GLN L 97 41.60 -10.36 0.74
CA GLN L 97 41.05 -9.70 1.92
C GLN L 97 39.60 -9.31 1.63
N MET L 98 38.65 -10.03 2.23
CA MET L 98 37.25 -9.72 2.03
C MET L 98 36.87 -8.50 2.85
N PRO L 99 36.22 -7.49 2.25
CA PRO L 99 35.91 -6.27 3.02
C PRO L 99 34.83 -6.50 4.07
N SER L 100 33.76 -7.18 3.68
CA SER L 100 32.62 -7.36 4.57
C SER L 100 32.87 -8.50 5.56
N LYS L 101 32.33 -8.31 6.77
CA LYS L 101 32.48 -9.32 7.81
C LYS L 101 31.72 -10.60 7.48
N GLU L 102 30.72 -10.53 6.60
CA GLU L 102 29.85 -11.65 6.30
C GLU L 102 29.93 -12.13 4.85
N ASP L 103 30.07 -11.20 3.90
CA ASP L 103 30.19 -11.62 2.50
C ASP L 103 31.36 -12.58 2.30
N ALA L 104 32.33 -12.57 3.21
CA ALA L 104 33.38 -13.59 3.17
C ALA L 104 32.78 -14.99 3.23
N ILE L 105 31.74 -15.17 4.05
CA ILE L 105 31.11 -16.48 4.16
C ILE L 105 30.36 -16.82 2.86
N GLU L 106 29.72 -15.82 2.26
CA GLU L 106 29.07 -16.05 0.97
C GLU L 106 30.08 -16.52 -0.07
N HIS L 107 31.24 -15.87 -0.13
CA HIS L 107 32.27 -16.27 -1.08
C HIS L 107 32.80 -17.66 -0.77
N PHE L 108 33.02 -17.95 0.52
CA PHE L 108 33.48 -19.28 0.93
C PHE L 108 32.51 -20.36 0.46
N MET L 109 31.22 -20.18 0.73
CA MET L 109 30.23 -21.17 0.33
C MET L 109 30.14 -21.29 -1.19
N LYS L 110 30.20 -20.15 -1.89
CA LYS L 110 30.19 -20.19 -3.34
C LYS L 110 31.34 -21.03 -3.88
N LEU L 111 32.55 -20.80 -3.38
CA LEU L 111 33.70 -21.56 -3.85
C LEU L 111 33.56 -23.04 -3.49
N TYR L 112 33.13 -23.34 -2.27
CA TYR L 112 32.95 -24.74 -1.87
C TYR L 112 32.01 -25.45 -2.83
N GLU L 113 30.82 -24.87 -3.06
CA GLU L 113 29.84 -25.52 -3.90
C GLU L 113 30.23 -25.50 -5.38
N GLU L 114 31.10 -24.58 -5.79
CA GLU L 114 31.58 -24.56 -7.17
C GLU L 114 32.69 -25.59 -7.39
N LYS L 115 33.41 -25.96 -6.34
CA LYS L 115 34.51 -26.90 -6.47
C LYS L 115 34.10 -28.34 -6.20
N THR L 116 33.22 -28.58 -5.23
CA THR L 116 32.83 -29.93 -4.87
C THR L 116 31.42 -30.31 -5.30
N GLY L 117 30.59 -29.35 -5.70
CA GLY L 117 29.22 -29.64 -6.05
C GLY L 117 28.30 -29.89 -4.87
N ASN L 118 28.76 -29.67 -3.65
CA ASN L 118 27.96 -29.85 -2.45
C ASN L 118 27.88 -28.52 -1.70
N ALA L 119 26.78 -28.35 -0.97
CA ALA L 119 26.65 -27.18 -0.11
C ALA L 119 27.64 -27.28 1.05
N TRP L 120 27.85 -26.14 1.72
CA TRP L 120 28.81 -26.11 2.81
C TRP L 120 28.37 -27.02 3.95
N HIS L 121 27.16 -26.82 4.46
CA HIS L 121 26.62 -27.66 5.54
C HIS L 121 25.75 -28.77 4.96
N SER L 122 26.33 -29.54 4.05
CA SER L 122 25.64 -30.69 3.46
C SER L 122 25.62 -31.84 4.45
N LYS L 123 24.43 -32.37 4.71
CA LYS L 123 24.32 -33.55 5.56
C LYS L 123 25.08 -34.73 4.98
N ASN L 124 25.22 -34.78 3.66
CA ASN L 124 25.86 -35.88 2.96
C ASN L 124 26.89 -35.32 1.98
N PHE L 125 28.11 -35.86 2.03
CA PHE L 125 29.17 -35.43 1.11
C PHE L 125 29.07 -36.24 -0.19
N THR L 126 28.05 -35.91 -0.98
CA THR L 126 27.89 -36.55 -2.28
C THR L 126 29.11 -36.25 -3.16
N LYS L 127 29.48 -37.24 -3.98
CA LYS L 127 30.54 -37.07 -4.96
C LYS L 127 29.92 -36.71 -6.30
N TYR L 128 30.29 -35.55 -6.84
CA TYR L 128 29.79 -35.17 -8.15
C TYR L 128 30.85 -35.41 -9.22
N PRO L 129 30.44 -35.83 -10.42
CA PRO L 129 31.43 -36.20 -11.44
C PRO L 129 32.28 -35.01 -11.84
N LYS L 130 33.59 -35.26 -12.00
CA LYS L 130 34.57 -34.27 -12.42
C LYS L 130 34.88 -33.25 -11.34
N LYS L 131 34.18 -33.29 -10.20
CA LYS L 131 34.37 -32.32 -9.12
C LYS L 131 35.15 -32.97 -7.98
N PHE L 132 35.62 -32.11 -7.07
CA PHE L 132 36.45 -32.55 -5.96
C PHE L 132 35.62 -33.35 -4.95
N TYR L 133 36.30 -33.82 -3.89
CA TYR L 133 35.67 -34.55 -2.79
C TYR L 133 36.28 -34.04 -1.49
N PRO L 134 35.45 -33.82 -0.46
CA PRO L 134 35.99 -33.26 0.79
C PRO L 134 36.61 -34.32 1.69
N LEU L 135 37.77 -33.99 2.26
CA LEU L 135 38.47 -34.87 3.18
C LEU L 135 38.26 -34.39 4.61
N GLU L 136 38.15 -35.35 5.53
CA GLU L 136 37.94 -35.07 6.94
C GLU L 136 39.30 -35.07 7.64
N ILE L 137 39.79 -33.88 7.94
CA ILE L 137 41.08 -33.73 8.62
C ILE L 137 40.84 -33.77 10.12
N ASP L 138 41.78 -34.37 10.85
CA ASP L 138 41.64 -34.44 12.30
C ASP L 138 41.81 -33.06 12.92
N TYR L 139 42.76 -32.27 12.41
CA TYR L 139 43.04 -30.94 12.94
C TYR L 139 43.12 -30.97 14.45
N GLY L 140 43.63 -32.07 15.00
CA GLY L 140 43.68 -32.28 16.42
C GLY L 140 42.63 -33.27 16.91
N GLN L 141 41.44 -33.20 16.34
CA GLN L 141 40.34 -34.06 16.76
C GLN L 141 39.79 -34.87 15.59
N GLN L 174 56.06 -37.29 6.90
CA GLN L 174 55.68 -37.02 5.52
C GLN L 174 54.68 -38.04 5.00
N LYS L 175 54.46 -39.12 5.75
CA LYS L 175 53.63 -40.20 5.24
C LYS L 175 52.23 -39.73 4.90
N MET L 176 51.72 -38.72 5.61
CA MET L 176 50.43 -38.11 5.30
C MET L 176 50.67 -36.74 4.70
N PRO L 177 50.62 -36.59 3.37
CA PRO L 177 51.01 -35.31 2.77
C PRO L 177 50.12 -34.14 3.17
N LEU L 178 48.84 -34.39 3.45
CA LEU L 178 47.88 -33.33 3.73
C LEU L 178 47.50 -33.24 5.20
N GLY L 179 48.03 -34.10 6.05
CA GLY L 179 47.79 -34.05 7.48
C GLY L 179 47.06 -35.27 7.97
N LYS L 180 46.67 -35.23 9.24
CA LYS L 180 45.98 -36.35 9.86
C LYS L 180 44.72 -36.73 9.06
N LEU L 181 44.10 -37.83 9.49
CA LEU L 181 42.87 -38.31 8.89
C LEU L 181 41.97 -38.85 9.98
N SER L 182 40.66 -38.63 9.82
CA SER L 182 39.70 -39.16 10.78
C SER L 182 39.56 -40.67 10.62
N LYS L 183 39.19 -41.34 11.72
CA LYS L 183 39.03 -42.78 11.67
C LYS L 183 37.93 -43.21 10.71
N ARG L 184 36.99 -42.31 10.40
CA ARG L 184 35.94 -42.65 9.45
C ARG L 184 36.53 -42.85 8.05
N GLN L 185 37.37 -41.91 7.60
CA GLN L 185 38.00 -42.04 6.29
C GLN L 185 38.86 -43.29 6.22
N ILE L 186 39.59 -43.60 7.30
CA ILE L 186 40.48 -44.75 7.28
C ILE L 186 39.67 -46.04 7.28
N GLN L 187 38.55 -46.07 8.02
CA GLN L 187 37.65 -47.23 7.96
C GLN L 187 37.11 -47.43 6.55
N ALA L 188 36.66 -46.35 5.92
CA ALA L 188 36.14 -46.46 4.56
C ALA L 188 37.22 -46.93 3.59
N ALA L 189 38.44 -46.44 3.76
CA ALA L 189 39.55 -46.88 2.90
C ALA L 189 39.86 -48.35 3.13
N TYR L 190 39.78 -48.82 4.38
CA TYR L 190 40.00 -50.23 4.66
C TYR L 190 38.94 -51.09 4.01
N SER L 191 37.67 -50.63 4.03
CA SER L 191 36.62 -51.39 3.36
C SER L 191 36.82 -51.38 1.85
N ILE L 192 37.28 -50.27 1.29
CA ILE L 192 37.55 -50.22 -0.15
C ILE L 192 38.70 -51.17 -0.50
N LEU L 193 39.71 -51.27 0.38
CA LEU L 193 40.78 -52.23 0.16
C LEU L 193 40.26 -53.66 0.24
N SER L 194 39.32 -53.92 1.15
CA SER L 194 38.64 -55.21 1.19
C SER L 194 38.02 -55.53 -0.17
N GLU L 195 37.25 -54.58 -0.70
CA GLU L 195 36.60 -54.80 -1.99
C GLU L 195 37.63 -55.01 -3.10
N VAL L 196 38.73 -54.26 -3.05
CA VAL L 196 39.78 -54.40 -4.06
C VAL L 196 40.40 -55.79 -3.99
N GLN L 197 40.65 -56.28 -2.78
CA GLN L 197 41.22 -57.61 -2.62
C GLN L 197 40.26 -58.68 -3.16
N GLN L 198 38.97 -58.54 -2.85
CA GLN L 198 38.01 -59.51 -3.36
C GLN L 198 37.90 -59.45 -4.88
N ALA L 199 38.03 -58.25 -5.46
CA ALA L 199 37.93 -58.12 -6.91
C ALA L 199 39.19 -58.62 -7.61
N VAL L 200 40.35 -58.53 -6.94
CA VAL L 200 41.56 -59.14 -7.49
C VAL L 200 41.48 -60.65 -7.40
N SER L 201 40.86 -61.17 -6.33
CA SER L 201 40.58 -62.60 -6.27
C SER L 201 39.64 -63.02 -7.40
N GLN L 202 38.64 -62.19 -7.68
CA GLN L 202 37.77 -62.44 -8.83
C GLN L 202 38.55 -62.39 -10.14
N GLY L 203 39.51 -61.48 -10.23
CA GLY L 203 40.36 -61.37 -11.40
C GLY L 203 39.63 -60.95 -12.66
N SER L 204 38.72 -59.98 -12.54
CA SER L 204 37.96 -59.51 -13.70
C SER L 204 37.60 -58.04 -13.50
N SER L 205 37.17 -57.42 -14.59
CA SER L 205 36.74 -56.01 -14.56
C SER L 205 37.86 -55.10 -14.07
N ASP L 206 38.81 -54.77 -14.95
CA ASP L 206 39.86 -53.84 -14.59
C ASP L 206 39.32 -52.42 -14.42
N SER L 207 38.17 -52.11 -15.02
CA SER L 207 37.57 -50.79 -14.80
C SER L 207 37.10 -50.63 -13.36
N GLN L 208 36.58 -51.71 -12.76
CA GLN L 208 36.24 -51.66 -11.35
C GLN L 208 37.47 -51.43 -10.49
N ILE L 209 38.59 -52.07 -10.87
CA ILE L 209 39.85 -51.84 -10.16
C ILE L 209 40.25 -50.39 -10.27
N LEU L 210 40.10 -49.80 -11.47
CA LEU L 210 40.41 -48.39 -11.65
C LEU L 210 39.55 -47.51 -10.76
N ASP L 211 38.25 -47.79 -10.71
CA ASP L 211 37.34 -47.00 -9.89
C ASP L 211 37.74 -47.06 -8.41
N LEU L 212 37.96 -48.27 -7.90
CA LEU L 212 38.33 -48.42 -6.49
C LEU L 212 39.67 -47.77 -6.22
N SER L 213 40.61 -47.85 -7.17
CA SER L 213 41.90 -47.21 -7.00
C SER L 213 41.76 -45.70 -6.89
N ASN L 214 40.93 -45.11 -7.76
CA ASN L 214 40.70 -43.67 -7.68
C ASN L 214 40.09 -43.29 -6.35
N ARG L 215 39.07 -44.02 -5.92
CA ARG L 215 38.44 -43.73 -4.63
C ARG L 215 39.46 -43.78 -3.49
N PHE L 216 40.27 -44.84 -3.47
CA PHE L 216 41.25 -45.01 -2.39
C PHE L 216 42.29 -43.90 -2.41
N TYR L 217 42.90 -43.64 -3.57
CA TYR L 217 43.90 -42.58 -3.65
C TYR L 217 43.31 -41.21 -3.35
N THR L 218 41.99 -41.04 -3.51
CA THR L 218 41.37 -39.78 -3.09
C THR L 218 41.26 -39.72 -1.57
N LEU L 219 40.76 -40.79 -0.95
CA LEU L 219 40.59 -40.78 0.51
C LEU L 219 41.94 -40.76 1.23
N ILE L 220 42.96 -41.38 0.66
CA ILE L 220 44.28 -41.49 1.27
C ILE L 220 45.29 -40.87 0.32
N PRO L 221 45.69 -39.62 0.55
CA PRO L 221 46.66 -38.98 -0.35
C PRO L 221 48.02 -39.66 -0.31
N HIS L 222 48.69 -39.66 -1.46
CA HIS L 222 50.03 -40.20 -1.58
C HIS L 222 50.89 -39.23 -2.38
N ASP L 223 52.17 -39.17 -2.04
CA ASP L 223 53.13 -38.29 -2.71
C ASP L 223 53.78 -39.09 -3.84
N PHE L 224 53.12 -39.13 -4.99
CA PHE L 224 53.64 -39.80 -6.17
C PHE L 224 54.47 -38.90 -7.06
N GLY L 225 54.75 -37.68 -6.63
CA GLY L 225 55.56 -36.78 -7.44
C GLY L 225 54.86 -36.47 -8.75
N MET L 226 55.60 -36.52 -9.85
CA MET L 226 55.09 -36.29 -11.18
C MET L 226 54.72 -37.58 -11.90
N LYS L 227 54.64 -38.70 -11.18
CA LYS L 227 54.41 -40.00 -11.78
C LYS L 227 52.93 -40.38 -11.69
N LYS L 228 52.45 -41.06 -12.72
CA LYS L 228 51.08 -41.54 -12.73
C LYS L 228 50.87 -42.53 -11.60
N PRO L 229 49.88 -42.35 -10.74
CA PRO L 229 49.65 -43.29 -9.63
C PRO L 229 49.48 -44.71 -10.16
N PRO L 230 50.00 -45.70 -9.45
CA PRO L 230 49.88 -47.09 -9.92
C PRO L 230 48.54 -47.71 -9.57
N LEU L 231 48.00 -48.48 -10.51
CA LEU L 231 46.76 -49.20 -10.26
C LEU L 231 46.97 -50.23 -9.16
N LEU L 232 45.89 -50.56 -8.47
CA LEU L 232 45.91 -51.56 -7.40
C LEU L 232 45.38 -52.91 -7.88
N ASN L 233 45.97 -53.42 -8.97
CA ASN L 233 45.64 -54.76 -9.44
C ASN L 233 46.48 -55.83 -8.75
N ASN L 234 47.69 -55.48 -8.31
CA ASN L 234 48.56 -56.43 -7.64
C ASN L 234 48.11 -56.67 -6.21
N ALA L 235 48.21 -57.92 -5.77
CA ALA L 235 47.78 -58.27 -4.42
C ALA L 235 48.78 -57.80 -3.37
N ASP L 236 50.08 -57.91 -3.66
CA ASP L 236 51.09 -57.43 -2.72
C ASP L 236 50.93 -55.93 -2.48
N SER L 237 50.50 -55.18 -3.49
CA SER L 237 50.26 -53.76 -3.29
C SER L 237 49.10 -53.53 -2.32
N VAL L 238 48.02 -54.31 -2.46
CA VAL L 238 46.90 -54.19 -1.54
C VAL L 238 47.34 -54.54 -0.13
N GLN L 239 48.18 -55.56 0.02
CA GLN L 239 48.67 -55.93 1.35
C GLN L 239 49.53 -54.81 1.94
N ALA L 240 50.40 -54.22 1.12
CA ALA L 240 51.23 -53.12 1.61
C ALA L 240 50.38 -51.94 2.05
N LYS L 241 49.36 -51.59 1.28
CA LYS L 241 48.52 -50.45 1.65
C LYS L 241 47.65 -50.78 2.86
N ALA L 242 47.25 -52.04 3.02
CA ALA L 242 46.51 -52.42 4.22
C ALA L 242 47.40 -52.33 5.46
N GLU L 243 48.66 -52.74 5.34
CA GLU L 243 49.59 -52.56 6.45
C GLU L 243 49.81 -51.08 6.74
N MET L 244 49.87 -50.26 5.70
CA MET L 244 49.98 -48.82 5.89
C MET L 244 48.78 -48.27 6.65
N LEU L 245 47.57 -48.72 6.30
CA LEU L 245 46.38 -48.25 6.99
C LEU L 245 46.35 -48.74 8.43
N ASP L 246 46.85 -49.95 8.69
CA ASP L 246 46.95 -50.41 10.07
C ASP L 246 47.93 -49.56 10.86
N ASN L 247 49.04 -49.16 10.23
CA ASN L 247 49.96 -48.24 10.87
C ASN L 247 49.29 -46.91 11.19
N LEU L 248 48.50 -46.39 10.23
CA LEU L 248 47.77 -45.15 10.47
C LEU L 248 46.79 -45.30 11.63
N LEU L 249 46.11 -46.45 11.69
CA LEU L 249 45.15 -46.68 12.78
C LEU L 249 45.86 -46.75 14.13
N ASP L 250 47.01 -47.41 14.18
CA ASP L 250 47.76 -47.45 15.44
C ASP L 250 48.24 -46.07 15.84
N ILE L 251 48.69 -45.27 14.86
CA ILE L 251 49.15 -43.91 15.16
C ILE L 251 47.98 -43.07 15.67
N GLU L 252 46.79 -43.28 15.11
CA GLU L 252 45.62 -42.51 15.54
C GLU L 252 45.18 -42.91 16.95
N VAL L 253 45.14 -44.21 17.24
CA VAL L 253 44.76 -44.64 18.58
C VAL L 253 45.80 -44.22 19.60
N ALA L 254 47.06 -44.08 19.18
CA ALA L 254 48.08 -43.58 20.10
C ALA L 254 47.71 -42.20 20.64
N TYR L 255 47.03 -41.38 19.85
CA TYR L 255 46.60 -40.06 20.28
C TYR L 255 45.35 -40.20 21.14
N SER L 256 45.45 -39.82 22.41
CA SER L 256 44.32 -39.92 23.32
C SER L 256 44.23 -38.70 24.23
N LYS M 8 -38.90 69.69 49.04
CA LYS M 8 -38.39 68.43 48.49
C LYS M 8 -38.34 67.36 49.57
N LYS M 9 -37.87 66.17 49.18
CA LYS M 9 -37.69 65.06 50.11
C LYS M 9 -36.53 64.21 49.62
N SER M 10 -35.46 64.18 50.41
CA SER M 10 -34.27 63.42 50.05
C SER M 10 -33.47 63.07 51.31
N LYS M 11 -34.15 62.53 52.32
CA LYS M 11 -33.51 62.16 53.57
C LYS M 11 -34.05 60.83 54.08
N LYS M 12 -35.37 60.69 54.12
CA LYS M 12 -35.99 59.40 54.41
C LYS M 12 -36.27 58.62 53.12
N GLU M 13 -36.81 59.30 52.10
CA GLU M 13 -37.02 58.68 50.80
C GLU M 13 -35.69 58.20 50.20
N LYS M 14 -34.71 59.09 50.15
CA LYS M 14 -33.40 58.73 49.62
C LYS M 14 -32.78 57.57 50.39
N ASP M 15 -33.04 57.50 51.70
CA ASP M 15 -32.54 56.40 52.51
C ASP M 15 -33.13 55.08 52.04
N LYS M 16 -34.44 55.06 51.79
CA LYS M 16 -35.08 53.85 51.29
C LYS M 16 -34.51 53.46 49.92
N ASP M 17 -34.28 54.46 49.06
CA ASP M 17 -33.72 54.18 47.74
C ASP M 17 -32.34 53.53 47.85
N SER M 18 -31.49 54.08 48.72
CA SER M 18 -30.15 53.52 48.90
C SER M 18 -30.22 52.10 49.45
N LYS M 19 -31.11 51.87 50.42
CA LYS M 19 -31.26 50.52 50.97
C LYS M 19 -31.70 49.54 49.90
N LEU M 20 -32.64 49.93 49.04
CA LEU M 20 -33.12 49.04 47.99
C LEU M 20 -32.00 48.73 47.00
N GLU M 21 -31.23 49.74 46.60
CA GLU M 21 -30.13 49.48 45.67
C GLU M 21 -29.07 48.59 46.31
N LYS M 22 -28.87 48.72 47.62
CA LYS M 22 -27.93 47.84 48.32
C LYS M 22 -28.40 46.40 48.26
N ALA M 23 -29.68 46.16 48.55
CA ALA M 23 -30.21 44.80 48.44
C ALA M 23 -30.09 44.28 47.01
N LEU M 24 -30.28 45.15 46.02
CA LEU M 24 -30.16 44.76 44.63
C LEU M 24 -28.75 44.26 44.33
N LYS M 25 -27.74 45.06 44.71
CA LYS M 25 -26.36 44.62 44.53
C LYS M 25 -26.10 43.30 45.24
N ALA M 26 -26.62 43.15 46.46
CA ALA M 26 -26.44 41.92 47.21
C ALA M 26 -26.93 40.72 46.40
N GLN M 27 -28.17 40.80 45.91
CA GLN M 27 -28.72 39.69 45.14
C GLN M 27 -27.90 39.42 43.88
N ASN M 28 -27.49 40.47 43.18
CA ASN M 28 -26.75 40.29 41.94
C ASN M 28 -25.44 39.54 42.19
N ASP M 29 -24.59 40.07 43.08
CA ASP M 29 -23.30 39.44 43.29
C ASP M 29 -23.45 38.08 43.95
N LEU M 30 -24.54 37.85 44.71
CA LEU M 30 -24.81 36.51 45.22
C LEU M 30 -25.02 35.52 44.08
N ILE M 31 -25.95 35.84 43.17
CA ILE M 31 -26.22 34.95 42.05
C ILE M 31 -24.97 34.73 41.22
N TRP M 32 -24.11 35.74 41.11
CA TRP M 32 -22.91 35.58 40.30
C TRP M 32 -21.88 34.68 40.98
N ASN M 33 -21.73 34.83 42.30
CA ASN M 33 -20.90 33.88 43.04
C ASN M 33 -21.39 32.45 42.81
N ILE M 34 -22.71 32.25 42.88
CA ILE M 34 -23.27 30.91 42.66
C ILE M 34 -22.94 30.42 41.27
N LYS M 35 -23.11 31.28 40.26
CA LYS M 35 -22.85 30.87 38.88
C LYS M 35 -21.40 30.47 38.69
N ASP M 36 -20.47 31.22 39.29
CA ASP M 36 -19.05 30.87 39.13
C ASP M 36 -18.72 29.57 39.86
N GLU M 37 -19.30 29.37 41.05
CA GLU M 37 -19.04 28.11 41.76
C GLU M 37 -19.56 26.92 40.96
N LEU M 38 -20.72 27.08 40.30
CA LEU M 38 -21.22 26.00 39.45
C LEU M 38 -20.31 25.79 38.24
N LYS M 39 -19.89 26.89 37.60
CA LYS M 39 -18.90 26.79 36.52
C LYS M 39 -17.70 25.96 36.96
N LYS M 40 -17.31 26.10 38.23
CA LYS M 40 -16.14 25.39 38.72
C LYS M 40 -16.41 23.91 38.97
N VAL M 41 -17.38 23.60 39.85
CA VAL M 41 -17.49 22.25 40.38
C VAL M 41 -18.34 21.32 39.53
N CYS M 42 -18.89 21.78 38.41
CA CYS M 42 -19.79 20.95 37.61
C CYS M 42 -19.50 21.12 36.13
N SER M 43 -19.93 20.13 35.36
CA SER M 43 -19.88 20.17 33.90
C SER M 43 -21.27 20.47 33.34
N THR M 44 -21.32 20.70 32.04
CA THR M 44 -22.58 21.05 31.40
C THR M 44 -23.62 19.95 31.57
N ASN M 45 -23.22 18.69 31.37
CA ASN M 45 -24.17 17.59 31.50
C ASN M 45 -24.70 17.46 32.92
N ASP M 46 -23.87 17.75 33.93
CA ASP M 46 -24.35 17.72 35.30
C ASP M 46 -25.45 18.77 35.51
N LEU M 47 -25.28 19.96 34.92
CA LEU M 47 -26.29 20.99 35.04
C LEU M 47 -27.57 20.61 34.30
N LYS M 48 -27.44 19.93 33.15
CA LYS M 48 -28.62 19.43 32.47
C LYS M 48 -29.35 18.41 33.33
N GLU M 49 -28.61 17.51 33.98
CA GLU M 49 -29.21 16.58 34.93
C GLU M 49 -29.98 17.35 36.01
N LEU M 50 -29.33 18.36 36.59
CA LEU M 50 -29.97 19.17 37.63
C LEU M 50 -31.31 19.73 37.13
N LEU M 51 -31.29 20.40 35.98
CA LEU M 51 -32.52 20.99 35.46
C LEU M 51 -33.59 19.93 35.24
N ILE M 52 -33.22 18.79 34.65
CA ILE M 52 -34.20 17.75 34.36
C ILE M 52 -34.81 17.22 35.66
N PHE M 53 -34.00 17.15 36.72
CA PHE M 53 -34.50 16.61 37.99
C PHE M 53 -35.61 17.49 38.55
N ASN M 54 -35.53 18.80 38.35
CA ASN M 54 -36.53 19.74 38.86
C ASN M 54 -37.66 20.00 37.87
N LYS M 55 -37.93 19.07 36.97
CA LYS M 55 -39.02 19.18 36.00
C LYS M 55 -38.83 20.35 35.03
N GLN M 56 -37.65 20.96 35.02
CA GLN M 56 -37.40 22.14 34.19
C GLN M 56 -36.92 21.74 32.81
N GLN M 57 -37.31 22.51 31.80
CA GLN M 57 -36.84 22.30 30.45
C GLN M 57 -35.37 22.70 30.34
N VAL M 58 -34.67 22.06 29.42
CA VAL M 58 -33.24 22.28 29.22
C VAL M 58 -33.06 23.26 28.06
N PRO M 59 -32.47 24.42 28.28
CA PRO M 59 -32.36 25.42 27.22
C PRO M 59 -31.24 25.08 26.24
N SER M 60 -31.05 25.97 25.28
CA SER M 60 -30.01 25.86 24.26
C SER M 60 -28.96 26.93 24.55
N GLY M 61 -27.79 26.49 25.00
CA GLY M 61 -26.71 27.43 25.31
C GLY M 61 -26.24 27.29 26.75
N GLU M 62 -24.92 27.11 26.90
CA GLU M 62 -24.33 26.92 28.22
C GLU M 62 -24.71 28.05 29.17
N SER M 63 -24.54 29.30 28.72
CA SER M 63 -24.87 30.45 29.55
C SER M 63 -26.30 30.35 30.07
N ALA M 64 -27.26 30.12 29.16
CA ALA M 64 -28.64 30.02 29.57
C ALA M 64 -28.85 28.86 30.54
N ILE M 65 -28.16 27.75 30.31
CA ILE M 65 -28.31 26.58 31.19
C ILE M 65 -27.97 26.96 32.62
N LEU M 66 -26.75 27.46 32.84
CA LEU M 66 -26.36 27.74 34.23
C LEU M 66 -27.15 28.91 34.80
N ASP M 67 -27.58 29.85 33.95
CA ASP M 67 -28.44 30.93 34.44
C ASP M 67 -29.75 30.37 35.01
N ARG M 68 -30.40 29.49 34.25
CA ARG M 68 -31.66 28.92 34.73
C ARG M 68 -31.43 28.06 35.97
N VAL M 69 -30.29 27.36 36.03
CA VAL M 69 -29.99 26.57 37.23
C VAL M 69 -29.90 27.46 38.45
N ALA M 70 -29.13 28.56 38.34
CA ALA M 70 -28.99 29.48 39.47
C ALA M 70 -30.35 30.07 39.86
N ASP M 71 -31.15 30.46 38.87
CA ASP M 71 -32.49 30.97 39.15
C ASP M 71 -33.29 29.98 39.97
N GLY M 72 -33.44 28.75 39.46
CA GLY M 72 -34.19 27.74 40.17
C GLY M 72 -33.67 27.51 41.57
N MET M 73 -32.34 27.48 41.74
CA MET M 73 -31.76 27.22 43.05
C MET M 73 -32.11 28.32 44.04
N VAL M 74 -31.91 29.58 43.64
CA VAL M 74 -32.09 30.66 44.59
C VAL M 74 -33.56 30.87 44.91
N PHE M 75 -34.43 30.77 43.91
CA PHE M 75 -35.84 31.13 44.09
C PHE M 75 -36.81 29.97 43.96
N GLY M 76 -36.37 28.79 43.57
CA GLY M 76 -37.24 27.65 43.47
C GLY M 76 -37.48 27.24 42.02
N ALA M 77 -37.84 25.97 41.84
CA ALA M 77 -38.06 25.41 40.51
C ALA M 77 -39.36 25.95 39.93
N LEU M 78 -39.26 26.75 38.87
CA LEU M 78 -40.44 27.31 38.24
C LEU M 78 -41.38 26.19 37.79
N LEU M 79 -42.65 26.33 38.13
CA LEU M 79 -43.66 25.35 37.75
C LEU M 79 -44.09 25.58 36.30
N PRO M 80 -44.81 24.63 35.72
CA PRO M 80 -45.28 24.81 34.34
C PRO M 80 -46.18 26.01 34.21
N CYS M 81 -46.40 26.42 32.95
CA CYS M 81 -47.22 27.59 32.69
C CYS M 81 -48.65 27.36 33.18
N GLU M 82 -49.41 28.46 33.24
CA GLU M 82 -50.77 28.40 33.76
C GLU M 82 -51.74 27.87 32.72
N GLU M 83 -51.62 28.31 31.47
CA GLU M 83 -52.52 27.92 30.39
C GLU M 83 -51.88 26.96 29.40
N CYS M 84 -50.73 27.33 28.82
CA CYS M 84 -50.12 26.54 27.76
C CYS M 84 -49.30 25.38 28.28
N SER M 85 -48.97 25.36 29.57
CA SER M 85 -48.15 24.31 30.19
C SER M 85 -46.70 24.36 29.73
N GLY M 86 -46.24 25.50 29.22
CA GLY M 86 -44.86 25.66 28.81
C GLY M 86 -43.95 25.97 29.98
N GLN M 87 -42.84 26.65 29.69
CA GLN M 87 -41.81 26.94 30.69
C GLN M 87 -41.50 28.42 30.72
N LEU M 88 -41.41 28.97 31.92
CA LEU M 88 -41.12 30.38 32.12
C LEU M 88 -39.62 30.60 32.27
N VAL M 89 -39.17 31.76 31.83
CA VAL M 89 -37.76 32.12 31.86
C VAL M 89 -37.61 33.57 32.29
N PHE M 90 -36.61 33.84 33.12
CA PHE M 90 -36.30 35.21 33.49
C PHE M 90 -35.79 35.98 32.27
N LYS M 91 -36.12 37.27 32.22
CA LYS M 91 -35.82 38.12 31.08
C LYS M 91 -35.63 39.55 31.60
N SER M 92 -34.51 39.76 32.28
CA SER M 92 -34.12 41.08 32.77
C SER M 92 -35.13 41.67 33.75
N ASP M 93 -36.36 41.90 33.30
CA ASP M 93 -37.35 42.63 34.09
C ASP M 93 -38.41 41.74 34.72
N ALA M 94 -38.68 40.56 34.18
CA ALA M 94 -39.74 39.70 34.71
C ALA M 94 -39.60 38.32 34.10
N TYR M 95 -40.49 37.42 34.50
CA TYR M 95 -40.54 36.05 33.97
C TYR M 95 -41.50 36.01 32.79
N TYR M 96 -40.99 35.69 31.61
CA TYR M 96 -41.79 35.54 30.41
C TYR M 96 -42.01 34.07 30.11
N CYS M 97 -43.22 33.73 29.68
CA CYS M 97 -43.52 32.37 29.28
C CYS M 97 -43.04 32.12 27.86
N THR M 98 -42.43 30.95 27.65
CA THR M 98 -41.89 30.57 26.36
C THR M 98 -42.63 29.38 25.75
N GLY M 99 -43.87 29.14 26.18
CA GLY M 99 -44.65 28.04 25.67
C GLY M 99 -45.29 28.36 24.34
N ASP M 100 -46.22 27.49 23.94
CA ASP M 100 -46.96 27.63 22.69
C ASP M 100 -48.43 27.40 23.01
N VAL M 101 -49.19 28.50 23.13
CA VAL M 101 -50.62 28.40 23.36
C VAL M 101 -51.33 27.81 22.14
N THR M 102 -50.69 27.83 20.98
CA THR M 102 -51.23 27.22 19.78
C THR M 102 -50.10 27.06 18.77
N ALA M 103 -50.39 26.34 17.69
CA ALA M 103 -49.38 26.11 16.66
C ALA M 103 -49.08 27.37 15.84
N TRP M 104 -49.80 28.46 16.07
CA TRP M 104 -49.65 29.68 15.28
C TRP M 104 -49.08 30.86 16.06
N THR M 105 -49.29 30.91 17.38
CA THR M 105 -48.91 32.08 18.16
C THR M 105 -48.17 31.66 19.43
N LYS M 106 -47.28 32.54 19.87
CA LYS M 106 -46.56 32.35 21.12
C LYS M 106 -47.43 32.78 22.30
N CYS M 107 -47.28 32.08 23.42
CA CYS M 107 -47.93 32.49 24.65
C CYS M 107 -47.26 33.74 25.20
N MET M 108 -48.07 34.69 25.66
CA MET M 108 -47.57 35.99 26.09
C MET M 108 -47.68 36.20 27.60
N VAL M 109 -47.82 35.12 28.37
CA VAL M 109 -47.89 35.26 29.82
C VAL M 109 -46.66 36.01 30.31
N LYS M 110 -46.81 36.70 31.45
CA LYS M 110 -45.74 37.54 31.98
C LYS M 110 -46.08 37.93 33.41
N THR M 111 -45.20 37.59 34.35
CA THR M 111 -45.45 37.86 35.76
C THR M 111 -44.14 38.09 36.49
N GLN M 112 -44.26 38.55 37.73
CA GLN M 112 -43.11 38.74 38.61
C GLN M 112 -43.18 37.87 39.86
N THR M 113 -44.24 37.06 40.00
CA THR M 113 -44.39 36.15 41.14
C THR M 113 -44.93 34.81 40.62
N PRO M 114 -44.14 34.10 39.83
CA PRO M 114 -44.62 32.82 39.30
C PRO M 114 -44.75 31.77 40.38
N ASN M 115 -45.47 30.71 40.06
CA ASN M 115 -45.63 29.59 40.98
C ASN M 115 -44.42 28.66 40.86
N ARG M 116 -43.92 28.21 42.01
CA ARG M 116 -42.69 27.45 42.03
C ARG M 116 -42.59 26.63 43.31
N LYS M 117 -42.18 25.37 43.17
CA LYS M 117 -41.83 24.54 44.31
C LYS M 117 -40.40 24.83 44.74
N GLU M 118 -40.06 24.38 45.95
CA GLU M 118 -38.71 24.57 46.45
C GLU M 118 -37.72 23.72 45.67
N TRP M 119 -36.58 24.30 45.33
CA TRP M 119 -35.56 23.60 44.58
C TRP M 119 -35.07 22.38 45.37
N VAL M 120 -34.58 21.38 44.64
CA VAL M 120 -34.13 20.12 45.23
C VAL M 120 -32.80 19.73 44.59
N THR M 121 -31.71 20.04 45.27
CA THR M 121 -30.39 19.63 44.81
C THR M 121 -30.25 18.13 44.96
N PRO M 122 -29.93 17.38 43.90
CA PRO M 122 -29.69 15.94 44.06
C PRO M 122 -28.51 15.68 45.00
N LYS M 123 -28.57 14.53 45.67
CA LYS M 123 -27.56 14.20 46.67
C LYS M 123 -26.19 13.98 46.05
N GLU M 124 -26.12 13.66 44.76
CA GLU M 124 -24.83 13.51 44.09
C GLU M 124 -23.94 14.71 44.34
N PHE M 125 -24.49 15.91 44.15
CA PHE M 125 -23.75 17.15 44.33
C PHE M 125 -23.88 17.70 45.75
N ARG M 126 -24.20 16.84 46.72
CA ARG M 126 -24.11 17.26 48.11
C ARG M 126 -22.71 17.76 48.43
N GLU M 127 -21.69 17.10 47.86
CA GLU M 127 -20.32 17.56 48.04
C GLU M 127 -20.16 19.00 47.57
N ILE M 128 -20.91 19.41 46.55
CA ILE M 128 -20.94 20.80 46.13
C ILE M 128 -22.08 21.59 46.77
N SER M 129 -23.13 20.91 47.25
CA SER M 129 -24.23 21.62 47.89
C SER M 129 -23.75 22.34 49.15
N TYR M 130 -22.94 21.66 49.97
CA TYR M 130 -22.33 22.34 51.11
C TYR M 130 -21.38 23.43 50.67
N LEU M 131 -20.86 23.36 49.43
CA LEU M 131 -20.08 24.45 48.88
C LEU M 131 -20.90 25.71 48.70
N LYS M 132 -22.23 25.58 48.59
CA LYS M 132 -23.11 26.74 48.58
C LYS M 132 -23.43 27.25 49.98
N LYS M 133 -23.00 26.53 51.03
CA LYS M 133 -23.27 26.92 52.41
C LYS M 133 -24.78 27.03 52.65
N LEU M 134 -25.57 26.24 51.94
CA LEU M 134 -27.02 26.38 51.97
C LEU M 134 -27.39 27.81 51.63
N LYS M 135 -27.63 28.64 52.64
CA LYS M 135 -27.92 30.06 52.45
C LYS M 135 -29.04 30.24 51.43
N VAL M 136 -30.06 29.39 51.50
CA VAL M 136 -31.17 29.48 50.58
C VAL M 136 -31.91 30.80 50.75
N LYS M 137 -32.26 31.13 51.99
CA LYS M 137 -32.92 32.40 52.29
C LYS M 137 -34.33 32.42 51.70
N LYS M 138 -35.25 33.12 52.35
CA LYS M 138 -36.60 33.31 51.82
C LYS M 138 -36.68 34.46 50.83
N GLN M 139 -35.56 34.82 50.21
CA GLN M 139 -35.53 35.97 49.31
C GLN M 139 -36.21 35.63 47.99
N ASP M 140 -37.14 36.48 47.57
CA ASP M 140 -37.74 36.38 46.25
C ASP M 140 -36.98 37.29 45.28
N ARG M 141 -37.23 37.09 43.99
CA ARG M 141 -36.56 37.88 42.97
C ARG M 141 -36.84 39.37 43.18
N ILE M 142 -35.78 40.17 43.16
CA ILE M 142 -35.88 41.62 43.28
C ILE M 142 -35.77 42.21 41.88
N PHE M 143 -36.76 42.99 41.48
CA PHE M 143 -36.83 43.58 40.15
C PHE M 143 -36.50 45.07 40.20
N PRO M 144 -36.09 45.64 39.06
CA PRO M 144 -35.73 47.07 39.08
C PRO M 144 -36.96 47.95 39.24
N PRO M 145 -36.81 49.12 39.87
CA PRO M 145 -37.92 50.07 40.11
C PRO M 145 -38.86 50.24 38.93
N LYS N 9 -35.26 -36.61 21.91
CA LYS N 9 -36.37 -35.69 21.71
C LYS N 9 -37.61 -36.15 22.46
N SER N 10 -37.57 -36.05 23.78
CA SER N 10 -38.72 -36.43 24.60
C SER N 10 -39.87 -35.45 24.39
N LYS N 11 -41.09 -35.94 24.66
CA LYS N 11 -42.28 -35.12 24.45
C LYS N 11 -42.46 -34.10 25.57
N LYS N 12 -42.13 -34.48 26.80
CA LYS N 12 -42.18 -33.54 27.93
C LYS N 12 -41.11 -32.45 27.75
N GLU N 13 -39.86 -32.87 27.60
CA GLU N 13 -38.78 -31.95 27.29
C GLU N 13 -39.12 -31.06 26.11
N LYS N 14 -39.68 -31.65 25.04
CA LYS N 14 -39.94 -30.88 23.84
C LYS N 14 -41.07 -29.88 24.04
N ASP N 15 -42.12 -30.26 24.76
CA ASP N 15 -43.21 -29.33 25.03
C ASP N 15 -42.71 -28.14 25.83
N LYS N 16 -41.91 -28.41 26.88
CA LYS N 16 -41.35 -27.31 27.66
C LYS N 16 -40.43 -26.44 26.81
N ASP N 17 -39.64 -27.07 25.94
CA ASP N 17 -38.74 -26.31 25.06
C ASP N 17 -39.53 -25.37 24.15
N SER N 18 -40.59 -25.89 23.53
CA SER N 18 -41.41 -25.07 22.64
C SER N 18 -42.07 -23.93 23.42
N LYS N 19 -42.56 -24.22 24.62
CA LYS N 19 -43.16 -23.19 25.47
C LYS N 19 -42.15 -22.07 25.75
N LEU N 20 -40.92 -22.45 26.12
CA LEU N 20 -39.91 -21.45 26.45
C LEU N 20 -39.55 -20.61 25.23
N GLU N 21 -39.40 -21.23 24.06
CA GLU N 21 -39.09 -20.45 22.87
C GLU N 21 -40.24 -19.52 22.50
N LYS N 22 -41.48 -19.95 22.76
CA LYS N 22 -42.62 -19.08 22.52
C LYS N 22 -42.55 -17.83 23.41
N ALA N 23 -42.29 -18.03 24.71
CA ALA N 23 -42.13 -16.88 25.60
C ALA N 23 -40.98 -15.98 25.16
N LEU N 24 -39.90 -16.59 24.65
CA LEU N 24 -38.77 -15.81 24.16
C LEU N 24 -39.17 -14.90 23.01
N LYS N 25 -39.85 -15.47 22.00
CA LYS N 25 -40.36 -14.65 20.90
C LYS N 25 -41.27 -13.55 21.40
N ALA N 26 -42.15 -13.88 22.36
CA ALA N 26 -43.06 -12.88 22.91
C ALA N 26 -42.28 -11.69 23.45
N GLN N 27 -41.29 -11.96 24.31
CA GLN N 27 -40.52 -10.87 24.89
C GLN N 27 -39.79 -10.07 23.82
N ASN N 28 -39.22 -10.76 22.82
CA ASN N 28 -38.45 -10.05 21.79
C ASN N 28 -39.34 -9.09 21.02
N ASP N 29 -40.43 -9.59 20.45
CA ASP N 29 -41.27 -8.72 19.63
C ASP N 29 -41.98 -7.67 20.48
N LEU N 30 -42.19 -7.94 21.77
CA LEU N 30 -42.71 -6.91 22.67
C LEU N 30 -41.73 -5.74 22.78
N ILE N 31 -40.48 -6.05 23.12
CA ILE N 31 -39.48 -4.99 23.27
C ILE N 31 -39.31 -4.24 21.95
N TRP N 32 -39.45 -4.92 20.82
CA TRP N 32 -39.27 -4.24 19.54
C TRP N 32 -40.45 -3.33 19.22
N ASN N 33 -41.67 -3.76 19.53
CA ASN N 33 -42.82 -2.85 19.43
C ASN N 33 -42.58 -1.60 20.26
N ILE N 34 -42.10 -1.79 21.49
CA ILE N 34 -41.84 -0.64 22.36
C ILE N 34 -40.80 0.28 21.74
N LYS N 35 -39.72 -0.30 21.21
CA LYS N 35 -38.66 0.51 20.62
C LYS N 35 -39.18 1.33 19.45
N ASP N 36 -40.00 0.72 18.59
CA ASP N 36 -40.53 1.46 17.44
C ASP N 36 -41.50 2.55 17.89
N GLU N 37 -42.34 2.27 18.88
CA GLU N 37 -43.25 3.31 19.36
C GLU N 37 -42.47 4.49 19.94
N LEU N 38 -41.37 4.23 20.65
CA LEU N 38 -40.53 5.31 21.14
C LEU N 38 -39.87 6.06 19.98
N LYS N 39 -39.34 5.34 18.99
CA LYS N 39 -38.82 5.97 17.79
C LYS N 39 -39.84 6.94 17.20
N LYS N 40 -41.12 6.57 17.29
CA LYS N 40 -42.16 7.41 16.70
C LYS N 40 -42.46 8.65 17.56
N VAL N 41 -42.86 8.45 18.81
CA VAL N 41 -43.47 9.53 19.59
C VAL N 41 -42.46 10.40 20.34
N CYS N 42 -41.16 10.12 20.23
CA CYS N 42 -40.17 10.86 20.99
C CYS N 42 -38.96 11.17 20.13
N SER N 43 -38.21 12.19 20.56
CA SER N 43 -36.93 12.56 19.97
C SER N 43 -35.80 12.05 20.86
N THR N 44 -34.57 12.18 20.34
CA THR N 44 -33.41 11.68 21.07
C THR N 44 -33.26 12.38 22.42
N ASN N 45 -33.43 13.71 22.43
CA ASN N 45 -33.26 14.45 23.68
C ASN N 45 -34.32 14.05 24.71
N ASP N 46 -35.54 13.74 24.27
CA ASP N 46 -36.55 13.26 25.21
C ASP N 46 -36.13 11.94 25.86
N LEU N 47 -35.51 11.05 25.08
CA LEU N 47 -35.04 9.79 25.63
C LEU N 47 -33.88 10.01 26.59
N LYS N 48 -33.00 10.97 26.29
CA LYS N 48 -31.94 11.31 27.23
C LYS N 48 -32.53 11.84 28.54
N GLU N 49 -33.55 12.69 28.45
CA GLU N 49 -34.26 13.14 29.64
C GLU N 49 -34.78 11.93 30.43
N LEU N 50 -35.46 11.01 29.75
CA LEU N 50 -35.98 9.82 30.39
C LEU N 50 -34.90 9.08 31.16
N LEU N 51 -33.79 8.78 30.48
CA LEU N 51 -32.71 8.04 31.15
C LEU N 51 -32.18 8.80 32.36
N ILE N 52 -31.97 10.11 32.21
CA ILE N 52 -31.42 10.89 33.33
C ILE N 52 -32.38 10.88 34.51
N PHE N 53 -33.68 10.88 34.24
CA PHE N 53 -34.67 10.90 35.31
C PHE N 53 -34.57 9.66 36.18
N ASN N 54 -34.26 8.51 35.58
CA ASN N 54 -34.16 7.24 36.30
C ASN N 54 -32.75 6.95 36.80
N LYS N 55 -31.94 7.99 37.03
CA LYS N 55 -30.59 7.86 37.57
C LYS N 55 -29.65 7.09 36.64
N GLN N 56 -30.08 6.83 35.41
CA GLN N 56 -29.31 6.02 34.48
C GLN N 56 -28.33 6.90 33.69
N GLN N 57 -27.17 6.33 33.38
CA GLN N 57 -26.19 7.01 32.55
C GLN N 57 -26.68 7.06 31.11
N VAL N 58 -26.25 8.09 30.39
CA VAL N 58 -26.67 8.32 29.01
C VAL N 58 -25.59 7.76 28.09
N PRO N 59 -25.89 6.77 27.25
CA PRO N 59 -24.86 6.17 26.41
C PRO N 59 -24.52 7.04 25.21
N SER N 60 -23.63 6.52 24.38
CA SER N 60 -23.18 7.16 23.15
C SER N 60 -23.76 6.37 21.97
N GLY N 61 -24.73 6.97 21.29
CA GLY N 61 -25.36 6.30 20.15
C GLY N 61 -26.85 6.18 20.32
N GLU N 62 -27.59 6.64 19.31
CA GLU N 62 -29.04 6.62 19.35
C GLU N 62 -29.58 5.22 19.63
N SER N 63 -29.09 4.24 18.87
CA SER N 63 -29.52 2.86 19.07
C SER N 63 -29.38 2.44 20.52
N ALA N 64 -28.19 2.64 21.08
CA ALA N 64 -27.96 2.26 22.48
C ALA N 64 -28.88 3.02 23.41
N ILE N 65 -29.14 4.30 23.12
CA ILE N 65 -30.00 5.10 23.99
C ILE N 65 -31.38 4.47 24.09
N LEU N 66 -32.04 4.26 22.95
CA LEU N 66 -33.40 3.74 23.02
C LEU N 66 -33.41 2.29 23.50
N ASP N 67 -32.34 1.53 23.23
CA ASP N 67 -32.26 0.17 23.77
C ASP N 67 -32.27 0.20 25.30
N ARG N 68 -31.43 1.04 25.90
CA ARG N 68 -31.39 1.12 27.35
C ARG N 68 -32.70 1.64 27.92
N VAL N 69 -33.35 2.57 27.21
CA VAL N 69 -34.65 3.07 27.66
C VAL N 69 -35.66 1.94 27.72
N ALA N 70 -35.75 1.15 26.63
CA ALA N 70 -36.69 0.04 26.61
C ALA N 70 -36.38 -0.97 27.72
N ASP N 71 -35.09 -1.28 27.91
CA ASP N 71 -34.69 -2.19 28.97
C ASP N 71 -35.21 -1.69 30.32
N GLY N 72 -34.84 -0.46 30.69
CA GLY N 72 -35.28 0.09 31.96
C GLY N 72 -36.80 0.07 32.11
N MET N 73 -37.52 0.41 31.03
CA MET N 73 -38.98 0.46 31.12
C MET N 73 -39.55 -0.92 31.40
N VAL N 74 -39.13 -1.93 30.64
CA VAL N 74 -39.75 -3.25 30.75
C VAL N 74 -39.37 -3.91 32.07
N PHE N 75 -38.11 -3.78 32.49
CA PHE N 75 -37.62 -4.53 33.63
C PHE N 75 -37.23 -3.68 34.84
N GLY N 76 -37.23 -2.36 34.72
CA GLY N 76 -36.90 -1.50 35.83
C GLY N 76 -35.56 -0.81 35.64
N ALA N 77 -35.41 0.33 36.33
CA ALA N 77 -34.20 1.14 36.23
C ALA N 77 -33.06 0.44 36.94
N LEU N 78 -32.05 0.01 36.19
CA LEU N 78 -30.89 -0.65 36.77
C LEU N 78 -30.24 0.26 37.81
N LEU N 79 -29.97 -0.29 38.99
CA LEU N 79 -29.32 0.45 40.06
C LEU N 79 -27.82 0.52 39.81
N PRO N 80 -27.10 1.36 40.55
CA PRO N 80 -25.65 1.45 40.38
C PRO N 80 -24.98 0.11 40.68
N CYS N 81 -23.71 0.01 40.27
CA CYS N 81 -22.96 -1.22 40.46
C CYS N 81 -22.81 -1.51 41.95
N GLU N 82 -22.40 -2.75 42.24
CA GLU N 82 -22.26 -3.19 43.62
C GLU N 82 -20.98 -2.67 44.27
N GLU N 83 -19.87 -2.72 43.54
CA GLU N 83 -18.57 -2.32 44.06
C GLU N 83 -18.09 -0.99 43.48
N CYS N 84 -18.03 -0.88 42.15
CA CYS N 84 -17.45 0.30 41.51
C CYS N 84 -18.42 1.46 41.40
N SER N 85 -19.73 1.22 41.60
CA SER N 85 -20.77 2.24 41.49
C SER N 85 -20.99 2.70 40.05
N GLY N 86 -20.58 1.90 39.07
CA GLY N 86 -20.80 2.22 37.68
C GLY N 86 -22.20 1.86 37.22
N GLN N 87 -22.33 1.61 35.92
CA GLN N 87 -23.63 1.36 35.29
C GLN N 87 -23.59 0.05 34.52
N LEU N 88 -24.63 -0.76 34.70
CA LEU N 88 -24.75 -2.05 34.03
C LEU N 88 -25.51 -1.89 32.72
N VAL N 89 -25.16 -2.74 31.75
CA VAL N 89 -25.75 -2.70 30.42
C VAL N 89 -26.00 -4.12 29.94
N PHE N 90 -27.14 -4.33 29.30
CA PHE N 90 -27.44 -5.61 28.68
C PHE N 90 -26.47 -5.87 27.53
N LYS N 91 -26.11 -7.14 27.35
CA LYS N 91 -25.11 -7.54 26.36
C LYS N 91 -25.46 -8.95 25.89
N SER N 92 -26.54 -9.05 25.10
CA SER N 92 -26.97 -10.29 24.48
C SER N 92 -27.32 -11.36 25.51
N ASP N 93 -26.35 -11.78 26.32
CA ASP N 93 -26.53 -12.92 27.21
C ASP N 93 -26.75 -12.55 28.67
N ALA N 94 -26.30 -11.39 29.12
CA ALA N 94 -26.43 -11.01 30.52
C ALA N 94 -26.12 -9.52 30.66
N TYR N 95 -26.21 -9.03 31.90
CA TYR N 95 -25.90 -7.65 32.21
C TYR N 95 -24.44 -7.54 32.63
N TYR N 96 -23.66 -6.80 31.86
CA TYR N 96 -22.25 -6.57 32.16
C TYR N 96 -22.09 -5.17 32.76
N CYS N 97 -21.22 -5.05 33.75
CA CYS N 97 -20.92 -3.76 34.34
C CYS N 97 -19.90 -3.02 33.49
N THR N 98 -20.13 -1.72 33.30
CA THR N 98 -19.25 -0.88 32.49
C THR N 98 -18.55 0.19 33.33
N GLY N 99 -18.43 -0.03 34.63
CA GLY N 99 -17.78 0.92 35.50
C GLY N 99 -16.27 0.81 35.45
N ASP N 100 -15.63 1.48 36.40
CA ASP N 100 -14.18 1.48 36.53
C ASP N 100 -13.83 1.21 38.00
N VAL N 101 -13.48 -0.04 38.30
CA VAL N 101 -13.07 -0.38 39.66
C VAL N 101 -11.75 0.31 40.03
N THR N 102 -11.00 0.78 39.04
CA THR N 102 -9.78 1.52 39.28
C THR N 102 -9.39 2.22 37.98
N ALA N 103 -8.40 3.10 38.09
CA ALA N 103 -7.94 3.85 36.92
C ALA N 103 -7.19 2.98 35.92
N TRP N 104 -6.92 1.71 36.24
CA TRP N 104 -6.14 0.84 35.38
C TRP N 104 -6.93 -0.31 34.77
N THR N 105 -8.00 -0.76 35.42
CA THR N 105 -8.71 -1.94 34.98
C THR N 105 -10.21 -1.71 34.96
N LYS N 106 -10.88 -2.40 34.05
CA LYS N 106 -12.33 -2.38 33.95
C LYS N 106 -12.94 -3.32 34.99
N CYS N 107 -14.09 -2.92 35.51
CA CYS N 107 -14.85 -3.81 36.39
C CYS N 107 -15.47 -4.93 35.58
N MET N 108 -15.41 -6.15 36.11
CA MET N 108 -15.83 -7.35 35.38
C MET N 108 -17.11 -7.96 35.95
N VAL N 109 -17.87 -7.20 36.74
CA VAL N 109 -19.11 -7.74 37.29
C VAL N 109 -19.99 -8.23 36.15
N LYS N 110 -20.84 -9.22 36.46
CA LYS N 110 -21.67 -9.86 35.44
C LYS N 110 -22.75 -10.69 36.12
N THR N 111 -24.00 -10.40 35.83
CA THR N 111 -25.12 -11.08 36.48
C THR N 111 -26.30 -11.15 35.52
N GLN N 112 -27.31 -11.95 35.93
CA GLN N 112 -28.56 -12.06 35.21
C GLN N 112 -29.75 -11.59 36.04
N THR N 113 -29.53 -11.15 37.27
CA THR N 113 -30.59 -10.66 38.14
C THR N 113 -30.08 -9.43 38.88
N PRO N 114 -29.82 -8.34 38.17
CA PRO N 114 -29.30 -7.13 38.82
C PRO N 114 -30.35 -6.49 39.71
N ASN N 115 -29.88 -5.61 40.58
CA ASN N 115 -30.78 -4.85 41.45
C ASN N 115 -31.32 -3.65 40.70
N ARG N 116 -32.63 -3.41 40.84
CA ARG N 116 -33.27 -2.37 40.06
C ARG N 116 -34.57 -1.94 40.74
N LYS N 117 -34.79 -0.62 40.76
CA LYS N 117 -36.06 -0.05 41.19
C LYS N 117 -37.04 -0.07 40.01
N GLU N 118 -38.32 0.12 40.32
CA GLU N 118 -39.32 0.15 39.27
C GLU N 118 -39.17 1.43 38.44
N TRP N 119 -39.30 1.27 37.12
CA TRP N 119 -39.17 2.40 36.21
C TRP N 119 -40.24 3.44 36.51
N VAL N 120 -39.93 4.70 36.18
CA VAL N 120 -40.81 5.83 36.45
C VAL N 120 -40.88 6.70 35.21
N THR N 121 -41.92 6.52 34.41
CA THR N 121 -42.14 7.37 33.24
C THR N 121 -42.54 8.77 33.71
N PRO N 122 -41.83 9.82 33.30
CA PRO N 122 -42.26 11.18 33.65
C PRO N 122 -43.63 11.49 33.08
N LYS N 123 -44.37 12.35 33.79
CA LYS N 123 -45.74 12.65 33.40
C LYS N 123 -45.82 13.39 32.07
N GLU N 124 -44.73 14.05 31.64
CA GLU N 124 -44.72 14.71 30.35
C GLU N 124 -45.18 13.76 29.24
N PHE N 125 -44.62 12.55 29.22
CA PHE N 125 -44.94 11.56 28.22
C PHE N 125 -46.07 10.64 28.66
N ARG N 126 -46.91 11.09 29.59
CA ARG N 126 -48.13 10.35 29.89
C ARG N 126 -48.95 10.16 28.62
N GLU N 127 -49.00 11.20 27.77
CA GLU N 127 -49.68 11.08 26.49
C GLU N 127 -49.15 9.91 25.68
N ILE N 128 -47.86 9.62 25.81
CA ILE N 128 -47.28 8.43 25.17
C ILE N 128 -47.25 7.23 26.11
N SER N 129 -47.31 7.46 27.44
CA SER N 129 -47.31 6.34 28.37
C SER N 129 -48.54 5.45 28.18
N TYR N 130 -49.71 6.08 28.03
CA TYR N 130 -50.91 5.32 27.68
C TYR N 130 -50.78 4.67 26.31
N LEU N 131 -49.91 5.20 25.44
CA LEU N 131 -49.63 4.54 24.17
C LEU N 131 -48.93 3.20 24.38
N LYS N 132 -48.28 3.00 25.53
CA LYS N 132 -47.73 1.71 25.88
C LYS N 132 -48.77 0.77 26.48
N LYS N 133 -49.98 1.27 26.75
CA LYS N 133 -51.04 0.48 27.36
C LYS N 133 -50.60 -0.10 28.70
N LEU N 134 -49.72 0.62 29.41
CA LEU N 134 -49.10 0.10 30.62
C LEU N 134 -48.45 -1.24 30.30
N LYS N 135 -49.13 -2.34 30.60
CA LYS N 135 -48.64 -3.67 30.29
C LYS N 135 -47.22 -3.87 30.79
N VAL N 136 -46.96 -3.38 32.01
CA VAL N 136 -45.63 -3.50 32.59
C VAL N 136 -45.29 -4.97 32.82
N LYS N 137 -46.21 -5.69 33.46
CA LYS N 137 -46.02 -7.12 33.71
C LYS N 137 -44.88 -7.35 34.69
N LYS N 138 -44.96 -8.42 35.47
CA LYS N 138 -43.88 -8.82 36.38
C LYS N 138 -42.80 -9.64 35.68
N GLN N 139 -42.69 -9.52 34.35
CA GLN N 139 -41.75 -10.33 33.61
C GLN N 139 -40.33 -9.84 33.81
N ASP N 140 -39.44 -10.77 34.16
CA ASP N 140 -38.01 -10.47 34.22
C ASP N 140 -37.36 -10.86 32.89
N ARG N 141 -36.12 -10.40 32.71
CA ARG N 141 -35.41 -10.69 31.47
C ARG N 141 -35.28 -12.20 31.27
N ILE N 142 -35.62 -12.66 30.07
CA ILE N 142 -35.49 -14.05 29.69
C ILE N 142 -34.22 -14.19 28.87
N PHE N 143 -33.32 -15.07 29.30
CA PHE N 143 -32.03 -15.29 28.67
C PHE N 143 -32.02 -16.59 27.87
N PRO N 144 -31.14 -16.72 26.89
CA PRO N 144 -31.09 -17.95 26.09
C PRO N 144 -30.61 -19.13 26.94
N PRO N 145 -31.22 -20.31 26.80
CA PRO N 145 -30.79 -21.46 27.61
C PRO N 145 -29.82 -22.37 26.89
N GLU N 146 -28.83 -21.80 26.19
CA GLU N 146 -27.89 -22.63 25.44
C GLU N 146 -26.91 -23.31 26.38
N THR N 147 -26.13 -22.53 27.13
CA THR N 147 -25.21 -23.08 28.12
C THR N 147 -25.04 -22.13 29.29
N ASP O 26 48.37 -36.06 -23.82
CA ASP O 26 48.85 -37.27 -24.47
C ASP O 26 50.06 -36.96 -25.36
N LYS O 27 49.81 -36.41 -26.55
CA LYS O 27 50.90 -36.04 -27.44
C LYS O 27 51.76 -34.96 -26.78
N LEU O 28 52.78 -34.49 -27.50
CA LEU O 28 53.64 -33.41 -27.04
C LEU O 28 53.47 -32.13 -27.84
N TYR O 29 52.84 -32.19 -29.03
CA TYR O 29 52.72 -31.05 -29.91
C TYR O 29 51.26 -30.92 -30.37
N ARG O 30 50.77 -29.68 -30.35
CA ARG O 30 49.43 -29.34 -30.82
C ARG O 30 49.54 -28.41 -32.01
N VAL O 31 48.53 -28.44 -32.87
CA VAL O 31 48.46 -27.53 -34.01
C VAL O 31 47.00 -27.24 -34.29
N GLU O 32 46.66 -25.98 -34.53
CA GLU O 32 45.28 -25.65 -34.82
C GLU O 32 45.19 -24.21 -35.32
N TYR O 33 44.02 -23.87 -35.84
CA TYR O 33 43.71 -22.50 -36.20
C TYR O 33 43.28 -21.75 -34.95
N ALA O 34 43.92 -20.60 -34.71
CA ALA O 34 43.71 -19.86 -33.48
C ALA O 34 42.23 -19.69 -33.17
N LYS O 35 41.78 -20.31 -32.07
CA LYS O 35 40.41 -20.11 -31.61
C LYS O 35 40.17 -18.72 -31.06
N SER O 36 41.18 -17.86 -31.07
CA SER O 36 41.03 -16.44 -30.73
C SER O 36 42.39 -15.74 -30.85
N GLY O 37 42.38 -14.47 -31.22
CA GLY O 37 43.60 -13.72 -31.36
C GLY O 37 44.19 -13.19 -30.08
N ARG O 38 43.66 -13.60 -28.93
CA ARG O 38 44.16 -13.11 -27.65
C ARG O 38 45.49 -13.74 -27.28
N ALA O 39 45.73 -14.99 -27.68
CA ALA O 39 46.98 -15.65 -27.36
C ALA O 39 48.15 -14.96 -28.03
N SER O 40 49.29 -14.95 -27.35
CA SER O 40 50.50 -14.29 -27.83
C SER O 40 51.61 -15.32 -28.00
N CYS O 41 52.36 -15.19 -29.09
CA CYS O 41 53.49 -16.06 -29.35
C CYS O 41 54.46 -16.04 -28.17
N LYS O 42 55.28 -17.08 -28.07
CA LYS O 42 56.23 -17.21 -26.97
C LYS O 42 57.63 -16.72 -27.32
N LYS O 43 57.98 -16.67 -28.61
CA LYS O 43 59.30 -16.19 -29.03
C LYS O 43 59.25 -14.68 -29.27
N CYS O 44 58.49 -14.25 -30.28
CA CYS O 44 58.38 -12.84 -30.60
C CYS O 44 57.48 -12.08 -29.62
N SER O 45 56.72 -12.78 -28.78
CA SER O 45 55.85 -12.17 -27.78
C SER O 45 54.80 -11.25 -28.39
N GLU O 46 54.55 -11.38 -29.70
CA GLU O 46 53.52 -10.62 -30.37
C GLU O 46 52.24 -11.44 -30.48
N SER O 47 51.10 -10.75 -30.39
CA SER O 47 49.82 -11.42 -30.35
C SER O 47 49.64 -12.31 -31.58
N ILE O 48 49.00 -13.46 -31.38
CA ILE O 48 48.66 -14.39 -32.45
C ILE O 48 47.33 -13.95 -33.06
N PRO O 49 47.16 -13.94 -34.37
CA PRO O 49 45.87 -13.58 -34.95
C PRO O 49 44.91 -14.77 -35.00
N LYS O 50 43.63 -14.46 -34.83
CA LYS O 50 42.61 -15.50 -34.80
C LYS O 50 42.51 -16.20 -36.15
N ASP O 51 42.06 -17.45 -36.11
CA ASP O 51 41.86 -18.28 -37.30
C ASP O 51 43.12 -18.43 -38.13
N SER O 52 44.28 -18.15 -37.55
CA SER O 52 45.57 -18.38 -38.20
C SER O 52 46.20 -19.66 -37.66
N LEU O 53 47.05 -20.26 -38.47
CA LEU O 53 47.71 -21.51 -38.08
C LEU O 53 48.69 -21.22 -36.95
N ARG O 54 48.62 -22.03 -35.88
CA ARG O 54 49.50 -21.87 -34.75
C ARG O 54 49.85 -23.25 -34.19
N MET O 55 51.09 -23.37 -33.71
CA MET O 55 51.61 -24.62 -33.17
C MET O 55 52.04 -24.41 -31.73
N ALA O 56 51.72 -25.37 -30.87
CA ALA O 56 52.04 -25.27 -29.46
C ALA O 56 52.73 -26.54 -28.98
N ILE O 57 53.45 -26.37 -27.88
CA ILE O 57 54.08 -27.49 -27.18
C ILE O 57 53.50 -27.54 -25.77
N MET O 58 53.09 -28.73 -25.34
CA MET O 58 52.48 -28.90 -24.03
C MET O 58 53.57 -28.96 -22.97
N VAL O 59 53.40 -28.19 -21.88
CA VAL O 59 54.36 -28.17 -20.78
C VAL O 59 53.59 -28.17 -19.47
N GLN O 60 54.24 -28.66 -18.42
CA GLN O 60 53.64 -28.62 -17.10
C GLN O 60 53.45 -27.17 -16.65
N SER O 61 52.27 -26.88 -16.12
CA SER O 61 51.98 -25.54 -15.62
C SER O 61 52.46 -25.43 -14.17
N PRO O 62 53.42 -24.57 -13.86
CA PRO O 62 53.91 -24.49 -12.47
C PRO O 62 52.88 -23.91 -11.50
N MET O 63 51.69 -23.54 -11.96
CA MET O 63 50.68 -22.96 -11.10
C MET O 63 49.55 -23.92 -10.75
N PHE O 64 49.42 -25.04 -11.47
CA PHE O 64 48.36 -25.98 -11.17
C PHE O 64 48.64 -27.33 -11.81
N ASP O 65 47.97 -28.35 -11.30
CA ASP O 65 48.16 -29.73 -11.77
C ASP O 65 47.48 -29.88 -13.12
N GLY O 66 48.27 -29.80 -14.18
CA GLY O 66 47.75 -29.95 -15.52
C GLY O 66 48.66 -29.36 -16.57
N LYS O 67 48.65 -29.94 -17.77
CA LYS O 67 49.50 -29.44 -18.85
C LYS O 67 48.83 -28.24 -19.52
N VAL O 68 49.66 -27.35 -20.05
CA VAL O 68 49.20 -26.15 -20.72
C VAL O 68 50.01 -25.93 -21.98
N PRO O 69 49.41 -25.42 -23.05
CA PRO O 69 50.15 -25.21 -24.29
C PRO O 69 50.88 -23.88 -24.36
N HIS O 70 52.18 -23.93 -24.67
CA HIS O 70 52.93 -22.76 -25.10
C HIS O 70 52.75 -22.61 -26.60
N TRP O 71 52.18 -21.47 -27.02
CA TRP O 71 51.81 -21.27 -28.41
C TRP O 71 52.91 -20.54 -29.19
N TYR O 72 52.89 -20.72 -30.50
CA TYR O 72 53.88 -20.15 -31.40
C TYR O 72 53.24 -19.92 -32.76
N HIS O 73 53.57 -18.77 -33.37
CA HIS O 73 53.34 -18.59 -34.79
C HIS O 73 53.95 -19.77 -35.55
N PHE O 74 53.26 -20.22 -36.59
CA PHE O 74 53.76 -21.37 -37.35
C PHE O 74 55.18 -21.15 -37.84
N SER O 75 55.59 -19.88 -38.00
CA SER O 75 56.94 -19.59 -38.48
C SER O 75 57.94 -19.60 -37.33
N CYS O 76 57.55 -19.12 -36.14
CA CYS O 76 58.47 -19.05 -35.01
C CYS O 76 58.74 -20.44 -34.43
N PHE O 77 57.77 -21.34 -34.51
CA PHE O 77 57.86 -22.61 -33.80
C PHE O 77 59.14 -23.37 -34.13
N TRP O 78 59.66 -23.23 -35.35
CA TRP O 78 60.81 -24.01 -35.77
C TRP O 78 62.13 -23.40 -35.33
N LYS O 79 62.14 -22.12 -34.94
CA LYS O 79 63.36 -21.45 -34.54
C LYS O 79 63.75 -21.71 -33.08
N VAL O 80 62.91 -22.43 -32.33
CA VAL O 80 63.19 -22.68 -30.92
C VAL O 80 63.95 -23.99 -30.69
N GLY O 81 64.30 -24.71 -31.76
CA GLY O 81 65.12 -25.90 -31.64
C GLY O 81 64.36 -27.21 -31.63
N HIS O 82 63.03 -27.18 -31.76
CA HIS O 82 62.25 -28.41 -31.81
C HIS O 82 62.13 -28.89 -33.25
N SER O 83 62.28 -30.19 -33.43
CA SER O 83 62.16 -30.82 -34.73
C SER O 83 61.29 -32.07 -34.61
N ILE O 84 60.43 -32.28 -35.60
CA ILE O 84 59.48 -33.38 -35.60
C ILE O 84 59.75 -34.25 -36.82
N ARG O 85 59.75 -35.57 -36.62
CA ARG O 85 60.02 -36.51 -37.70
C ARG O 85 58.75 -36.83 -38.50
N HIS O 86 57.73 -37.36 -37.82
CA HIS O 86 56.48 -37.78 -38.45
C HIS O 86 55.34 -37.00 -37.83
N PRO O 87 54.95 -35.85 -38.42
CA PRO O 87 53.90 -35.04 -37.79
C PRO O 87 52.56 -35.74 -37.71
N ASP O 88 52.27 -36.68 -38.60
CA ASP O 88 50.95 -37.31 -38.65
C ASP O 88 50.62 -38.07 -37.36
N VAL O 89 51.60 -38.33 -36.49
CA VAL O 89 51.34 -39.08 -35.26
C VAL O 89 51.94 -38.34 -34.07
N GLU O 90 53.00 -37.56 -34.30
CA GLU O 90 53.65 -36.85 -33.21
C GLU O 90 52.87 -35.61 -32.76
N VAL O 91 51.98 -35.08 -33.61
CA VAL O 91 51.27 -33.84 -33.33
C VAL O 91 49.79 -34.13 -33.18
N ASP O 92 49.15 -33.37 -32.31
CA ASP O 92 47.73 -33.51 -32.04
C ASP O 92 46.93 -32.61 -32.97
N GLY O 93 45.76 -33.09 -33.40
CA GLY O 93 44.92 -32.34 -34.30
C GLY O 93 45.50 -32.13 -35.67
N PHE O 94 46.50 -32.93 -36.06
CA PHE O 94 47.07 -32.81 -37.40
C PHE O 94 46.03 -33.15 -38.47
N SER O 95 45.27 -34.22 -38.24
CA SER O 95 44.27 -34.65 -39.23
C SER O 95 43.12 -33.65 -39.36
N GLU O 96 42.96 -32.76 -38.38
CA GLU O 96 41.83 -31.82 -38.41
C GLU O 96 42.10 -30.60 -39.29
N LEU O 97 43.35 -30.34 -39.65
CA LEU O 97 43.68 -29.18 -40.45
C LEU O 97 43.21 -29.37 -41.90
N ARG O 98 43.32 -28.31 -42.68
CA ARG O 98 43.09 -28.41 -44.12
C ARG O 98 44.24 -29.15 -44.79
N TRP O 99 43.95 -29.79 -45.92
CA TRP O 99 44.90 -30.72 -46.51
C TRP O 99 46.20 -30.03 -46.89
N ASP O 100 46.12 -28.96 -47.68
CA ASP O 100 47.34 -28.25 -48.06
C ASP O 100 48.10 -27.76 -46.84
N ASP O 101 47.40 -27.45 -45.75
CA ASP O 101 48.09 -27.07 -44.51
C ASP O 101 48.79 -28.29 -43.89
N GLN O 102 48.13 -29.45 -43.91
CA GLN O 102 48.80 -30.66 -43.45
C GLN O 102 50.09 -30.90 -44.23
N GLN O 103 50.05 -30.67 -45.54
CA GLN O 103 51.24 -30.89 -46.35
C GLN O 103 52.30 -29.82 -46.10
N LYS O 104 51.89 -28.58 -45.84
CA LYS O 104 52.84 -27.55 -45.46
C LYS O 104 53.55 -27.91 -44.16
N VAL O 105 52.80 -28.45 -43.19
CA VAL O 105 53.40 -28.87 -41.93
C VAL O 105 54.36 -30.03 -42.17
N LYS O 106 53.92 -31.04 -42.93
CA LYS O 106 54.77 -32.19 -43.20
C LYS O 106 56.02 -31.79 -43.95
N LYS O 107 55.96 -30.72 -44.75
CA LYS O 107 57.13 -30.25 -45.48
C LYS O 107 58.08 -29.50 -44.55
N THR O 108 57.55 -28.56 -43.76
CA THR O 108 58.40 -27.79 -42.86
C THR O 108 59.03 -28.67 -41.80
N ALA O 109 58.38 -29.79 -41.45
CA ALA O 109 59.00 -30.75 -40.53
C ALA O 109 60.39 -31.14 -41.02
N GLU O 110 60.55 -31.32 -42.31
CA GLU O 110 61.85 -31.58 -42.91
C GLU O 110 62.58 -30.26 -43.12
N ASP P 15 -22.65 -22.22 -7.38
CA ASP P 15 -22.06 -23.54 -7.49
C ASP P 15 -21.10 -23.60 -8.68
N LYS P 16 -21.55 -23.06 -9.83
CA LYS P 16 -20.69 -23.01 -11.01
C LYS P 16 -19.45 -22.16 -10.75
N ASP P 17 -19.62 -21.03 -10.05
CA ASP P 17 -18.48 -20.18 -9.73
C ASP P 17 -17.45 -20.92 -8.88
N SER P 18 -17.92 -21.62 -7.85
CA SER P 18 -17.01 -22.37 -6.99
C SER P 18 -16.29 -23.46 -7.76
N LYS P 19 -17.01 -24.18 -8.64
CA LYS P 19 -16.37 -25.22 -9.44
C LYS P 19 -15.30 -24.64 -10.35
N LEU P 20 -15.58 -23.49 -10.97
CA LEU P 20 -14.59 -22.88 -11.85
C LEU P 20 -13.35 -22.45 -11.07
N GLU P 21 -13.54 -21.85 -9.89
CA GLU P 21 -12.38 -21.45 -9.11
C GLU P 21 -11.59 -22.68 -8.64
N LYS P 22 -12.29 -23.79 -8.37
CA LYS P 22 -11.59 -25.02 -8.01
C LYS P 22 -10.71 -25.50 -9.15
N ALA P 23 -11.26 -25.54 -10.37
CA ALA P 23 -10.45 -25.92 -11.53
C ALA P 23 -9.27 -24.96 -11.72
N LEU P 24 -9.48 -23.67 -11.44
CA LEU P 24 -8.41 -22.70 -11.56
C LEU P 24 -7.27 -23.03 -10.61
N LYS P 25 -7.59 -23.25 -9.34
CA LYS P 25 -6.57 -23.65 -8.37
C LYS P 25 -5.86 -24.92 -8.82
N ALA P 26 -6.62 -25.90 -9.32
CA ALA P 26 -6.02 -27.13 -9.78
C ALA P 26 -4.96 -26.86 -10.83
N GLN P 27 -5.31 -26.10 -11.87
CA GLN P 27 -4.35 -25.79 -12.92
C GLN P 27 -3.13 -25.06 -12.38
N ASN P 28 -3.35 -24.09 -11.49
CA ASN P 28 -2.23 -23.30 -10.97
C ASN P 28 -1.24 -24.18 -10.23
N ASP P 29 -1.72 -24.92 -9.22
CA ASP P 29 -0.78 -25.72 -8.43
C ASP P 29 -0.20 -26.86 -9.25
N LEU P 30 -0.91 -27.33 -10.28
CA LEU P 30 -0.32 -28.31 -11.20
C LEU P 30 0.90 -27.72 -11.91
N ILE P 31 0.71 -26.56 -12.55
CA ILE P 31 1.83 -25.95 -13.26
C ILE P 31 2.98 -25.66 -12.32
N TRP P 32 2.67 -25.31 -11.06
CA TRP P 32 3.76 -25.00 -10.13
C TRP P 32 4.51 -26.26 -9.69
N ASN P 33 3.80 -27.36 -9.47
CA ASN P 33 4.47 -28.63 -9.24
C ASN P 33 5.41 -28.96 -10.39
N ILE P 34 4.93 -28.77 -11.63
CA ILE P 34 5.76 -29.05 -12.79
C ILE P 34 7.01 -28.16 -12.79
N LYS P 35 6.82 -26.87 -12.52
CA LYS P 35 7.95 -25.94 -12.52
C LYS P 35 9.00 -26.33 -11.48
N ASP P 36 8.56 -26.73 -10.28
CA ASP P 36 9.51 -27.12 -9.26
C ASP P 36 10.23 -28.41 -9.63
N GLU P 37 9.51 -29.38 -10.20
CA GLU P 37 10.16 -30.62 -10.62
C GLU P 37 11.22 -30.35 -11.69
N LEU P 38 10.93 -29.43 -12.61
CA LEU P 38 11.94 -29.06 -13.60
C LEU P 38 13.11 -28.35 -12.96
N LYS P 39 12.84 -27.42 -12.04
CA LYS P 39 13.91 -26.79 -11.27
C LYS P 39 14.82 -27.84 -10.66
N LYS P 40 14.24 -28.96 -10.23
CA LYS P 40 15.02 -30.01 -9.57
C LYS P 40 15.85 -30.81 -10.57
N VAL P 41 15.18 -31.46 -11.54
CA VAL P 41 15.84 -32.50 -12.32
C VAL P 41 16.59 -31.98 -13.55
N CYS P 42 16.59 -30.67 -13.79
CA CYS P 42 17.20 -30.13 -15.01
C CYS P 42 17.98 -28.86 -14.69
N SER P 43 18.92 -28.55 -15.58
CA SER P 43 19.66 -27.30 -15.54
C SER P 43 19.11 -26.34 -16.59
N THR P 44 19.60 -25.10 -16.54
CA THR P 44 19.11 -24.08 -17.45
C THR P 44 19.36 -24.46 -18.91
N ASN P 45 20.57 -24.96 -19.21
CA ASN P 45 20.88 -25.32 -20.59
C ASN P 45 19.99 -26.46 -21.09
N ASP P 46 19.63 -27.40 -20.21
CA ASP P 46 18.72 -28.46 -20.62
C ASP P 46 17.36 -27.89 -21.01
N LEU P 47 16.89 -26.89 -20.27
CA LEU P 47 15.61 -26.27 -20.61
C LEU P 47 15.72 -25.48 -21.92
N LYS P 48 16.86 -24.84 -22.16
CA LYS P 48 17.05 -24.18 -23.45
C LYS P 48 17.02 -25.20 -24.59
N GLU P 49 17.67 -26.35 -24.39
CA GLU P 49 17.57 -27.42 -25.38
C GLU P 49 16.12 -27.80 -25.62
N LEU P 50 15.36 -28.02 -24.54
CA LEU P 50 13.95 -28.36 -24.66
C LEU P 50 13.21 -27.35 -25.53
N LEU P 51 13.33 -26.07 -25.19
CA LEU P 51 12.61 -25.05 -25.95
C LEU P 51 13.03 -25.06 -27.41
N ILE P 52 14.32 -25.16 -27.68
CA ILE P 52 14.79 -25.15 -29.06
C ILE P 52 14.24 -26.33 -29.83
N PHE P 53 14.10 -27.48 -29.16
CA PHE P 53 13.61 -28.68 -29.85
C PHE P 53 12.19 -28.48 -30.35
N ASN P 54 11.36 -27.73 -29.61
CA ASN P 54 9.97 -27.49 -29.98
C ASN P 54 9.78 -26.24 -30.82
N LYS P 55 10.81 -25.82 -31.55
CA LYS P 55 10.76 -24.66 -32.44
C LYS P 55 10.49 -23.35 -31.69
N GLN P 56 10.57 -23.36 -30.36
CA GLN P 56 10.26 -22.19 -29.56
C GLN P 56 11.50 -21.32 -29.38
N GLN P 57 11.26 -20.00 -29.33
CA GLN P 57 12.33 -19.06 -29.06
C GLN P 57 12.76 -19.16 -27.60
N VAL P 58 14.02 -18.85 -27.34
CA VAL P 58 14.61 -18.95 -26.00
C VAL P 58 14.56 -17.56 -25.38
N PRO P 59 13.87 -17.37 -24.26
CA PRO P 59 13.74 -16.03 -23.67
C PRO P 59 14.99 -15.64 -22.90
N SER P 60 14.93 -14.46 -22.30
CA SER P 60 16.00 -13.91 -21.48
C SER P 60 15.55 -13.94 -20.03
N GLY P 61 16.14 -14.82 -19.23
CA GLY P 61 15.78 -14.93 -17.82
C GLY P 61 15.35 -16.35 -17.47
N GLU P 62 15.99 -16.89 -16.43
CA GLU P 62 15.71 -18.26 -15.99
C GLU P 62 14.22 -18.46 -15.73
N SER P 63 13.63 -17.55 -14.94
CA SER P 63 12.21 -17.65 -14.63
C SER P 63 11.37 -17.77 -15.89
N ALA P 64 11.58 -16.87 -16.84
CA ALA P 64 10.82 -16.91 -18.09
C ALA P 64 11.08 -18.20 -18.84
N ILE P 65 12.32 -18.70 -18.82
CA ILE P 65 12.63 -19.93 -19.53
C ILE P 65 11.77 -21.07 -19.02
N LEU P 66 11.83 -21.34 -17.72
CA LEU P 66 11.09 -22.50 -17.22
C LEU P 66 9.59 -22.25 -17.28
N ASP P 67 9.15 -20.99 -17.18
CA ASP P 67 7.72 -20.69 -17.36
C ASP P 67 7.25 -21.10 -18.76
N ARG P 68 7.99 -20.69 -19.79
CA ARG P 68 7.60 -21.04 -21.15
C ARG P 68 7.68 -22.55 -21.38
N VAL P 69 8.66 -23.21 -20.75
CA VAL P 69 8.77 -24.66 -20.88
C VAL P 69 7.52 -25.33 -20.31
N ALA P 70 7.12 -24.94 -19.10
CA ALA P 70 5.92 -25.52 -18.50
C ALA P 70 4.68 -25.24 -19.35
N ASP P 71 4.56 -24.01 -19.85
CA ASP P 71 3.45 -23.67 -20.73
C ASP P 71 3.38 -24.62 -21.92
N GLY P 72 4.48 -24.71 -22.67
CA GLY P 72 4.50 -25.58 -23.83
C GLY P 72 4.18 -27.02 -23.48
N MET P 73 4.71 -27.50 -22.36
CA MET P 73 4.48 -28.89 -21.98
C MET P 73 3.01 -29.15 -21.69
N VAL P 74 2.38 -28.29 -20.88
CA VAL P 74 1.01 -28.57 -20.45
C VAL P 74 0.04 -28.37 -21.61
N PHE P 75 0.24 -27.34 -22.43
CA PHE P 75 -0.74 -26.98 -23.44
C PHE P 75 -0.27 -27.14 -24.88
N GLY P 76 1.01 -27.45 -25.11
CA GLY P 76 1.50 -27.66 -26.45
C GLY P 76 2.44 -26.54 -26.88
N ALA P 77 3.30 -26.87 -27.85
CA ALA P 77 4.30 -25.94 -28.35
C ALA P 77 3.62 -24.87 -29.20
N LEU P 78 3.63 -23.63 -28.71
CA LEU P 78 3.03 -22.53 -29.45
C LEU P 78 3.67 -22.40 -30.84
N LEU P 79 2.82 -22.32 -31.85
CA LEU P 79 3.28 -22.19 -33.23
C LEU P 79 3.68 -20.73 -33.49
N PRO P 80 4.35 -20.48 -34.62
CA PRO P 80 4.74 -19.10 -34.95
C PRO P 80 3.52 -18.21 -35.11
N CYS P 81 3.77 -16.91 -35.10
CA CYS P 81 2.69 -15.93 -35.21
C CYS P 81 1.96 -16.09 -36.56
N GLU P 82 0.80 -15.45 -36.64
CA GLU P 82 -0.04 -15.57 -37.83
C GLU P 82 0.46 -14.68 -38.96
N GLU P 83 0.84 -13.44 -38.64
CA GLU P 83 1.27 -12.46 -39.63
C GLU P 83 2.78 -12.22 -39.59
N CYS P 84 3.32 -11.86 -38.43
CA CYS P 84 4.72 -11.47 -38.33
C CYS P 84 5.66 -12.65 -38.21
N SER P 85 5.15 -13.84 -37.91
CA SER P 85 5.96 -15.05 -37.74
C SER P 85 6.82 -15.01 -36.48
N GLY P 86 6.45 -14.17 -35.50
CA GLY P 86 7.16 -14.10 -34.24
C GLY P 86 6.73 -15.19 -33.29
N GLN P 87 6.89 -14.91 -31.98
CA GLN P 87 6.63 -15.89 -30.94
C GLN P 87 5.66 -15.33 -29.92
N LEU P 88 4.67 -16.14 -29.54
CA LEU P 88 3.67 -15.74 -28.56
C LEU P 88 4.11 -16.15 -27.16
N VAL P 89 3.67 -15.37 -26.17
CA VAL P 89 4.05 -15.59 -24.78
C VAL P 89 2.82 -15.33 -23.90
N PHE P 90 2.64 -16.18 -22.90
CA PHE P 90 1.59 -15.96 -21.91
C PHE P 90 1.89 -14.68 -21.11
N LYS P 91 0.82 -13.98 -20.73
CA LYS P 91 0.95 -12.69 -20.05
C LYS P 91 -0.28 -12.54 -19.15
N SER P 92 -0.29 -13.32 -18.07
CA SER P 92 -1.34 -13.23 -17.05
C SER P 92 -2.72 -13.53 -17.60
N ASP P 93 -3.20 -12.74 -18.55
CA ASP P 93 -4.59 -12.83 -19.00
C ASP P 93 -4.75 -13.50 -20.36
N ALA P 94 -3.72 -13.50 -21.21
CA ALA P 94 -3.85 -14.08 -22.54
C ALA P 94 -2.46 -14.22 -23.15
N TYR P 95 -2.41 -14.75 -24.37
CA TYR P 95 -1.16 -14.89 -25.11
C TYR P 95 -0.95 -13.66 -25.98
N TYR P 96 0.13 -12.93 -25.72
CA TYR P 96 0.49 -11.76 -26.51
C TYR P 96 1.63 -12.12 -27.46
N CYS P 97 1.56 -11.60 -28.68
CA CYS P 97 2.63 -11.80 -29.64
C CYS P 97 3.77 -10.83 -29.38
N THR P 98 5.00 -11.33 -29.47
CA THR P 98 6.20 -10.54 -29.22
C THR P 98 7.04 -10.37 -30.47
N GLY P 99 6.45 -10.54 -31.65
CA GLY P 99 7.16 -10.40 -32.90
C GLY P 99 7.33 -8.96 -33.30
N ASP P 100 7.76 -8.77 -34.55
CA ASP P 100 7.97 -7.44 -35.13
C ASP P 100 7.32 -7.44 -36.50
N VAL P 101 6.11 -6.86 -36.58
CA VAL P 101 5.44 -6.72 -37.87
C VAL P 101 6.18 -5.78 -38.80
N THR P 102 7.06 -4.94 -38.26
CA THR P 102 7.89 -4.06 -39.07
C THR P 102 9.03 -3.55 -38.19
N ALA P 103 9.98 -2.88 -38.83
CA ALA P 103 11.14 -2.36 -38.09
C ALA P 103 10.79 -1.17 -37.20
N TRP P 104 9.54 -0.69 -37.25
CA TRP P 104 9.14 0.49 -36.51
C TRP P 104 8.13 0.22 -35.41
N THR P 105 7.32 -0.83 -35.53
CA THR P 105 6.22 -1.07 -34.61
C THR P 105 6.20 -2.53 -34.17
N LYS P 106 5.72 -2.73 -32.94
CA LYS P 106 5.53 -4.06 -32.40
C LYS P 106 4.21 -4.65 -32.90
N CYS P 107 4.22 -5.96 -33.12
CA CYS P 107 2.98 -6.66 -33.45
C CYS P 107 2.09 -6.74 -32.22
N MET P 108 0.79 -6.50 -32.42
CA MET P 108 -0.16 -6.40 -31.31
C MET P 108 -1.13 -7.57 -31.27
N VAL P 109 -0.81 -8.68 -31.93
CA VAL P 109 -1.70 -9.84 -31.90
C VAL P 109 -1.95 -10.24 -30.45
N LYS P 110 -3.11 -10.84 -30.20
CA LYS P 110 -3.53 -11.19 -28.86
C LYS P 110 -4.71 -12.15 -28.91
N THR P 111 -4.57 -13.33 -28.31
CA THR P 111 -5.60 -14.36 -28.38
C THR P 111 -5.56 -15.20 -27.12
N GLN P 112 -6.60 -16.03 -26.95
CA GLN P 112 -6.68 -16.99 -25.87
C GLN P 112 -6.72 -18.42 -26.35
N THR P 113 -6.68 -18.65 -27.67
CA THR P 113 -6.68 -19.99 -28.26
C THR P 113 -5.68 -20.02 -29.41
N PRO P 114 -4.39 -19.87 -29.12
CA PRO P 114 -3.38 -19.87 -30.18
C PRO P 114 -3.25 -21.25 -30.82
N ASN P 115 -2.64 -21.26 -31.99
CA ASN P 115 -2.36 -22.52 -32.69
C ASN P 115 -1.09 -23.15 -32.14
N ARG P 116 -1.14 -24.46 -31.91
CA ARG P 116 -0.03 -25.14 -31.25
C ARG P 116 -0.07 -26.63 -31.56
N LYS P 117 1.11 -27.18 -31.86
CA LYS P 117 1.27 -28.62 -31.97
C LYS P 117 1.48 -29.22 -30.58
N GLU P 118 1.34 -30.54 -30.50
CA GLU P 118 1.53 -31.23 -29.23
C GLU P 118 3.00 -31.20 -28.84
N TRP P 119 3.25 -30.94 -27.56
CA TRP P 119 4.63 -30.87 -27.06
C TRP P 119 5.32 -32.22 -27.26
N VAL P 120 6.65 -32.18 -27.36
CA VAL P 120 7.46 -33.36 -27.62
C VAL P 120 8.66 -33.34 -26.69
N THR P 121 8.57 -34.06 -25.58
CA THR P 121 9.70 -34.18 -24.66
C THR P 121 10.78 -35.03 -25.31
N PRO P 122 12.01 -34.54 -25.43
CA PRO P 122 13.08 -35.39 -25.97
C PRO P 122 13.32 -36.60 -25.08
N LYS P 123 13.78 -37.69 -25.70
CA LYS P 123 13.95 -38.94 -24.99
C LYS P 123 15.05 -38.88 -23.93
N GLU P 124 15.98 -37.92 -24.06
CA GLU P 124 17.01 -37.76 -23.05
C GLU P 124 16.40 -37.66 -21.66
N PHE P 125 15.38 -36.81 -21.52
CA PHE P 125 14.72 -36.60 -20.24
C PHE P 125 13.53 -37.52 -20.05
N ARG P 126 13.50 -38.66 -20.75
CA ARG P 126 12.51 -39.68 -20.43
C ARG P 126 12.60 -40.09 -18.96
N GLU P 127 13.82 -40.17 -18.44
CA GLU P 127 14.01 -40.46 -17.02
C GLU P 127 13.27 -39.45 -16.16
N ILE P 128 13.18 -38.20 -16.61
CA ILE P 128 12.38 -37.19 -15.93
C ILE P 128 10.96 -37.09 -16.49
N SER P 129 10.74 -37.55 -17.72
CA SER P 129 9.40 -37.49 -18.30
C SER P 129 8.43 -38.35 -17.49
N TYR P 130 8.85 -39.58 -17.14
CA TYR P 130 8.05 -40.40 -16.25
C TYR P 130 7.90 -39.76 -14.88
N LEU P 131 8.83 -38.87 -14.50
CA LEU P 131 8.67 -38.12 -13.26
C LEU P 131 7.47 -37.17 -13.33
N LYS P 132 7.04 -36.80 -14.54
CA LYS P 132 5.81 -36.04 -14.70
C LYS P 132 4.56 -36.93 -14.69
N LYS P 133 4.73 -38.25 -14.67
CA LYS P 133 3.61 -39.18 -14.69
C LYS P 133 2.73 -38.96 -15.91
N LEU P 134 3.33 -38.51 -17.01
CA LEU P 134 2.56 -38.11 -18.19
C LEU P 134 1.53 -37.06 -17.77
N LYS P 135 0.29 -37.50 -17.54
CA LYS P 135 -0.78 -36.61 -17.06
C LYS P 135 -0.87 -35.37 -17.94
N VAL P 136 -0.75 -35.56 -19.26
CA VAL P 136 -0.83 -34.44 -20.19
C VAL P 136 -2.21 -33.80 -20.13
N LYS P 137 -3.25 -34.62 -20.24
CA LYS P 137 -4.62 -34.15 -20.16
C LYS P 137 -4.95 -33.28 -21.37
N LYS P 138 -6.22 -33.27 -21.78
CA LYS P 138 -6.69 -32.39 -22.85
C LYS P 138 -7.04 -31.00 -22.35
N GLN P 139 -6.49 -30.59 -21.20
CA GLN P 139 -6.84 -29.31 -20.61
C GLN P 139 -6.21 -28.16 -21.38
N ASP P 140 -7.02 -27.19 -21.75
CA ASP P 140 -6.53 -25.94 -22.34
C ASP P 140 -6.35 -24.90 -21.24
N ARG P 141 -5.65 -23.83 -21.58
CA ARG P 141 -5.40 -22.76 -20.61
C ARG P 141 -6.72 -22.21 -20.09
N ILE P 142 -6.82 -22.10 -18.77
CA ILE P 142 -7.98 -21.51 -18.11
C ILE P 142 -7.63 -20.08 -17.74
N PHE P 143 -8.43 -19.13 -18.19
CA PHE P 143 -8.20 -17.72 -17.97
C PHE P 143 -9.16 -17.17 -16.92
N PRO P 144 -8.81 -16.04 -16.27
CA PRO P 144 -9.70 -15.48 -15.25
C PRO P 144 -10.99 -14.91 -15.85
ZN ZN Q . -13.60 46.95 18.27
ZN ZN R . -22.34 -6.39 -0.61
ZN ZN S . 11.22 -3.65 3.37
ZN ZN T . 31.02 -44.40 -22.70
ZN ZN U . -47.77 30.37 28.77
ZN ZN V . -18.89 -2.88 38.53
ZN ZN W . 55.91 -15.63 -33.11
ZN ZN X . 2.45 -11.20 -34.32
#